data_5CLT
#
_entry.id   5CLT
#
_cell.length_a   116.760
_cell.length_b   163.990
_cell.length_c   311.700
_cell.angle_alpha   90.000
_cell.angle_beta   90.000
_cell.angle_gamma   90.000
#
_symmetry.space_group_name_H-M   'C 2 2 21'
#
loop_
_entity.id
_entity.type
_entity.pdbx_description
1 polymer '1,4-alpha-glucan-branching enzyme'
2 branched 4,6-dideoxy-4-{[(1S,4R,5S,6S)-4,5,6-trihydroxy-3-(hydroxymethyl)cyclohex-2-en-1-yl]amino}-alpha-D-glucopyranose-(1-4)-alpha-D-glucopyranose-(1-4)-alpha-D-glucopyranose
#
_entity_poly.entity_id   1
_entity_poly.type   'polypeptide(L)'
_entity_poly.pdbx_seq_one_letter_code
;YFQSMLKPYAVDFQRRYKQFSQILKNIGENEGGIDKFSRGYESFGVHRCADGGLYCKEWAPGAEGVFLTGDFNGWNPFSY
PYKKLDYGKWELYIPPKQNKSVLVPHGSKLKVVITSKSGEILYRISPWAKYVVREGDNVNYDWIHWDPEHSYEFKHSRPK
KPRSLRIYESHVGISSHEGKVASYKHFTCNVLPRIKGLGYNCIQLMAIMEHAYYASFGYQITSFFAASSRYGSPEELQEL
VDTAHSMGIIVLLDVVHSHASKNSADGLNMFDGTDSCYFHSGPRGTHDLWDSRLFAYSSWEVLRFLLSNIRWWLEEYRFD
GFRFDGVTSMLYHHHGVGQGFSGDYSEYFGLQVDEDALTYLMLANHLVHTLCPDSITIAEDVSGMPALCSPISQGGGGFD
YRLAMAIPDKWIQLLKEFKDEDWNMGDIVYTLTNRRYLEKCIAYAESHDQALVGDKSLAFWLMDAEMYTNMSVLTPFTPV
IDRGIQLHKMIRLITHGLGGEGYLNFMGNEFGHPEWLDFPRKGNNESYHYARRQFHLTDDDLLRYKFLNNFDRDMNRLEE
RYGWLAAPQAYVSEKHEGNKIIAFERAGLLFIFNFHPSKSYTDYRVGTALPGKFKIVLDSDAAEYGGHQRLDHSTDFFSE
AFEHNGRPYSLLVYIPSRVALILQNVDL
;
_entity_poly.pdbx_strand_id   A,B,C
#
loop_
_chem_comp.id
_chem_comp.type
_chem_comp.name
_chem_comp.formula
AC1 D-saccharide 4,6-dideoxy-4-{[(1S,4R,5S,6S)-4,5,6-trihydroxy-3-(hydroxymethyl)cyclohex-2-en-1-yl]amino}-alpha-D-glucopyranose 'C13 H23 N O8'
GLC D-saccharide, alpha linking alpha-D-glucopyranose 'C6 H12 O6'
#
# COMPACT_ATOMS: atom_id res chain seq x y z
N ASP A 12 -52.56 -28.41 -27.44
CA ASP A 12 -52.68 -29.35 -28.57
C ASP A 12 -51.64 -29.13 -29.69
N PHE A 13 -50.98 -30.23 -30.06
CA PHE A 13 -49.87 -30.18 -31.01
C PHE A 13 -50.27 -30.08 -32.48
N GLN A 14 -51.43 -30.61 -32.87
CA GLN A 14 -51.83 -30.47 -34.27
C GLN A 14 -52.01 -28.97 -34.56
N ARG A 15 -52.56 -28.25 -33.58
CA ARG A 15 -52.79 -26.82 -33.73
C ARG A 15 -51.49 -26.04 -33.84
N ARG A 16 -50.52 -26.34 -32.99
CA ARG A 16 -49.24 -25.62 -33.05
C ARG A 16 -48.57 -25.77 -34.40
N TYR A 17 -48.62 -26.96 -34.98
CA TYR A 17 -47.94 -27.12 -36.22
C TYR A 17 -48.68 -26.44 -37.35
N LYS A 18 -50.02 -26.40 -37.29
CA LYS A 18 -50.80 -25.70 -38.31
C LYS A 18 -50.43 -24.22 -38.26
N GLN A 19 -50.21 -23.72 -37.05
CA GLN A 19 -49.89 -22.31 -36.85
C GLN A 19 -48.48 -21.97 -37.36
N PHE A 20 -47.51 -22.79 -37.00
CA PHE A 20 -46.15 -22.65 -37.52
C PHE A 20 -46.18 -22.66 -39.05
N SER A 21 -46.84 -23.68 -39.61
CA SER A 21 -46.86 -23.83 -41.06
C SER A 21 -47.44 -22.58 -41.74
N GLN A 22 -48.44 -21.97 -41.11
CA GLN A 22 -49.09 -20.82 -41.72
C GLN A 22 -48.11 -19.63 -41.69
N ILE A 23 -47.53 -19.35 -40.54
CA ILE A 23 -46.56 -18.28 -40.49
C ILE A 23 -45.39 -18.51 -41.45
N LEU A 24 -44.89 -19.74 -41.54
CA LEU A 24 -43.76 -20.02 -42.43
C LEU A 24 -44.14 -19.81 -43.88
N LYS A 25 -45.40 -20.11 -44.20
CA LYS A 25 -45.91 -20.00 -45.56
C LYS A 25 -45.95 -18.54 -45.95
N ASN A 26 -46.30 -17.69 -45.00
CA ASN A 26 -46.35 -16.26 -45.22
C ASN A 26 -44.95 -15.70 -45.44
N ILE A 27 -44.00 -16.16 -44.63
CA ILE A 27 -42.62 -15.73 -44.78
C ILE A 27 -42.16 -16.07 -46.20
N GLY A 28 -42.71 -17.16 -46.72
CA GLY A 28 -42.39 -17.57 -48.07
C GLY A 28 -43.02 -16.66 -49.10
N GLU A 29 -44.30 -16.35 -48.93
CA GLU A 29 -45.04 -15.61 -49.93
C GLU A 29 -44.73 -14.11 -49.85
N ASN A 30 -44.34 -13.62 -48.68
CA ASN A 30 -44.08 -12.20 -48.43
C ASN A 30 -42.65 -11.74 -48.32
N GLU A 31 -41.75 -12.66 -47.94
CA GLU A 31 -40.34 -12.34 -47.77
C GLU A 31 -39.42 -13.28 -48.60
N GLY A 32 -40.02 -14.15 -49.40
CA GLY A 32 -39.23 -15.02 -50.26
C GLY A 32 -38.51 -16.13 -49.55
N GLY A 33 -39.01 -16.57 -48.41
CA GLY A 33 -38.39 -17.70 -47.74
C GLY A 33 -37.66 -17.28 -46.49
N ILE A 34 -37.42 -18.23 -45.59
CA ILE A 34 -36.80 -17.91 -44.30
C ILE A 34 -35.29 -17.60 -44.42
N ASP A 35 -34.66 -18.07 -45.50
CA ASP A 35 -33.30 -17.70 -45.79
C ASP A 35 -33.25 -16.22 -46.06
N LYS A 36 -34.03 -15.75 -47.01
CA LYS A 36 -33.98 -14.34 -47.35
C LYS A 36 -34.42 -13.55 -46.15
N PHE A 37 -35.46 -14.04 -45.50
CA PHE A 37 -36.03 -13.31 -44.39
C PHE A 37 -34.99 -13.04 -43.31
N SER A 38 -34.15 -14.02 -43.03
CA SER A 38 -33.26 -13.96 -41.88
C SER A 38 -31.96 -13.25 -42.20
N ARG A 39 -31.90 -12.60 -43.37
CA ARG A 39 -30.74 -11.83 -43.75
C ARG A 39 -30.94 -10.34 -43.65
N GLY A 40 -31.75 -9.92 -42.70
CA GLY A 40 -32.00 -8.50 -42.51
C GLY A 40 -30.75 -7.68 -42.24
N TYR A 41 -29.74 -8.28 -41.63
CA TYR A 41 -28.56 -7.53 -41.19
C TYR A 41 -27.80 -7.02 -42.38
N GLU A 42 -28.17 -7.47 -43.58
CA GLU A 42 -27.48 -7.04 -44.80
C GLU A 42 -27.94 -5.64 -45.25
N SER A 43 -29.13 -5.20 -44.85
CA SER A 43 -29.59 -3.85 -45.21
C SER A 43 -29.92 -2.98 -44.00
N PHE A 44 -30.54 -3.52 -42.96
CA PHE A 44 -30.75 -2.71 -41.77
C PHE A 44 -29.43 -2.32 -41.14
N GLY A 45 -29.40 -1.17 -40.49
CA GLY A 45 -28.18 -0.67 -39.85
C GLY A 45 -27.48 0.45 -40.60
N VAL A 46 -26.16 0.41 -40.59
CA VAL A 46 -25.32 1.34 -41.31
C VAL A 46 -24.33 0.54 -42.19
N HIS A 47 -24.20 0.91 -43.46
CA HIS A 47 -23.33 0.16 -44.37
C HIS A 47 -22.56 1.04 -45.34
N ARG A 48 -21.24 1.00 -45.28
CA ARG A 48 -20.52 1.63 -46.37
C ARG A 48 -20.79 0.84 -47.63
N CYS A 49 -21.18 1.50 -48.72
CA CYS A 49 -21.42 0.79 -49.98
C CYS A 49 -20.17 0.75 -50.85
N ALA A 50 -20.21 -0.05 -51.91
CA ALA A 50 -19.01 -0.27 -52.69
C ALA A 50 -18.72 0.97 -53.50
N ASP A 51 -19.66 1.89 -53.52
CA ASP A 51 -19.49 3.12 -54.28
C ASP A 51 -19.11 4.28 -53.38
N GLY A 52 -18.80 4.00 -52.13
CA GLY A 52 -18.35 5.07 -51.26
C GLY A 52 -19.42 5.81 -50.46
N GLY A 53 -20.69 5.72 -50.87
CA GLY A 53 -21.77 6.28 -50.08
C GLY A 53 -22.14 5.36 -48.92
N LEU A 54 -23.08 5.81 -48.11
CA LEU A 54 -23.52 5.12 -46.91
C LEU A 54 -25.03 4.85 -46.93
N TYR A 55 -25.44 3.59 -46.83
CA TYR A 55 -26.87 3.26 -46.77
C TYR A 55 -27.30 2.82 -45.38
N CYS A 56 -28.46 3.32 -44.96
CA CYS A 56 -28.88 3.18 -43.59
C CYS A 56 -30.33 2.82 -43.56
N LYS A 57 -30.75 2.07 -42.54
CA LYS A 57 -32.16 1.72 -42.45
C LYS A 57 -32.55 1.29 -41.04
N GLU A 58 -33.71 1.77 -40.58
CA GLU A 58 -34.21 1.41 -39.27
C GLU A 58 -35.68 1.10 -39.35
N TRP A 59 -36.16 0.39 -38.33
CA TRP A 59 -37.57 0.23 -38.12
C TRP A 59 -37.90 1.06 -36.91
N ALA A 60 -38.76 2.04 -37.07
CA ALA A 60 -39.06 2.98 -36.00
C ALA A 60 -40.42 3.55 -36.26
N PRO A 61 -41.47 2.75 -36.01
CA PRO A 61 -42.83 3.13 -36.41
C PRO A 61 -43.41 4.30 -35.63
N GLY A 62 -42.89 4.58 -34.46
CA GLY A 62 -43.40 5.71 -33.70
C GLY A 62 -42.56 6.96 -33.81
N ALA A 63 -41.60 6.96 -34.71
CA ALA A 63 -40.77 8.15 -34.81
C ALA A 63 -41.46 9.19 -35.68
N GLU A 64 -41.27 10.44 -35.32
CA GLU A 64 -41.73 11.55 -36.13
C GLU A 64 -40.74 11.78 -37.26
N GLY A 65 -39.47 11.70 -36.89
CA GLY A 65 -38.37 11.77 -37.84
C GLY A 65 -37.22 10.92 -37.37
N VAL A 66 -36.39 10.48 -38.32
CA VAL A 66 -35.18 9.69 -38.03
C VAL A 66 -33.96 10.31 -38.74
N PHE A 67 -32.84 10.38 -38.03
CA PHE A 67 -31.65 11.08 -38.49
C PHE A 67 -30.38 10.34 -38.12
N LEU A 68 -29.31 10.54 -38.90
CA LEU A 68 -27.98 10.00 -38.57
C LEU A 68 -27.04 11.14 -38.23
N THR A 69 -26.25 10.95 -37.18
CA THR A 69 -25.36 11.99 -36.70
C THR A 69 -24.16 11.33 -36.04
N GLY A 70 -23.09 12.09 -35.83
CA GLY A 70 -21.93 11.54 -35.16
C GLY A 70 -20.70 12.35 -35.46
N ASP A 71 -19.55 11.82 -35.07
CA ASP A 71 -18.27 12.46 -35.40
C ASP A 71 -18.22 12.91 -36.86
N PHE A 72 -18.67 12.06 -37.78
CA PHE A 72 -18.47 12.35 -39.20
C PHE A 72 -19.17 13.59 -39.66
N ASN A 73 -20.18 14.07 -38.93
CA ASN A 73 -20.84 15.29 -39.36
C ASN A 73 -20.91 16.35 -38.27
N GLY A 74 -19.96 16.29 -37.35
CA GLY A 74 -19.89 17.26 -36.27
C GLY A 74 -21.11 17.28 -35.39
N TRP A 75 -21.71 16.13 -35.20
CA TRP A 75 -22.84 15.98 -34.28
C TRP A 75 -23.99 16.94 -34.60
N ASN A 76 -24.10 17.30 -35.88
CA ASN A 76 -25.27 17.98 -36.42
C ASN A 76 -26.49 17.06 -36.38
N PRO A 77 -27.45 17.35 -35.49
CA PRO A 77 -28.52 16.37 -35.32
C PRO A 77 -29.36 16.16 -36.57
N PHE A 78 -29.68 17.19 -37.35
CA PHE A 78 -30.69 16.94 -38.38
C PHE A 78 -30.26 17.04 -39.83
N SER A 79 -28.96 17.20 -40.10
CA SER A 79 -28.51 17.39 -41.49
C SER A 79 -28.63 16.14 -42.38
N TYR A 80 -28.84 14.97 -41.80
CA TYR A 80 -29.05 13.75 -42.60
C TYR A 80 -30.30 12.97 -42.16
N PRO A 81 -31.46 13.41 -42.62
CA PRO A 81 -32.75 12.79 -42.30
C PRO A 81 -33.07 11.59 -43.19
N TYR A 82 -33.63 10.52 -42.63
CA TYR A 82 -34.03 9.36 -43.43
C TYR A 82 -35.34 9.65 -44.11
N LYS A 83 -35.66 8.91 -45.17
CA LYS A 83 -36.96 8.99 -45.82
C LYS A 83 -37.93 8.00 -45.15
N LYS A 84 -39.12 8.49 -44.76
CA LYS A 84 -40.14 7.61 -44.20
C LYS A 84 -40.64 6.69 -45.30
N LEU A 85 -40.52 5.38 -45.07
CA LEU A 85 -41.01 4.35 -45.97
C LEU A 85 -42.30 3.72 -45.50
N ASP A 86 -42.87 2.82 -46.29
CA ASP A 86 -44.03 2.08 -45.82
C ASP A 86 -43.68 1.25 -44.58
N TYR A 87 -44.70 0.83 -43.83
CA TYR A 87 -44.48 -0.11 -42.72
C TYR A 87 -43.52 0.38 -41.62
N GLY A 88 -43.52 1.67 -41.34
CA GLY A 88 -42.72 2.17 -40.24
C GLY A 88 -41.22 2.10 -40.45
N LYS A 89 -40.77 1.78 -41.66
CA LYS A 89 -39.33 1.70 -41.83
C LYS A 89 -38.79 3.01 -42.34
N TRP A 90 -37.48 3.18 -42.20
CA TRP A 90 -36.81 4.40 -42.63
C TRP A 90 -35.51 4.06 -43.33
N GLU A 91 -35.21 4.76 -44.42
CA GLU A 91 -33.92 4.56 -45.06
C GLU A 91 -33.24 5.86 -45.42
N LEU A 92 -31.92 5.82 -45.47
CA LEU A 92 -31.10 6.97 -45.78
C LEU A 92 -29.96 6.54 -46.69
N TYR A 93 -29.68 7.30 -47.74
CA TYR A 93 -28.45 7.08 -48.50
C TYR A 93 -27.66 8.37 -48.61
N ILE A 94 -26.51 8.42 -47.98
CA ILE A 94 -25.61 9.57 -48.12
C ILE A 94 -24.73 9.38 -49.37
N PRO A 95 -24.70 10.36 -50.25
CA PRO A 95 -23.91 10.21 -51.49
C PRO A 95 -22.43 10.11 -51.19
N PRO A 96 -21.64 9.53 -52.11
CA PRO A 96 -20.20 9.48 -51.83
C PRO A 96 -19.56 10.85 -51.93
N LYS A 97 -18.49 11.08 -51.16
CA LYS A 97 -17.77 12.36 -51.17
C LYS A 97 -17.06 12.58 -52.51
N GLN A 98 -17.03 13.82 -52.99
CA GLN A 98 -16.40 14.08 -54.29
C GLN A 98 -14.94 13.65 -54.25
N ASN A 99 -14.23 13.92 -53.13
CA ASN A 99 -12.81 13.58 -53.01
C ASN A 99 -12.52 12.11 -52.69
N LYS A 100 -13.53 11.25 -52.86
CA LYS A 100 -13.35 9.82 -52.77
C LYS A 100 -12.82 9.36 -51.40
N SER A 101 -12.96 10.20 -50.38
CA SER A 101 -12.54 9.77 -49.06
C SER A 101 -13.72 9.14 -48.32
N VAL A 102 -13.42 8.46 -47.23
CA VAL A 102 -14.42 7.72 -46.47
C VAL A 102 -15.38 8.67 -45.72
N LEU A 103 -16.69 8.42 -45.84
CA LEU A 103 -17.70 9.20 -45.15
C LEU A 103 -17.68 9.05 -43.65
N VAL A 104 -17.80 7.80 -43.19
CA VAL A 104 -17.79 7.51 -41.76
C VAL A 104 -16.54 6.71 -41.47
N PRO A 105 -15.52 7.37 -40.92
CA PRO A 105 -14.25 6.70 -40.67
C PRO A 105 -14.37 5.57 -39.64
N HIS A 106 -13.66 4.48 -39.93
CA HIS A 106 -13.54 3.36 -39.02
C HIS A 106 -13.17 3.87 -37.65
N GLY A 107 -13.90 3.42 -36.62
CA GLY A 107 -13.55 3.71 -35.24
C GLY A 107 -14.27 4.92 -34.65
N SER A 108 -14.90 5.70 -35.52
CA SER A 108 -15.58 6.91 -35.09
C SER A 108 -17.02 6.65 -34.61
N LYS A 109 -17.57 7.63 -33.89
CA LYS A 109 -18.86 7.48 -33.25
C LYS A 109 -20.09 7.94 -34.06
N LEU A 110 -21.15 7.17 -33.90
CA LEU A 110 -22.43 7.43 -34.56
C LEU A 110 -23.57 7.45 -33.56
N LYS A 111 -24.70 8.01 -33.96
CA LYS A 111 -25.95 7.81 -33.24
C LYS A 111 -27.16 8.05 -34.13
N VAL A 112 -28.20 7.26 -33.96
CA VAL A 112 -29.43 7.54 -34.67
C VAL A 112 -30.17 8.57 -33.86
N VAL A 113 -30.83 9.50 -34.54
CA VAL A 113 -31.62 10.48 -33.81
C VAL A 113 -33.08 10.22 -34.10
N ILE A 114 -33.87 10.12 -33.05
CA ILE A 114 -35.29 9.92 -33.21
C ILE A 114 -36.03 11.14 -32.67
N THR A 115 -36.94 11.69 -33.46
CA THR A 115 -37.78 12.77 -32.94
C THR A 115 -39.17 12.18 -32.66
N SER A 116 -39.67 12.42 -31.44
CA SER A 116 -40.92 11.86 -30.96
C SER A 116 -42.14 12.71 -31.32
N LYS A 117 -43.33 12.11 -31.19
CA LYS A 117 -44.57 12.85 -31.37
C LYS A 117 -44.63 14.03 -30.39
N SER A 118 -44.04 13.85 -29.20
CA SER A 118 -43.94 14.90 -28.16
C SER A 118 -42.93 16.01 -28.46
N GLY A 119 -42.09 15.84 -29.48
CA GLY A 119 -41.14 16.88 -29.83
C GLY A 119 -39.84 16.71 -29.07
N GLU A 120 -39.67 15.49 -28.61
CA GLU A 120 -38.53 15.10 -27.83
C GLU A 120 -37.38 14.79 -28.78
N ILE A 121 -36.14 14.97 -28.36
CA ILE A 121 -35.08 14.54 -29.24
C ILE A 121 -34.28 13.40 -28.62
N LEU A 122 -34.42 12.23 -29.21
CA LEU A 122 -33.79 11.03 -28.66
C LEU A 122 -32.54 10.61 -29.43
N TYR A 123 -31.54 10.16 -28.69
CA TYR A 123 -30.34 9.59 -29.31
C TYR A 123 -30.29 8.08 -29.05
N ARG A 124 -30.15 7.32 -30.11
CA ARG A 124 -30.17 5.89 -29.96
C ARG A 124 -28.97 5.22 -30.62
N ILE A 125 -28.57 4.08 -30.09
CA ILE A 125 -27.66 3.18 -30.79
C ILE A 125 -28.51 2.30 -31.69
N SER A 126 -28.05 2.05 -32.91
CA SER A 126 -28.83 1.24 -33.82
C SER A 126 -29.10 -0.11 -33.23
N PRO A 127 -30.35 -0.56 -33.31
CA PRO A 127 -30.61 -1.94 -32.88
C PRO A 127 -29.70 -2.96 -33.59
N TRP A 128 -29.12 -2.59 -34.74
CA TRP A 128 -28.32 -3.48 -35.56
C TRP A 128 -26.82 -3.30 -35.44
N ALA A 129 -26.38 -2.42 -34.54
CA ALA A 129 -24.98 -2.11 -34.30
C ALA A 129 -24.02 -3.32 -34.16
N LYS A 130 -22.88 -3.25 -34.84
CA LYS A 130 -21.85 -4.28 -34.86
C LYS A 130 -21.01 -4.28 -33.61
N TYR A 131 -20.82 -3.08 -33.04
CA TYR A 131 -19.75 -2.85 -32.10
C TYR A 131 -20.01 -1.63 -31.19
N VAL A 132 -19.92 -1.83 -29.89
CA VAL A 132 -20.14 -0.72 -28.99
C VAL A 132 -19.05 -0.69 -27.93
N VAL A 133 -18.59 0.50 -27.56
CA VAL A 133 -17.56 0.59 -26.56
C VAL A 133 -17.88 1.57 -25.45
N ARG A 134 -17.54 1.21 -24.22
CA ARG A 134 -17.70 2.15 -23.09
C ARG A 134 -16.35 2.77 -22.87
N GLU A 135 -16.29 4.10 -22.84
CA GLU A 135 -15.01 4.81 -22.73
C GLU A 135 -14.70 5.28 -21.31
N GLY A 136 -13.57 4.85 -20.76
CA GLY A 136 -13.17 5.23 -19.41
C GLY A 136 -14.25 5.10 -18.35
N ASP A 137 -14.55 6.20 -17.67
CA ASP A 137 -15.46 6.13 -16.53
C ASP A 137 -16.87 6.55 -16.94
N ASN A 138 -17.15 6.47 -18.24
CA ASN A 138 -18.43 6.91 -18.80
C ASN A 138 -19.64 6.09 -18.36
N VAL A 139 -20.81 6.73 -18.32
CA VAL A 139 -22.01 6.01 -17.94
C VAL A 139 -22.50 5.15 -19.10
N ASN A 140 -22.53 5.72 -20.30
CA ASN A 140 -23.12 5.04 -21.46
C ASN A 140 -22.13 4.49 -22.46
N TYR A 141 -22.62 3.59 -23.30
CA TYR A 141 -21.81 3.07 -24.38
C TYR A 141 -21.91 3.99 -25.61
N ASP A 142 -20.83 4.06 -26.37
CA ASP A 142 -20.83 4.71 -27.64
C ASP A 142 -20.97 3.69 -28.73
N TRP A 143 -21.58 4.09 -29.84
CA TRP A 143 -21.70 3.23 -31.00
C TRP A 143 -20.49 3.48 -31.92
N ILE A 144 -19.57 2.53 -31.97
CA ILE A 144 -18.37 2.65 -32.82
C ILE A 144 -18.57 2.05 -34.20
N HIS A 145 -18.46 2.87 -35.24
CA HIS A 145 -18.54 2.35 -36.60
C HIS A 145 -17.43 1.38 -36.81
N TRP A 146 -17.72 0.22 -37.38
CA TRP A 146 -16.68 -0.78 -37.51
C TRP A 146 -16.43 -1.09 -38.98
N ASP A 147 -15.38 -0.47 -39.50
CA ASP A 147 -15.04 -0.64 -40.90
C ASP A 147 -13.53 -0.87 -41.01
N PRO A 148 -13.02 -1.91 -40.33
CA PRO A 148 -11.59 -2.20 -40.27
C PRO A 148 -10.99 -2.44 -41.65
N GLU A 149 -9.71 -2.14 -41.79
CA GLU A 149 -9.02 -2.27 -43.06
C GLU A 149 -8.95 -3.73 -43.51
N HIS A 150 -8.64 -4.63 -42.58
CA HIS A 150 -8.53 -6.05 -42.91
C HIS A 150 -9.60 -6.86 -42.15
N SER A 151 -10.60 -7.38 -42.87
CA SER A 151 -11.55 -8.31 -42.25
C SER A 151 -10.85 -9.65 -41.97
N TYR A 152 -11.36 -10.46 -41.05
CA TYR A 152 -10.71 -11.74 -40.73
C TYR A 152 -11.14 -12.79 -41.70
N GLU A 153 -10.21 -13.56 -42.26
CA GLU A 153 -10.62 -14.63 -43.17
C GLU A 153 -10.58 -15.95 -42.45
N PHE A 154 -11.70 -16.63 -42.37
CA PHE A 154 -11.72 -17.94 -41.72
C PHE A 154 -10.90 -18.96 -42.46
N LYS A 155 -10.02 -19.68 -41.76
CA LYS A 155 -9.18 -20.66 -42.45
C LYS A 155 -9.55 -22.14 -42.16
N HIS A 156 -10.50 -22.44 -41.27
CA HIS A 156 -10.80 -23.85 -40.93
C HIS A 156 -12.29 -24.25 -41.04
N SER A 157 -12.54 -25.49 -41.41
CA SER A 157 -13.91 -25.97 -41.64
C SER A 157 -14.56 -26.47 -40.37
N ARG A 158 -15.89 -26.60 -40.36
CA ARG A 158 -16.58 -27.18 -39.20
C ARG A 158 -16.09 -28.58 -38.86
N PRO A 159 -15.87 -28.83 -37.58
CA PRO A 159 -15.59 -30.20 -37.12
C PRO A 159 -16.70 -31.18 -37.50
N LYS A 160 -16.32 -32.43 -37.70
CA LYS A 160 -17.29 -33.47 -37.96
C LYS A 160 -18.25 -33.43 -36.79
N LYS A 161 -19.54 -33.55 -37.08
CA LYS A 161 -20.52 -33.54 -36.01
C LYS A 161 -20.18 -34.63 -34.98
N PRO A 162 -20.15 -34.23 -33.70
CA PRO A 162 -19.72 -35.17 -32.68
C PRO A 162 -20.76 -36.21 -32.40
N ARG A 163 -20.31 -37.44 -32.20
CA ARG A 163 -21.18 -38.54 -31.79
C ARG A 163 -21.89 -38.15 -30.47
N SER A 164 -21.15 -37.58 -29.53
CA SER A 164 -21.73 -37.19 -28.24
C SER A 164 -21.12 -35.90 -27.76
N LEU A 165 -21.91 -35.04 -27.13
CA LEU A 165 -21.41 -33.75 -26.71
C LEU A 165 -20.79 -33.74 -25.33
N ARG A 166 -19.54 -33.29 -25.26
CA ARG A 166 -18.90 -33.06 -23.98
C ARG A 166 -18.56 -31.59 -23.90
N ILE A 167 -19.44 -30.82 -23.25
CA ILE A 167 -19.46 -29.35 -23.30
C ILE A 167 -18.72 -28.65 -22.16
N TYR A 168 -17.81 -27.75 -22.53
CA TYR A 168 -17.14 -26.90 -21.58
C TYR A 168 -17.85 -25.54 -21.52
N GLU A 169 -18.56 -25.30 -20.42
CA GLU A 169 -19.25 -24.03 -20.28
C GLU A 169 -18.23 -22.95 -19.95
N SER A 170 -18.15 -21.91 -20.78
CA SER A 170 -17.05 -20.95 -20.72
C SER A 170 -17.48 -19.50 -20.71
N HIS A 171 -16.72 -18.69 -20.02
CA HIS A 171 -16.90 -17.26 -20.00
C HIS A 171 -15.57 -16.65 -20.29
N VAL A 172 -15.50 -15.81 -21.33
CA VAL A 172 -14.20 -15.31 -21.74
C VAL A 172 -13.60 -14.32 -20.75
N GLY A 173 -14.41 -13.46 -20.16
CA GLY A 173 -13.87 -12.39 -19.35
C GLY A 173 -13.15 -12.86 -18.10
N ILE A 174 -13.63 -13.96 -17.53
CA ILE A 174 -13.08 -14.46 -16.30
C ILE A 174 -12.07 -15.57 -16.51
N SER A 175 -11.58 -15.75 -17.75
CA SER A 175 -10.84 -16.99 -18.03
C SER A 175 -9.35 -16.90 -17.72
N SER A 176 -8.95 -15.90 -16.97
CA SER A 176 -7.55 -15.77 -16.53
C SER A 176 -7.48 -15.69 -15.01
N HIS A 177 -6.27 -15.75 -14.46
CA HIS A 177 -6.09 -15.65 -13.01
C HIS A 177 -6.09 -14.20 -12.55
N GLU A 178 -6.05 -13.27 -13.50
CA GLU A 178 -6.02 -11.84 -13.19
C GLU A 178 -7.39 -11.25 -12.87
N GLY A 179 -7.41 -10.34 -11.90
CA GLY A 179 -8.65 -9.67 -11.55
C GLY A 179 -8.95 -8.58 -12.56
N LYS A 180 -9.21 -8.97 -13.81
CA LYS A 180 -9.54 -8.02 -14.86
C LYS A 180 -10.40 -8.73 -15.91
N VAL A 181 -10.92 -8.00 -16.89
CA VAL A 181 -11.65 -8.64 -17.99
C VAL A 181 -10.65 -9.23 -18.99
N ALA A 182 -10.55 -10.56 -19.02
CA ALA A 182 -9.61 -11.24 -19.91
C ALA A 182 -10.10 -11.19 -21.33
N SER A 183 -9.20 -11.42 -22.28
CA SER A 183 -9.49 -11.16 -23.69
C SER A 183 -9.75 -12.41 -24.53
N TYR A 184 -10.44 -12.20 -25.65
CA TYR A 184 -10.62 -13.20 -26.68
C TYR A 184 -9.30 -13.86 -26.99
N LYS A 185 -8.29 -13.03 -27.22
CA LYS A 185 -6.95 -13.50 -27.57
C LYS A 185 -6.37 -14.40 -26.49
N HIS A 186 -6.50 -13.97 -25.23
CA HIS A 186 -6.05 -14.78 -24.11
C HIS A 186 -6.68 -16.16 -24.16
N PHE A 187 -8.01 -16.19 -24.26
CA PHE A 187 -8.79 -17.41 -24.34
C PHE A 187 -8.31 -18.36 -25.43
N THR A 188 -8.15 -17.80 -26.63
CA THR A 188 -7.73 -18.53 -27.81
C THR A 188 -6.38 -19.24 -27.58
N CYS A 189 -5.42 -18.53 -27.03
CA CYS A 189 -4.06 -19.06 -26.86
C CYS A 189 -3.98 -19.94 -25.64
N ASN A 190 -4.57 -19.49 -24.54
CA ASN A 190 -4.29 -20.13 -23.28
C ASN A 190 -5.37 -21.05 -22.73
N VAL A 191 -6.61 -20.82 -23.09
CA VAL A 191 -7.67 -21.65 -22.55
C VAL A 191 -8.08 -22.78 -23.49
N LEU A 192 -8.21 -22.50 -24.79
CA LEU A 192 -8.60 -23.57 -25.71
C LEU A 192 -7.77 -24.83 -25.55
N PRO A 193 -6.42 -24.68 -25.49
CA PRO A 193 -5.54 -25.85 -25.41
C PRO A 193 -5.84 -26.73 -24.19
N ARG A 194 -6.19 -26.04 -23.09
CA ARG A 194 -6.62 -26.69 -21.87
C ARG A 194 -7.95 -27.46 -22.05
N ILE A 195 -8.90 -26.83 -22.73
CA ILE A 195 -10.19 -27.44 -22.99
C ILE A 195 -10.01 -28.69 -23.85
N LYS A 196 -9.12 -28.61 -24.84
CA LYS A 196 -8.85 -29.76 -25.67
C LYS A 196 -8.21 -30.88 -24.84
N GLY A 197 -7.24 -30.51 -24.00
CA GLY A 197 -6.49 -31.48 -23.21
C GLY A 197 -7.35 -32.28 -22.25
N LEU A 198 -8.45 -31.67 -21.83
CA LEU A 198 -9.38 -32.31 -20.93
C LEU A 198 -10.30 -33.33 -21.59
N GLY A 199 -10.36 -33.35 -22.92
CA GLY A 199 -11.28 -34.25 -23.60
C GLY A 199 -12.66 -33.66 -23.92
N TYR A 200 -12.80 -32.33 -23.88
CA TYR A 200 -14.06 -31.71 -24.24
C TYR A 200 -14.12 -31.49 -25.74
N ASN A 201 -15.27 -31.72 -26.34
CA ASN A 201 -15.33 -31.56 -27.78
C ASN A 201 -16.27 -30.43 -28.17
N CYS A 202 -16.73 -29.68 -27.17
CA CYS A 202 -17.63 -28.59 -27.45
C CYS A 202 -17.48 -27.46 -26.44
N ILE A 203 -17.61 -26.21 -26.89
CA ILE A 203 -17.53 -25.07 -26.00
C ILE A 203 -18.86 -24.31 -25.98
N GLN A 204 -19.41 -24.14 -24.79
CA GLN A 204 -20.57 -23.28 -24.61
C GLN A 204 -20.09 -21.91 -24.16
N LEU A 205 -20.20 -20.94 -25.06
CA LEU A 205 -19.59 -19.64 -24.90
C LEU A 205 -20.62 -18.68 -24.33
N MET A 206 -20.43 -18.32 -23.07
CA MET A 206 -21.32 -17.41 -22.36
C MET A 206 -21.01 -15.96 -22.68
N ALA A 207 -21.97 -15.09 -22.46
CA ALA A 207 -21.69 -13.65 -22.35
C ALA A 207 -20.95 -13.04 -23.55
N ILE A 208 -21.32 -13.46 -24.75
CA ILE A 208 -20.74 -12.90 -25.97
C ILE A 208 -21.63 -11.78 -26.51
N MET A 209 -22.94 -11.99 -26.56
CA MET A 209 -23.87 -10.92 -26.96
C MET A 209 -23.62 -9.70 -26.06
N GLU A 210 -23.65 -8.51 -26.65
CA GLU A 210 -23.21 -7.35 -25.89
C GLU A 210 -24.14 -7.09 -24.73
N HIS A 211 -23.54 -6.84 -23.57
CA HIS A 211 -24.30 -6.51 -22.37
C HIS A 211 -23.53 -5.44 -21.64
N ALA A 212 -24.19 -4.34 -21.32
CA ALA A 212 -23.52 -3.19 -20.72
C ALA A 212 -23.14 -3.45 -19.27
N TYR A 213 -23.93 -4.29 -18.60
CA TYR A 213 -23.75 -4.58 -17.18
C TYR A 213 -23.05 -5.93 -17.00
N TYR A 214 -21.74 -5.88 -16.81
CA TYR A 214 -20.91 -7.10 -16.74
C TYR A 214 -21.42 -8.11 -15.69
N ALA A 215 -22.02 -7.64 -14.61
CA ALA A 215 -22.37 -8.55 -13.52
C ALA A 215 -23.67 -9.26 -13.83
N SER A 216 -24.24 -8.98 -14.99
CA SER A 216 -25.44 -9.68 -15.43
C SER A 216 -25.10 -11.09 -15.89
N PHE A 217 -23.81 -11.42 -15.80
CA PHE A 217 -23.32 -12.69 -16.28
C PHE A 217 -23.74 -12.87 -17.75
N GLY A 218 -23.93 -11.75 -18.44
CA GLY A 218 -24.17 -11.77 -19.87
C GLY A 218 -25.63 -11.83 -20.22
N TYR A 219 -26.49 -11.70 -19.21
CA TYR A 219 -27.93 -11.90 -19.38
C TYR A 219 -28.74 -10.62 -19.63
N GLN A 220 -28.07 -9.46 -19.56
CA GLN A 220 -28.77 -8.22 -19.80
C GLN A 220 -28.36 -7.57 -21.12
N ILE A 221 -28.93 -8.05 -22.21
CA ILE A 221 -28.47 -7.69 -23.54
C ILE A 221 -28.81 -6.26 -23.91
N THR A 222 -27.84 -5.52 -24.42
CA THR A 222 -28.05 -4.13 -24.80
C THR A 222 -27.93 -3.95 -26.28
N SER A 223 -26.96 -4.60 -26.90
CA SER A 223 -26.91 -4.63 -28.37
C SER A 223 -26.87 -6.06 -28.88
N PHE A 224 -27.93 -6.47 -29.58
CA PHE A 224 -28.11 -7.90 -29.89
C PHE A 224 -27.17 -8.43 -30.98
N PHE A 225 -26.68 -7.56 -31.85
CA PHE A 225 -25.79 -7.98 -32.93
C PHE A 225 -24.33 -7.67 -32.63
N ALA A 226 -24.03 -7.23 -31.42
CA ALA A 226 -22.66 -6.82 -31.10
C ALA A 226 -21.88 -7.91 -30.36
N ALA A 227 -20.77 -8.34 -30.94
CA ALA A 227 -19.84 -9.16 -30.17
C ALA A 227 -19.26 -8.26 -29.09
N SER A 228 -19.50 -8.60 -27.83
CA SER A 228 -19.10 -7.76 -26.71
C SER A 228 -17.69 -7.21 -26.83
N SER A 229 -17.52 -5.90 -26.63
CA SER A 229 -16.21 -5.24 -26.77
C SER A 229 -15.24 -5.44 -25.60
N ARG A 230 -15.74 -5.75 -24.41
CA ARG A 230 -14.91 -6.15 -23.25
C ARG A 230 -13.63 -6.87 -23.53
N TYR A 231 -13.80 -7.91 -24.34
CA TYR A 231 -12.82 -8.93 -24.53
C TYR A 231 -11.92 -8.66 -25.72
N GLY A 232 -12.28 -7.67 -26.53
CA GLY A 232 -11.57 -7.40 -27.76
C GLY A 232 -12.47 -7.07 -28.93
N SER A 233 -11.95 -7.23 -30.15
CA SER A 233 -12.66 -6.81 -31.34
C SER A 233 -13.45 -7.96 -31.97
N PRO A 234 -14.42 -7.63 -32.84
CA PRO A 234 -15.18 -8.66 -33.56
C PRO A 234 -14.27 -9.65 -34.26
N GLU A 235 -13.21 -9.15 -34.89
CA GLU A 235 -12.23 -10.01 -35.56
C GLU A 235 -11.65 -11.06 -34.60
N GLU A 236 -11.38 -10.64 -33.36
CA GLU A 236 -10.74 -11.53 -32.40
C GLU A 236 -11.69 -12.66 -31.95
N LEU A 237 -13.00 -12.43 -32.04
CA LEU A 237 -13.93 -13.48 -31.71
C LEU A 237 -13.95 -14.51 -32.81
N GLN A 238 -13.91 -14.03 -34.03
CA GLN A 238 -13.90 -14.91 -35.18
C GLN A 238 -12.69 -15.81 -35.11
N GLU A 239 -11.54 -15.23 -34.78
CA GLU A 239 -10.31 -16.01 -34.70
C GLU A 239 -10.42 -17.08 -33.62
N LEU A 240 -11.07 -16.73 -32.52
CA LEU A 240 -11.32 -17.66 -31.43
C LEU A 240 -12.13 -18.83 -31.94
N VAL A 241 -13.24 -18.51 -32.58
CA VAL A 241 -14.09 -19.54 -33.12
C VAL A 241 -13.34 -20.33 -34.21
N ASP A 242 -12.59 -19.62 -35.06
CA ASP A 242 -11.89 -20.31 -36.15
C ASP A 242 -10.86 -21.25 -35.57
N THR A 243 -10.15 -20.78 -34.55
CA THR A 243 -9.11 -21.57 -33.91
C THR A 243 -9.64 -22.79 -33.18
N ALA A 244 -10.77 -22.65 -32.48
CA ALA A 244 -11.41 -23.78 -31.81
C ALA A 244 -11.74 -24.86 -32.83
N HIS A 245 -12.15 -24.43 -34.02
CA HIS A 245 -12.48 -25.41 -35.06
C HIS A 245 -11.22 -26.18 -35.48
N SER A 246 -10.14 -25.47 -35.72
CA SER A 246 -8.88 -26.11 -36.09
C SER A 246 -8.47 -27.19 -35.08
N MET A 247 -8.97 -27.10 -33.85
CA MET A 247 -8.64 -28.08 -32.80
C MET A 247 -9.67 -29.20 -32.67
N GLY A 248 -10.65 -29.21 -33.57
CA GLY A 248 -11.74 -30.20 -33.56
C GLY A 248 -12.88 -29.88 -32.58
N ILE A 249 -12.83 -28.70 -31.95
CA ILE A 249 -13.82 -28.33 -30.96
C ILE A 249 -14.94 -27.48 -31.60
N ILE A 250 -16.20 -27.80 -31.33
CA ILE A 250 -17.29 -26.96 -31.79
C ILE A 250 -17.72 -25.93 -30.74
N VAL A 251 -18.27 -24.81 -31.21
CA VAL A 251 -18.59 -23.70 -30.30
C VAL A 251 -20.07 -23.29 -30.39
N LEU A 252 -20.76 -23.33 -29.25
CA LEU A 252 -22.15 -22.87 -29.18
C LEU A 252 -22.21 -21.52 -28.55
N LEU A 253 -23.16 -20.68 -28.97
CA LEU A 253 -23.35 -19.36 -28.34
C LEU A 253 -24.56 -19.38 -27.42
N ASP A 254 -24.42 -18.73 -26.27
CA ASP A 254 -25.61 -18.36 -25.50
C ASP A 254 -26.43 -17.29 -26.21
N VAL A 255 -27.59 -17.69 -26.70
CA VAL A 255 -28.53 -16.75 -27.28
C VAL A 255 -29.50 -16.37 -26.17
N VAL A 256 -29.48 -15.08 -25.82
CA VAL A 256 -30.46 -14.50 -24.91
C VAL A 256 -31.47 -13.71 -25.73
N HIS A 257 -32.61 -14.33 -25.97
CA HIS A 257 -33.73 -13.76 -26.73
C HIS A 257 -35.01 -13.78 -25.91
N SER A 258 -34.86 -13.80 -24.59
CA SER A 258 -36.00 -13.98 -23.70
C SER A 258 -36.44 -12.61 -23.15
N HIS A 259 -35.50 -11.70 -23.05
CA HIS A 259 -35.77 -10.36 -22.53
C HIS A 259 -34.65 -9.44 -22.99
N ALA A 260 -34.79 -8.14 -22.74
CA ALA A 260 -33.74 -7.18 -23.04
C ALA A 260 -33.56 -6.14 -21.93
N SER A 261 -32.36 -5.59 -21.79
CA SER A 261 -32.09 -4.57 -20.80
C SER A 261 -32.98 -3.34 -20.99
N LYS A 262 -33.35 -2.69 -19.90
CA LYS A 262 -34.21 -1.51 -19.98
C LYS A 262 -33.45 -0.29 -20.47
N ASN A 263 -32.15 -0.42 -20.73
CA ASN A 263 -31.40 0.71 -21.28
C ASN A 263 -32.01 1.25 -22.58
N SER A 264 -32.06 2.56 -22.68
CA SER A 264 -32.58 3.20 -23.87
C SER A 264 -31.45 4.01 -24.53
N ALA A 265 -30.55 4.58 -23.71
CA ALA A 265 -29.43 5.40 -24.23
C ALA A 265 -28.50 4.57 -25.07
N ASP A 266 -28.26 3.36 -24.61
CA ASP A 266 -27.39 2.41 -25.28
C ASP A 266 -27.98 1.01 -25.22
N GLY A 267 -29.30 0.94 -25.15
CA GLY A 267 -29.99 -0.34 -25.14
C GLY A 267 -31.11 -0.28 -26.13
N LEU A 268 -31.86 -1.38 -26.25
CA LEU A 268 -32.88 -1.50 -27.28
C LEU A 268 -34.25 -0.98 -26.82
N ASN A 269 -34.34 -0.56 -25.57
CA ASN A 269 -35.60 -0.08 -24.99
C ASN A 269 -35.97 1.32 -25.47
N MET A 270 -37.23 1.57 -25.76
CA MET A 270 -37.67 2.92 -26.11
C MET A 270 -36.97 3.42 -27.38
N PHE A 271 -36.72 2.53 -28.33
CA PHE A 271 -35.95 2.92 -29.50
C PHE A 271 -36.61 4.09 -30.26
N ASP A 272 -37.89 3.93 -30.63
CA ASP A 272 -38.64 4.97 -31.34
C ASP A 272 -39.47 5.84 -30.39
N GLY A 273 -39.06 5.92 -29.12
CA GLY A 273 -39.76 6.74 -28.12
C GLY A 273 -40.97 6.11 -27.46
N THR A 274 -41.39 4.98 -27.99
CA THR A 274 -42.50 4.16 -27.52
C THR A 274 -42.09 3.08 -26.53
N ASP A 275 -43.06 2.47 -25.84
CA ASP A 275 -42.75 1.27 -25.06
C ASP A 275 -43.07 0.02 -25.85
N SER A 276 -43.55 0.18 -27.07
CA SER A 276 -43.70 -1.00 -27.91
C SER A 276 -42.47 -1.13 -28.80
N CYS A 277 -42.70 -1.14 -30.11
CA CYS A 277 -41.63 -1.30 -31.07
C CYS A 277 -41.15 -2.74 -31.00
N TYR A 278 -39.95 -2.95 -30.44
CA TYR A 278 -39.41 -4.30 -30.36
C TYR A 278 -40.10 -5.08 -29.23
N PHE A 279 -40.83 -4.38 -28.38
CA PHE A 279 -41.43 -5.03 -27.21
C PHE A 279 -42.94 -4.82 -27.15
N HIS A 280 -43.59 -5.53 -26.21
CA HIS A 280 -45.02 -5.32 -25.99
C HIS A 280 -45.26 -4.10 -25.13
N SER A 281 -46.26 -3.31 -25.51
CA SER A 281 -46.68 -2.20 -24.69
C SER A 281 -47.43 -2.72 -23.45
N GLY A 282 -47.34 -1.99 -22.35
CA GLY A 282 -48.05 -2.32 -21.14
C GLY A 282 -47.27 -3.23 -20.23
N PRO A 283 -47.91 -3.68 -19.14
CA PRO A 283 -47.23 -4.46 -18.09
C PRO A 283 -46.75 -5.83 -18.57
N ARG A 284 -47.45 -6.34 -19.56
CA ARG A 284 -47.13 -7.57 -20.22
C ARG A 284 -45.75 -7.55 -20.88
N GLY A 285 -45.34 -6.36 -21.29
CA GLY A 285 -44.09 -6.17 -21.98
C GLY A 285 -42.94 -5.81 -21.06
N THR A 286 -43.15 -5.99 -19.77
CA THR A 286 -42.07 -5.84 -18.82
C THR A 286 -42.02 -7.01 -17.86
N HIS A 287 -40.80 -7.45 -17.59
CA HIS A 287 -40.55 -8.55 -16.67
C HIS A 287 -40.19 -7.98 -15.32
N ASP A 288 -41.13 -8.05 -14.39
CA ASP A 288 -40.98 -7.32 -13.13
C ASP A 288 -39.73 -7.79 -12.35
N LEU A 289 -39.50 -9.10 -12.25
CA LEU A 289 -38.37 -9.61 -11.44
C LEU A 289 -37.00 -9.36 -12.05
N TRP A 290 -36.90 -9.34 -13.38
CA TRP A 290 -35.61 -9.15 -14.05
C TRP A 290 -35.41 -7.68 -14.41
N ASP A 291 -36.50 -6.92 -14.27
CA ASP A 291 -36.48 -5.52 -14.63
C ASP A 291 -35.99 -5.39 -16.07
N SER A 292 -36.70 -6.06 -16.97
CA SER A 292 -36.28 -6.14 -18.35
C SER A 292 -37.45 -5.96 -19.29
N ARG A 293 -37.19 -5.66 -20.56
CA ARG A 293 -38.27 -5.59 -21.54
C ARG A 293 -38.51 -6.97 -22.13
N LEU A 294 -39.72 -7.19 -22.63
CA LEU A 294 -40.07 -8.47 -23.23
C LEU A 294 -40.51 -8.32 -24.69
N PHE A 295 -39.86 -9.05 -25.59
CA PHE A 295 -40.12 -8.93 -27.02
C PHE A 295 -41.54 -9.20 -27.43
N ALA A 296 -41.95 -8.53 -28.47
CA ALA A 296 -43.26 -8.81 -29.02
C ALA A 296 -43.10 -9.79 -30.16
N TYR A 297 -43.00 -11.07 -29.78
CA TYR A 297 -42.74 -12.13 -30.75
C TYR A 297 -43.80 -12.25 -31.85
N SER A 298 -44.95 -11.60 -31.72
CA SER A 298 -46.00 -11.74 -32.76
C SER A 298 -45.69 -10.78 -33.88
N SER A 299 -44.85 -9.82 -33.58
CA SER A 299 -44.61 -8.73 -34.49
C SER A 299 -43.59 -9.09 -35.59
N TRP A 300 -44.02 -8.95 -36.83
CA TRP A 300 -43.23 -9.33 -38.00
C TRP A 300 -41.79 -8.75 -38.02
N GLU A 301 -41.61 -7.51 -37.57
CA GLU A 301 -40.26 -6.94 -37.59
C GLU A 301 -39.44 -7.53 -36.42
N VAL A 302 -40.11 -7.89 -35.33
CA VAL A 302 -39.40 -8.56 -34.25
C VAL A 302 -38.98 -9.96 -34.67
N LEU A 303 -39.79 -10.64 -35.48
CA LEU A 303 -39.36 -11.90 -36.09
C LEU A 303 -38.20 -11.64 -37.05
N ARG A 304 -38.24 -10.56 -37.82
CA ARG A 304 -37.11 -10.34 -38.73
C ARG A 304 -35.84 -10.11 -37.90
N PHE A 305 -35.92 -9.27 -36.89
CA PHE A 305 -34.80 -8.94 -36.01
C PHE A 305 -34.18 -10.18 -35.34
N LEU A 306 -34.99 -10.92 -34.59
CA LEU A 306 -34.48 -12.08 -33.86
C LEU A 306 -33.98 -13.20 -34.77
N LEU A 307 -34.73 -13.55 -35.81
CA LEU A 307 -34.28 -14.58 -36.75
C LEU A 307 -32.99 -14.11 -37.44
N SER A 308 -32.95 -12.84 -37.84
CA SER A 308 -31.73 -12.32 -38.45
C SER A 308 -30.58 -12.35 -37.48
N ASN A 309 -30.87 -12.25 -36.18
CA ASN A 309 -29.83 -12.31 -35.18
C ASN A 309 -29.23 -13.70 -35.15
N ILE A 310 -30.09 -14.71 -35.21
CA ILE A 310 -29.63 -16.08 -35.26
C ILE A 310 -28.73 -16.30 -36.49
N ARG A 311 -29.21 -15.90 -37.66
CA ARG A 311 -28.43 -16.00 -38.89
C ARG A 311 -27.10 -15.28 -38.76
N TRP A 312 -27.15 -14.12 -38.13
CA TRP A 312 -25.97 -13.32 -37.95
C TRP A 312 -24.90 -14.12 -37.24
N TRP A 313 -25.26 -14.75 -36.11
CA TRP A 313 -24.28 -15.45 -35.28
C TRP A 313 -23.78 -16.65 -35.99
N LEU A 314 -24.59 -17.20 -36.89
CA LEU A 314 -24.17 -18.38 -37.64
C LEU A 314 -23.20 -18.03 -38.76
N GLU A 315 -23.50 -16.97 -39.51
CA GLU A 315 -22.77 -16.63 -40.76
C GLU A 315 -21.52 -15.85 -40.50
N GLU A 316 -21.65 -14.88 -39.60
CA GLU A 316 -20.56 -13.96 -39.33
C GLU A 316 -19.53 -14.50 -38.34
N TYR A 317 -19.96 -15.31 -37.39
CA TYR A 317 -19.01 -15.77 -36.38
C TYR A 317 -18.87 -17.28 -36.42
N ARG A 318 -19.63 -17.92 -37.29
CA ARG A 318 -19.45 -19.34 -37.58
C ARG A 318 -19.70 -20.25 -36.38
N PHE A 319 -20.59 -19.84 -35.48
CA PHE A 319 -20.99 -20.69 -34.37
C PHE A 319 -21.67 -21.97 -34.84
N ASP A 320 -21.54 -23.02 -34.05
CA ASP A 320 -22.03 -24.33 -34.45
C ASP A 320 -23.41 -24.63 -33.90
N GLY A 321 -23.92 -23.70 -33.12
CA GLY A 321 -25.21 -23.85 -32.54
C GLY A 321 -25.41 -22.87 -31.42
N PHE A 322 -26.50 -23.08 -30.69
CA PHE A 322 -26.94 -22.11 -29.73
C PHE A 322 -27.49 -22.82 -28.53
N ARG A 323 -27.34 -22.19 -27.37
CA ARG A 323 -28.19 -22.50 -26.25
C ARG A 323 -29.11 -21.30 -26.06
N PHE A 324 -30.42 -21.55 -26.13
CA PHE A 324 -31.42 -20.53 -25.89
C PHE A 324 -31.75 -20.40 -24.41
N ASP A 325 -31.32 -19.30 -23.81
CA ASP A 325 -31.56 -19.10 -22.38
C ASP A 325 -32.97 -18.59 -22.12
N GLY A 326 -33.47 -18.86 -20.92
CA GLY A 326 -34.75 -18.33 -20.47
C GLY A 326 -35.94 -18.82 -21.26
N VAL A 327 -35.88 -20.05 -21.75
CA VAL A 327 -37.01 -20.60 -22.49
C VAL A 327 -38.28 -20.72 -21.64
N THR A 328 -38.13 -21.00 -20.36
CA THR A 328 -39.29 -21.16 -19.51
C THR A 328 -40.02 -19.84 -19.41
N SER A 329 -39.28 -18.76 -19.23
CA SER A 329 -39.89 -17.45 -19.17
C SER A 329 -40.59 -17.09 -20.49
N MET A 330 -39.97 -17.42 -21.61
CA MET A 330 -40.61 -17.14 -22.88
C MET A 330 -41.95 -17.86 -22.94
N LEU A 331 -42.02 -19.07 -22.38
CA LEU A 331 -43.26 -19.82 -22.48
C LEU A 331 -44.29 -19.47 -21.41
N TYR A 332 -43.83 -19.11 -20.21
CA TYR A 332 -44.72 -18.96 -19.05
C TYR A 332 -44.66 -17.60 -18.32
N HIS A 333 -44.01 -16.61 -18.89
CA HIS A 333 -43.87 -15.31 -18.23
C HIS A 333 -45.20 -14.71 -17.73
N HIS A 334 -46.26 -14.93 -18.51
CA HIS A 334 -47.59 -14.47 -18.17
C HIS A 334 -47.97 -14.88 -16.76
N HIS A 335 -47.68 -16.14 -16.42
CA HIS A 335 -47.93 -16.67 -15.09
C HIS A 335 -46.84 -16.22 -14.11
N SER A 346 -42.67 -29.68 -12.34
CA SER A 346 -43.69 -29.70 -13.39
C SER A 346 -45.13 -29.48 -12.85
N GLU A 347 -45.29 -28.36 -12.14
CA GLU A 347 -46.61 -27.80 -11.86
C GLU A 347 -47.00 -26.92 -13.05
N TYR A 348 -46.33 -27.16 -14.17
CA TYR A 348 -46.49 -26.39 -15.40
C TYR A 348 -47.51 -27.00 -16.36
N PHE A 349 -47.83 -28.27 -16.17
CA PHE A 349 -48.86 -28.93 -16.96
C PHE A 349 -50.15 -28.14 -16.82
N GLY A 350 -50.86 -27.95 -17.95
CA GLY A 350 -52.14 -27.27 -17.90
C GLY A 350 -52.10 -25.75 -18.07
N LEU A 351 -50.98 -25.12 -17.70
CA LEU A 351 -50.80 -23.68 -17.93
C LEU A 351 -50.88 -23.36 -19.43
N GLN A 352 -51.29 -22.13 -19.74
CA GLN A 352 -51.31 -21.66 -21.12
C GLN A 352 -49.94 -21.15 -21.48
N VAL A 353 -49.41 -21.71 -22.53
CA VAL A 353 -48.15 -21.32 -23.12
C VAL A 353 -48.35 -20.13 -24.02
N ASP A 354 -47.36 -19.23 -24.08
CA ASP A 354 -47.35 -18.08 -25.00
C ASP A 354 -46.99 -18.58 -26.39
N GLU A 355 -47.99 -18.92 -27.20
CA GLU A 355 -47.70 -19.58 -28.47
C GLU A 355 -46.89 -18.66 -29.41
N ASP A 356 -46.91 -17.33 -29.19
CA ASP A 356 -46.12 -16.43 -30.03
C ASP A 356 -44.65 -16.71 -29.80
N ALA A 357 -44.27 -16.76 -28.52
CA ALA A 357 -42.90 -17.07 -28.19
C ALA A 357 -42.53 -18.45 -28.77
N LEU A 358 -43.35 -19.47 -28.51
CA LEU A 358 -43.00 -20.81 -28.96
C LEU A 358 -42.91 -20.89 -30.49
N THR A 359 -43.76 -20.16 -31.20
CA THR A 359 -43.65 -20.12 -32.65
C THR A 359 -42.33 -19.50 -33.08
N TYR A 360 -41.83 -18.51 -32.33
CA TYR A 360 -40.56 -17.93 -32.71
C TYR A 360 -39.48 -18.99 -32.56
N LEU A 361 -39.47 -19.65 -31.42
CA LEU A 361 -38.50 -20.71 -31.15
C LEU A 361 -38.60 -21.81 -32.20
N MET A 362 -39.80 -22.10 -32.67
CA MET A 362 -39.92 -23.12 -33.69
C MET A 362 -39.26 -22.62 -34.96
N LEU A 363 -39.57 -21.39 -35.35
CA LEU A 363 -38.96 -20.79 -36.53
C LEU A 363 -37.43 -20.74 -36.39
N ALA A 364 -36.93 -20.45 -35.19
CA ALA A 364 -35.49 -20.36 -34.95
C ALA A 364 -34.82 -21.70 -35.20
N ASN A 365 -35.32 -22.71 -34.52
CA ASN A 365 -34.83 -24.07 -34.72
C ASN A 365 -34.92 -24.52 -36.18
N HIS A 366 -36.04 -24.24 -36.81
CA HIS A 366 -36.22 -24.57 -38.22
C HIS A 366 -35.11 -23.93 -39.07
N LEU A 367 -34.91 -22.64 -38.87
CA LEU A 367 -33.86 -21.92 -39.56
C LEU A 367 -32.50 -22.54 -39.32
N VAL A 368 -32.15 -22.73 -38.06
CA VAL A 368 -30.85 -23.29 -37.73
C VAL A 368 -30.62 -24.65 -38.41
N HIS A 369 -31.62 -25.50 -38.39
CA HIS A 369 -31.42 -26.85 -38.88
C HIS A 369 -31.54 -26.99 -40.37
N THR A 370 -32.35 -26.14 -41.00
CA THR A 370 -32.40 -26.11 -42.48
C THR A 370 -31.09 -25.59 -43.07
N LEU A 371 -30.43 -24.64 -42.40
CA LEU A 371 -29.17 -24.09 -42.90
C LEU A 371 -28.05 -25.09 -42.77
N CYS A 372 -28.04 -25.79 -41.64
CA CYS A 372 -27.17 -26.93 -41.45
C CYS A 372 -27.76 -27.92 -40.45
N PRO A 373 -28.08 -29.12 -40.91
CA PRO A 373 -28.69 -30.15 -40.06
C PRO A 373 -27.79 -30.55 -38.89
N ASP A 374 -26.47 -30.39 -39.02
CA ASP A 374 -25.58 -30.80 -37.96
C ASP A 374 -25.47 -29.76 -36.86
N SER A 375 -26.10 -28.61 -37.05
CA SER A 375 -26.09 -27.59 -36.02
C SER A 375 -26.83 -28.08 -34.81
N ILE A 376 -26.41 -27.61 -33.64
CA ILE A 376 -27.00 -28.06 -32.38
C ILE A 376 -27.71 -26.90 -31.63
N THR A 377 -28.94 -27.15 -31.17
CA THR A 377 -29.57 -26.16 -30.31
C THR A 377 -29.97 -26.81 -29.01
N ILE A 378 -29.78 -26.05 -27.94
CA ILE A 378 -30.07 -26.49 -26.57
C ILE A 378 -31.05 -25.55 -25.87
N ALA A 379 -32.09 -26.09 -25.23
CA ALA A 379 -33.00 -25.23 -24.48
C ALA A 379 -32.71 -25.24 -22.99
N GLU A 380 -32.65 -24.06 -22.39
CA GLU A 380 -32.59 -23.94 -20.94
C GLU A 380 -34.01 -23.77 -20.45
N ASP A 381 -34.62 -24.87 -20.07
CA ASP A 381 -35.99 -24.86 -19.62
C ASP A 381 -36.14 -25.70 -18.37
N VAL A 382 -36.60 -25.05 -17.32
CA VAL A 382 -36.74 -25.68 -16.01
C VAL A 382 -38.11 -26.33 -15.79
N SER A 383 -39.09 -25.93 -16.59
CA SER A 383 -40.46 -26.46 -16.50
C SER A 383 -40.58 -27.91 -16.93
N GLY A 384 -39.65 -28.33 -17.76
CA GLY A 384 -39.66 -29.67 -18.29
C GLY A 384 -40.83 -29.89 -19.22
N MET A 385 -41.35 -28.82 -19.82
CA MET A 385 -42.44 -28.97 -20.77
C MET A 385 -42.16 -30.04 -21.83
N PRO A 386 -43.07 -31.01 -21.97
CA PRO A 386 -42.81 -32.06 -22.96
C PRO A 386 -42.79 -31.43 -24.36
N ALA A 387 -42.15 -32.10 -25.32
CA ALA A 387 -42.24 -31.72 -26.72
C ALA A 387 -41.44 -30.44 -27.08
N LEU A 388 -40.75 -29.88 -26.11
CA LEU A 388 -39.85 -28.77 -26.39
C LEU A 388 -38.71 -29.32 -27.26
N CYS A 389 -38.35 -30.58 -27.00
CA CYS A 389 -37.29 -31.24 -27.76
C CYS A 389 -37.76 -32.23 -28.79
N SER A 390 -38.99 -32.09 -29.26
CA SER A 390 -39.43 -32.97 -30.33
C SER A 390 -39.61 -32.18 -31.63
N PRO A 391 -39.65 -32.90 -32.74
CA PRO A 391 -39.68 -32.36 -34.10
C PRO A 391 -40.77 -31.31 -34.28
N ILE A 392 -40.52 -30.38 -35.19
CA ILE A 392 -41.50 -29.33 -35.45
C ILE A 392 -42.74 -29.97 -36.08
N SER A 393 -42.55 -30.97 -36.93
CA SER A 393 -43.69 -31.63 -37.57
C SER A 393 -44.63 -32.28 -36.56
N GLN A 394 -44.20 -32.41 -35.30
CA GLN A 394 -45.04 -33.02 -34.29
C GLN A 394 -45.57 -31.98 -33.33
N GLY A 395 -45.34 -30.72 -33.64
CA GLY A 395 -45.83 -29.67 -32.78
C GLY A 395 -44.85 -29.32 -31.68
N GLY A 396 -43.61 -29.73 -31.86
CA GLY A 396 -42.60 -29.46 -30.85
C GLY A 396 -41.74 -28.25 -31.12
N GLY A 397 -40.90 -27.88 -30.15
CA GLY A 397 -40.02 -26.73 -30.27
C GLY A 397 -38.87 -26.95 -31.26
N GLY A 398 -38.44 -28.20 -31.42
CA GLY A 398 -37.42 -28.45 -32.39
C GLY A 398 -36.02 -28.39 -31.82
N PHE A 399 -35.92 -28.33 -30.50
CA PHE A 399 -34.61 -28.36 -29.88
C PHE A 399 -34.02 -29.76 -29.94
N ASP A 400 -32.70 -29.82 -30.11
CA ASP A 400 -31.96 -31.07 -30.05
C ASP A 400 -31.82 -31.55 -28.61
N TYR A 401 -31.61 -30.60 -27.69
CA TYR A 401 -31.32 -30.91 -26.29
C TYR A 401 -31.99 -30.00 -25.29
N ARG A 402 -32.33 -30.55 -24.12
CA ARG A 402 -32.65 -29.74 -22.98
C ARG A 402 -31.60 -30.00 -21.90
N LEU A 403 -31.38 -29.03 -21.02
CA LEU A 403 -30.49 -29.20 -19.88
C LEU A 403 -31.26 -30.05 -18.89
N ALA A 404 -30.59 -31.00 -18.23
CA ALA A 404 -31.23 -31.83 -17.22
C ALA A 404 -31.13 -31.16 -15.87
N MET A 405 -32.03 -30.22 -15.57
CA MET A 405 -31.83 -29.34 -14.41
C MET A 405 -32.23 -29.96 -13.06
N ALA A 406 -32.89 -31.12 -13.08
CA ALA A 406 -33.20 -31.76 -11.80
C ALA A 406 -31.94 -32.26 -11.09
N ILE A 407 -30.89 -32.54 -11.85
CA ILE A 407 -29.70 -33.22 -11.33
C ILE A 407 -28.88 -32.39 -10.33
N PRO A 408 -28.51 -31.17 -10.70
CA PRO A 408 -27.80 -30.35 -9.72
C PRO A 408 -28.61 -30.19 -8.44
N ASP A 409 -29.93 -30.18 -8.54
CA ASP A 409 -30.77 -30.06 -7.34
C ASP A 409 -30.63 -31.24 -6.40
N LYS A 410 -30.55 -32.44 -6.97
CA LYS A 410 -30.48 -33.66 -6.15
C LYS A 410 -29.16 -33.74 -5.41
N TRP A 411 -28.06 -33.33 -6.04
CA TRP A 411 -26.81 -33.31 -5.33
C TRP A 411 -26.86 -32.28 -4.21
N ILE A 412 -27.42 -31.10 -4.48
CA ILE A 412 -27.50 -30.09 -3.43
C ILE A 412 -28.34 -30.60 -2.24
N GLN A 413 -29.50 -31.16 -2.54
CA GLN A 413 -30.39 -31.68 -1.51
C GLN A 413 -29.63 -32.67 -0.61
N LEU A 414 -29.04 -33.69 -1.23
CA LEU A 414 -28.30 -34.73 -0.51
C LEU A 414 -27.22 -34.14 0.40
N LEU A 415 -26.41 -33.24 -0.14
CA LEU A 415 -25.31 -32.68 0.60
C LEU A 415 -25.76 -31.73 1.69
N LYS A 416 -26.94 -31.16 1.53
CA LYS A 416 -27.37 -30.16 2.49
C LYS A 416 -28.18 -30.80 3.61
N GLU A 417 -28.96 -31.81 3.24
CA GLU A 417 -29.98 -32.34 4.13
C GLU A 417 -29.78 -33.79 4.63
N PHE A 418 -28.75 -34.49 4.18
CA PHE A 418 -28.63 -35.91 4.50
C PHE A 418 -27.22 -36.42 4.85
N LYS A 419 -27.09 -37.05 6.01
CA LYS A 419 -25.86 -37.75 6.33
C LYS A 419 -25.65 -38.82 5.25
N ASP A 420 -24.39 -39.15 4.97
CA ASP A 420 -24.06 -40.08 3.89
C ASP A 420 -24.70 -41.44 4.07
N GLU A 421 -24.95 -41.83 5.32
CA GLU A 421 -25.52 -43.14 5.60
C GLU A 421 -26.99 -43.18 5.19
N ASP A 422 -27.56 -42.01 4.93
CA ASP A 422 -28.97 -41.89 4.61
C ASP A 422 -29.24 -41.53 3.16
N TRP A 423 -28.21 -41.47 2.32
CA TRP A 423 -28.46 -41.24 0.89
C TRP A 423 -29.24 -42.40 0.32
N ASN A 424 -30.27 -42.10 -0.45
CA ASN A 424 -31.06 -43.12 -1.10
C ASN A 424 -30.58 -43.40 -2.54
N MET A 425 -30.00 -44.57 -2.78
CA MET A 425 -29.52 -44.94 -4.12
C MET A 425 -30.66 -44.92 -5.13
N GLY A 426 -31.82 -45.40 -4.71
CA GLY A 426 -32.99 -45.37 -5.58
C GLY A 426 -33.38 -43.96 -5.99
N ASP A 427 -33.33 -43.02 -5.06
CA ASP A 427 -33.63 -41.66 -5.43
C ASP A 427 -32.60 -41.16 -6.45
N ILE A 428 -31.33 -41.49 -6.23
CA ILE A 428 -30.27 -41.05 -7.12
C ILE A 428 -30.49 -41.62 -8.52
N VAL A 429 -30.74 -42.93 -8.60
CA VAL A 429 -30.96 -43.57 -9.89
C VAL A 429 -32.22 -43.04 -10.56
N TYR A 430 -33.26 -42.80 -9.78
CA TYR A 430 -34.50 -42.27 -10.34
C TYR A 430 -34.29 -40.88 -10.92
N THR A 431 -33.66 -39.99 -10.17
CA THR A 431 -33.47 -38.64 -10.69
C THR A 431 -32.60 -38.59 -11.94
N LEU A 432 -31.61 -39.47 -12.07
CA LEU A 432 -30.69 -39.38 -13.19
C LEU A 432 -31.26 -40.01 -14.46
N THR A 433 -32.16 -40.97 -14.28
CA THR A 433 -32.65 -41.75 -15.41
C THR A 433 -34.07 -41.39 -15.81
N ASN A 434 -34.75 -40.58 -14.99
CA ASN A 434 -36.12 -40.23 -15.31
C ASN A 434 -36.16 -39.22 -16.44
N ARG A 435 -36.18 -39.75 -17.66
CA ARG A 435 -36.12 -38.94 -18.85
C ARG A 435 -37.16 -39.41 -19.86
N ARG A 436 -37.47 -38.51 -20.79
CA ARG A 436 -38.39 -38.80 -21.86
C ARG A 436 -37.56 -39.49 -22.98
N TYR A 437 -38.05 -40.62 -23.45
CA TYR A 437 -37.23 -41.49 -24.29
C TYR A 437 -36.66 -40.84 -25.55
N LEU A 438 -37.43 -39.96 -26.17
CA LEU A 438 -37.02 -39.32 -27.41
C LEU A 438 -36.34 -37.95 -27.22
N GLU A 439 -36.11 -37.55 -25.97
CA GLU A 439 -35.46 -36.26 -25.71
C GLU A 439 -34.01 -36.39 -25.31
N LYS A 440 -33.08 -35.95 -26.15
CA LYS A 440 -31.71 -35.95 -25.68
C LYS A 440 -31.57 -34.84 -24.61
N CYS A 441 -30.93 -35.11 -23.48
CA CYS A 441 -30.64 -33.97 -22.63
C CYS A 441 -29.22 -33.99 -22.08
N ILE A 442 -28.79 -32.81 -21.64
CA ILE A 442 -27.42 -32.55 -21.21
C ILE A 442 -27.33 -32.65 -19.71
N ALA A 443 -26.58 -33.61 -19.20
CA ALA A 443 -26.45 -33.78 -17.75
C ALA A 443 -25.22 -33.04 -17.27
N TYR A 444 -25.36 -32.41 -16.10
CA TYR A 444 -24.23 -31.75 -15.46
C TYR A 444 -24.44 -31.86 -13.95
N ALA A 445 -23.35 -31.87 -13.18
CA ALA A 445 -23.45 -32.04 -11.73
C ALA A 445 -23.70 -30.74 -10.95
N GLU A 446 -23.21 -29.61 -11.46
CA GLU A 446 -23.42 -28.29 -10.87
C GLU A 446 -23.45 -27.20 -11.95
N SER A 447 -24.20 -26.13 -11.71
CA SER A 447 -24.38 -25.05 -12.68
C SER A 447 -23.41 -23.89 -12.49
N HIS A 448 -23.42 -22.96 -13.45
CA HIS A 448 -22.64 -21.74 -13.29
C HIS A 448 -23.23 -20.89 -12.19
N ASP A 449 -24.54 -20.99 -11.98
CA ASP A 449 -25.17 -20.26 -10.89
C ASP A 449 -24.66 -20.71 -9.51
N GLN A 450 -24.22 -21.97 -9.39
CA GLN A 450 -23.78 -22.48 -8.09
C GLN A 450 -22.35 -22.05 -7.80
N ALA A 451 -21.74 -21.44 -8.80
CA ALA A 451 -20.37 -21.00 -8.68
C ALA A 451 -20.31 -19.57 -8.18
N LEU A 452 -21.47 -18.92 -8.08
CA LEU A 452 -21.58 -17.51 -7.72
C LEU A 452 -21.50 -17.22 -6.24
N VAL A 453 -21.46 -15.93 -5.90
CA VAL A 453 -21.12 -15.46 -4.54
C VAL A 453 -22.07 -16.01 -3.48
N GLY A 454 -23.36 -15.89 -3.69
CA GLY A 454 -24.23 -16.27 -2.58
C GLY A 454 -24.49 -17.75 -2.41
N ASP A 455 -23.69 -18.59 -3.06
CA ASP A 455 -24.05 -19.98 -3.25
C ASP A 455 -22.87 -20.88 -2.85
N LYS A 456 -23.03 -22.20 -3.02
CA LYS A 456 -21.96 -23.13 -2.68
C LYS A 456 -21.67 -24.07 -3.87
N SER A 457 -20.39 -24.24 -4.21
CA SER A 457 -19.97 -25.22 -5.21
C SER A 457 -19.97 -26.59 -4.62
N LEU A 458 -19.90 -27.61 -5.46
CA LEU A 458 -19.76 -28.97 -4.94
C LEU A 458 -18.51 -29.13 -4.10
N ALA A 459 -17.40 -28.58 -4.55
CA ALA A 459 -16.18 -28.73 -3.80
C ALA A 459 -16.38 -28.14 -2.42
N PHE A 460 -17.06 -26.99 -2.36
CA PHE A 460 -17.23 -26.35 -1.07
C PHE A 460 -18.28 -27.05 -0.23
N TRP A 461 -19.33 -27.56 -0.85
CA TRP A 461 -20.26 -28.39 -0.11
C TRP A 461 -19.58 -29.54 0.56
N LEU A 462 -18.55 -30.06 -0.12
CA LEU A 462 -17.93 -31.32 0.29
C LEU A 462 -16.81 -31.08 1.28
N MET A 463 -16.18 -29.91 1.21
CA MET A 463 -14.93 -29.71 1.92
C MET A 463 -14.91 -28.51 2.83
N ASP A 464 -15.90 -27.65 2.70
CA ASP A 464 -15.96 -26.45 3.51
C ASP A 464 -14.58 -25.83 3.76
N ALA A 465 -14.31 -25.49 5.00
CA ALA A 465 -13.13 -24.69 5.32
C ALA A 465 -11.80 -25.39 5.04
N GLU A 466 -11.80 -26.72 5.06
CA GLU A 466 -10.60 -27.53 4.82
C GLU A 466 -10.08 -27.42 3.40
N MET A 467 -10.85 -26.74 2.58
CA MET A 467 -10.46 -26.47 1.22
C MET A 467 -9.33 -25.44 1.20
N TYR A 468 -9.21 -24.67 2.27
CA TYR A 468 -8.16 -23.66 2.31
C TYR A 468 -7.00 -24.09 3.19
N THR A 469 -7.17 -25.18 3.90
CA THR A 469 -6.12 -25.65 4.80
C THR A 469 -5.41 -26.89 4.22
N ASN A 470 -6.17 -27.79 3.61
CA ASN A 470 -5.63 -29.10 3.24
C ASN A 470 -5.70 -29.52 1.77
N MET A 471 -5.58 -28.57 0.87
CA MET A 471 -5.54 -28.91 -0.55
C MET A 471 -4.07 -28.96 -1.03
N SER A 472 -3.15 -28.77 -0.09
CA SER A 472 -1.72 -28.86 -0.34
C SER A 472 -1.23 -30.27 -0.04
N VAL A 473 -0.38 -30.83 -0.91
CA VAL A 473 0.15 -32.19 -0.65
C VAL A 473 1.08 -32.17 0.55
N LEU A 474 1.39 -30.98 1.04
CA LEU A 474 2.28 -30.85 2.19
C LEU A 474 1.53 -30.96 3.52
N THR A 475 0.20 -31.06 3.46
CA THR A 475 -0.58 -31.19 4.66
C THR A 475 -1.13 -32.61 4.71
N PRO A 476 -1.74 -32.99 5.83
CA PRO A 476 -2.38 -34.29 5.98
C PRO A 476 -3.52 -34.46 4.99
N PHE A 477 -3.66 -35.65 4.43
CA PHE A 477 -4.80 -36.04 3.63
C PHE A 477 -5.91 -36.36 4.63
N THR A 478 -6.53 -35.35 5.21
CA THR A 478 -7.53 -35.58 6.27
C THR A 478 -8.77 -36.36 5.81
N PRO A 479 -9.58 -36.83 6.77
CA PRO A 479 -10.78 -37.59 6.37
C PRO A 479 -11.79 -36.69 5.66
N VAL A 480 -11.80 -35.40 5.98
CA VAL A 480 -12.69 -34.46 5.31
C VAL A 480 -12.25 -34.28 3.86
N ILE A 481 -10.98 -33.97 3.65
CA ILE A 481 -10.47 -33.82 2.31
C ILE A 481 -10.51 -35.15 1.53
N ASP A 482 -10.33 -36.28 2.20
CA ASP A 482 -10.44 -37.60 1.53
C ASP A 482 -11.83 -37.77 0.94
N ARG A 483 -12.84 -37.60 1.79
CA ARG A 483 -14.23 -37.74 1.43
C ARG A 483 -14.58 -36.76 0.33
N GLY A 484 -14.14 -35.52 0.45
CA GLY A 484 -14.40 -34.51 -0.55
C GLY A 484 -13.84 -34.94 -1.89
N ILE A 485 -12.55 -35.23 -1.93
CA ILE A 485 -11.93 -35.62 -3.18
C ILE A 485 -12.70 -36.80 -3.78
N GLN A 486 -13.07 -37.78 -2.97
CA GLN A 486 -13.69 -38.99 -3.51
C GLN A 486 -15.10 -38.78 -4.04
N LEU A 487 -15.93 -38.04 -3.31
CA LEU A 487 -17.29 -37.86 -3.75
C LEU A 487 -17.37 -36.95 -5.00
N HIS A 488 -16.47 -35.99 -5.08
CA HIS A 488 -16.42 -35.07 -6.19
C HIS A 488 -16.26 -35.85 -7.47
N LYS A 489 -15.43 -36.87 -7.43
CA LYS A 489 -15.20 -37.66 -8.63
C LYS A 489 -16.41 -38.46 -8.91
N MET A 490 -16.93 -39.11 -7.89
CA MET A 490 -18.04 -40.03 -8.08
C MET A 490 -19.33 -39.36 -8.53
N ILE A 491 -19.65 -38.21 -7.95
CA ILE A 491 -20.84 -37.47 -8.35
C ILE A 491 -20.74 -37.11 -9.83
N ARG A 492 -19.55 -36.70 -10.24
CA ARG A 492 -19.38 -36.36 -11.62
C ARG A 492 -19.55 -37.61 -12.49
N LEU A 493 -18.96 -38.72 -12.08
CA LEU A 493 -19.02 -39.90 -12.94
C LEU A 493 -20.44 -40.49 -13.06
N ILE A 494 -21.21 -40.52 -11.96
CA ILE A 494 -22.58 -41.04 -12.01
C ILE A 494 -23.44 -40.15 -12.91
N THR A 495 -23.26 -38.85 -12.75
CA THR A 495 -23.89 -37.89 -13.64
C THR A 495 -23.49 -38.13 -15.11
N HIS A 496 -22.19 -38.28 -15.33
CA HIS A 496 -21.64 -38.46 -16.66
C HIS A 496 -22.08 -39.78 -17.34
N GLY A 497 -22.12 -40.88 -16.61
CA GLY A 497 -22.46 -42.15 -17.21
C GLY A 497 -23.94 -42.50 -17.31
N LEU A 498 -24.72 -41.96 -16.37
CA LEU A 498 -26.11 -42.37 -16.20
C LEU A 498 -27.08 -41.25 -16.53
N GLY A 499 -26.61 -40.01 -16.39
CA GLY A 499 -27.49 -38.87 -16.35
C GLY A 499 -28.13 -38.39 -17.64
N GLY A 500 -27.47 -38.60 -18.77
CA GLY A 500 -27.99 -38.04 -20.00
C GLY A 500 -27.35 -38.47 -21.29
N GLU A 501 -27.55 -37.66 -22.33
CA GLU A 501 -27.03 -37.96 -23.65
C GLU A 501 -25.95 -36.95 -24.00
N GLY A 502 -25.56 -36.14 -23.01
CA GLY A 502 -24.50 -35.17 -23.17
C GLY A 502 -24.00 -34.76 -21.80
N TYR A 503 -22.79 -34.25 -21.73
CA TYR A 503 -22.27 -33.79 -20.45
C TYR A 503 -21.87 -32.35 -20.58
N LEU A 504 -22.04 -31.60 -19.50
CA LEU A 504 -21.62 -30.21 -19.41
C LEU A 504 -20.84 -29.99 -18.14
N ASN A 505 -19.91 -29.05 -18.19
CA ASN A 505 -19.03 -28.76 -17.08
C ASN A 505 -18.70 -27.29 -17.12
N PHE A 506 -18.95 -26.59 -16.01
CA PHE A 506 -18.64 -25.18 -16.01
C PHE A 506 -17.20 -24.89 -15.63
N MET A 507 -16.61 -23.93 -16.34
CA MET A 507 -15.23 -23.49 -16.18
C MET A 507 -14.67 -23.49 -14.74
N GLY A 508 -13.82 -24.47 -14.45
CA GLY A 508 -13.19 -24.56 -13.16
C GLY A 508 -13.70 -25.70 -12.31
N ASN A 509 -14.97 -26.06 -12.47
CA ASN A 509 -15.50 -27.07 -11.59
C ASN A 509 -14.89 -28.46 -11.85
N GLU A 510 -14.19 -28.62 -12.97
CA GLU A 510 -13.56 -29.91 -13.31
C GLU A 510 -12.34 -30.22 -12.43
N PHE A 511 -11.80 -29.21 -11.75
CA PHE A 511 -10.71 -29.48 -10.85
C PHE A 511 -11.07 -29.00 -9.45
N GLY A 512 -12.36 -28.74 -9.23
CA GLY A 512 -12.83 -28.35 -7.92
C GLY A 512 -12.36 -26.99 -7.45
N HIS A 513 -12.48 -25.98 -8.31
CA HIS A 513 -12.00 -24.62 -8.08
C HIS A 513 -12.49 -24.04 -6.76
N PRO A 514 -11.58 -23.51 -5.95
CA PRO A 514 -11.92 -23.01 -4.62
C PRO A 514 -12.68 -21.69 -4.68
N GLU A 515 -13.04 -21.13 -3.53
CA GLU A 515 -13.74 -19.85 -3.47
C GLU A 515 -15.05 -19.80 -4.28
N TRP A 516 -15.34 -18.64 -4.85
CA TRP A 516 -16.56 -18.42 -5.61
C TRP A 516 -16.29 -17.41 -6.68
N LEU A 517 -17.30 -17.19 -7.52
CA LEU A 517 -17.21 -16.29 -8.65
C LEU A 517 -18.12 -15.13 -8.33
N ASP A 518 -17.67 -13.93 -8.64
CA ASP A 518 -18.46 -12.75 -8.39
C ASP A 518 -17.96 -11.68 -9.35
N PHE A 519 -18.85 -10.81 -9.82
CA PHE A 519 -18.42 -9.78 -10.77
C PHE A 519 -18.38 -8.40 -10.10
N PRO A 520 -17.66 -7.45 -10.68
CA PRO A 520 -17.65 -6.06 -10.18
C PRO A 520 -19.04 -5.45 -10.18
N ARG A 521 -19.41 -4.82 -9.08
CA ARG A 521 -20.74 -4.24 -8.94
C ARG A 521 -20.76 -3.32 -7.72
N LYS A 522 -21.93 -2.75 -7.42
CA LYS A 522 -22.09 -1.89 -6.26
C LYS A 522 -21.73 -2.66 -5.00
N GLY A 523 -22.37 -3.82 -4.84
CA GLY A 523 -22.15 -4.63 -3.65
C GLY A 523 -20.71 -4.94 -3.24
N ASN A 524 -19.74 -4.67 -4.12
CA ASN A 524 -18.35 -4.94 -3.78
C ASN A 524 -17.38 -3.90 -4.32
N ASN A 525 -17.88 -2.71 -4.60
CA ASN A 525 -17.02 -1.59 -5.01
C ASN A 525 -16.20 -1.93 -6.25
N GLU A 526 -16.90 -2.43 -7.28
CA GLU A 526 -16.29 -2.80 -8.55
C GLU A 526 -15.07 -3.68 -8.39
N SER A 527 -15.20 -4.69 -7.54
CA SER A 527 -14.10 -5.59 -7.30
C SER A 527 -14.01 -6.65 -8.40
N TYR A 528 -12.82 -6.81 -8.95
CA TYR A 528 -12.62 -7.91 -9.88
C TYR A 528 -11.98 -9.08 -9.14
N HIS A 529 -11.90 -8.99 -7.82
CA HIS A 529 -11.11 -9.96 -7.09
C HIS A 529 -11.59 -11.40 -7.27
N TYR A 530 -12.89 -11.61 -7.41
CA TYR A 530 -13.40 -12.96 -7.61
C TYR A 530 -13.87 -13.18 -9.05
N ALA A 531 -13.57 -12.23 -9.93
CA ALA A 531 -13.99 -12.34 -11.31
C ALA A 531 -12.92 -13.01 -12.18
N ARG A 532 -12.42 -14.16 -11.75
CA ARG A 532 -11.34 -14.81 -12.44
C ARG A 532 -11.39 -16.31 -12.27
N ARG A 533 -10.35 -16.97 -12.77
CA ARG A 533 -10.22 -18.42 -12.71
C ARG A 533 -8.78 -18.75 -12.37
N GLN A 534 -8.59 -19.42 -11.24
CA GLN A 534 -7.23 -19.76 -10.81
C GLN A 534 -6.75 -21.05 -11.47
N PHE A 535 -6.73 -21.06 -12.80
CA PHE A 535 -6.34 -22.25 -13.58
C PHE A 535 -4.97 -22.78 -13.18
N HIS A 536 -4.11 -21.94 -12.61
CA HIS A 536 -2.77 -22.40 -12.31
C HIS A 536 -2.80 -23.47 -11.22
N LEU A 537 -3.90 -23.51 -10.45
CA LEU A 537 -3.99 -24.49 -9.38
C LEU A 537 -3.78 -25.91 -9.89
N THR A 538 -4.20 -26.21 -11.10
CA THR A 538 -4.04 -27.58 -11.57
C THR A 538 -2.62 -27.84 -12.06
N ASP A 539 -1.82 -26.81 -12.27
CA ASP A 539 -0.46 -27.03 -12.76
C ASP A 539 0.55 -27.09 -11.64
N ASP A 540 0.08 -26.81 -10.43
CA ASP A 540 0.91 -26.86 -9.26
C ASP A 540 0.99 -28.30 -8.68
N ASP A 541 2.14 -28.98 -8.79
CA ASP A 541 2.27 -30.35 -8.25
C ASP A 541 2.16 -30.44 -6.74
N LEU A 542 2.33 -29.33 -6.04
CA LEU A 542 2.30 -29.36 -4.59
C LEU A 542 0.86 -29.21 -4.06
N LEU A 543 -0.09 -29.08 -4.99
CA LEU A 543 -1.49 -28.93 -4.63
C LEU A 543 -2.31 -30.15 -5.05
N ARG A 544 -3.51 -30.29 -4.50
CA ARG A 544 -4.31 -31.50 -4.75
C ARG A 544 -5.39 -31.40 -5.82
N TYR A 545 -5.61 -30.21 -6.36
CA TYR A 545 -6.53 -30.00 -7.48
C TYR A 545 -6.17 -30.90 -8.65
N LYS A 546 -4.87 -31.15 -8.87
CA LYS A 546 -4.43 -31.94 -10.02
C LYS A 546 -5.15 -33.28 -10.05
N PHE A 547 -5.50 -33.79 -8.87
CA PHE A 547 -6.14 -35.08 -8.76
C PHE A 547 -7.51 -35.02 -9.38
N LEU A 548 -8.28 -33.99 -9.03
CA LEU A 548 -9.64 -33.86 -9.55
C LEU A 548 -9.60 -33.63 -11.06
N ASN A 549 -8.64 -32.83 -11.48
CA ASN A 549 -8.43 -32.53 -12.86
C ASN A 549 -8.06 -33.76 -13.69
N ASN A 550 -7.16 -34.60 -13.14
CA ASN A 550 -6.70 -35.81 -13.83
C ASN A 550 -7.82 -36.75 -14.07
N PHE A 551 -8.73 -36.83 -13.10
CA PHE A 551 -9.91 -37.68 -13.23
C PHE A 551 -10.85 -37.16 -14.31
N ASP A 552 -10.99 -35.84 -14.40
CA ASP A 552 -11.90 -35.31 -15.38
C ASP A 552 -11.38 -35.67 -16.75
N ARG A 553 -10.09 -35.40 -16.97
CA ARG A 553 -9.52 -35.65 -18.27
C ARG A 553 -9.72 -37.12 -18.62
N ASP A 554 -9.50 -38.01 -17.64
CA ASP A 554 -9.55 -39.42 -17.96
C ASP A 554 -10.97 -39.87 -18.16
N MET A 555 -11.88 -39.23 -17.46
CA MET A 555 -13.31 -39.52 -17.62
C MET A 555 -13.80 -39.27 -19.04
N ASN A 556 -13.40 -38.13 -19.60
CA ASN A 556 -13.81 -37.75 -20.95
C ASN A 556 -13.10 -38.56 -22.06
N ARG A 557 -11.81 -38.85 -21.89
CA ARG A 557 -11.12 -39.64 -22.90
C ARG A 557 -11.72 -41.04 -22.95
N LEU A 558 -12.18 -41.51 -21.81
CA LEU A 558 -12.82 -42.80 -21.72
C LEU A 558 -14.15 -42.86 -22.43
N GLU A 559 -14.96 -41.80 -22.26
CA GLU A 559 -16.23 -41.73 -22.97
C GLU A 559 -16.00 -41.58 -24.48
N GLU A 560 -14.98 -40.82 -24.86
CA GLU A 560 -14.63 -40.65 -26.27
C GLU A 560 -14.31 -42.00 -26.92
N ARG A 561 -13.69 -42.90 -26.14
CA ARG A 561 -13.37 -44.24 -26.64
C ARG A 561 -14.60 -45.14 -26.67
N TYR A 562 -15.44 -45.08 -25.64
CA TYR A 562 -16.53 -46.05 -25.52
C TYR A 562 -17.93 -45.52 -25.85
N GLY A 563 -18.13 -44.20 -25.77
CA GLY A 563 -19.36 -43.54 -26.22
C GLY A 563 -20.66 -43.83 -25.48
N TRP A 564 -20.62 -43.74 -24.15
CA TRP A 564 -21.78 -44.09 -23.37
C TRP A 564 -22.83 -43.01 -23.42
N LEU A 565 -22.44 -41.81 -23.80
CA LEU A 565 -23.39 -40.70 -23.90
C LEU A 565 -24.35 -40.91 -25.06
N ALA A 566 -23.87 -41.59 -26.10
CA ALA A 566 -24.68 -41.84 -27.30
C ALA A 566 -25.34 -43.19 -27.26
N ALA A 567 -25.06 -43.93 -26.20
CA ALA A 567 -25.66 -45.24 -26.00
C ALA A 567 -27.07 -45.13 -25.48
N PRO A 568 -27.86 -46.21 -25.59
CA PRO A 568 -29.18 -46.21 -24.96
C PRO A 568 -29.06 -46.00 -23.46
N GLN A 569 -30.19 -45.77 -22.81
CA GLN A 569 -30.22 -45.60 -21.37
C GLN A 569 -29.56 -46.81 -20.66
N ALA A 570 -28.87 -46.57 -19.55
CA ALA A 570 -28.20 -47.68 -18.83
C ALA A 570 -29.18 -48.72 -18.33
N TYR A 571 -28.69 -49.95 -18.23
CA TYR A 571 -29.42 -51.00 -17.56
C TYR A 571 -28.91 -51.11 -16.12
N VAL A 572 -29.70 -50.55 -15.21
CA VAL A 572 -29.37 -50.59 -13.80
C VAL A 572 -29.68 -51.94 -13.18
N SER A 573 -28.63 -52.64 -12.79
CA SER A 573 -28.74 -53.97 -12.20
C SER A 573 -28.86 -53.92 -10.66
N GLU A 574 -28.39 -52.85 -10.03
CA GLU A 574 -28.48 -52.77 -8.58
C GLU A 574 -28.54 -51.37 -8.03
N LYS A 575 -29.56 -51.11 -7.23
CA LYS A 575 -29.65 -49.86 -6.50
C LYS A 575 -29.92 -50.25 -5.06
N HIS A 576 -28.90 -50.81 -4.41
CA HIS A 576 -29.00 -51.44 -3.09
C HIS A 576 -28.90 -50.46 -1.90
N GLU A 577 -30.00 -50.20 -1.20
CA GLU A 577 -29.95 -49.18 -0.13
C GLU A 577 -29.09 -49.56 1.09
N GLY A 578 -29.00 -50.84 1.40
CA GLY A 578 -28.24 -51.29 2.55
C GLY A 578 -26.75 -51.07 2.37
N ASN A 579 -26.21 -51.67 1.31
CA ASN A 579 -24.80 -51.54 0.99
C ASN A 579 -24.38 -50.22 0.34
N LYS A 580 -25.37 -49.42 -0.09
CA LYS A 580 -25.11 -48.18 -0.82
C LYS A 580 -24.31 -48.46 -2.13
N ILE A 581 -24.71 -49.48 -2.88
CA ILE A 581 -24.05 -49.81 -4.12
C ILE A 581 -24.99 -49.53 -5.28
N ILE A 582 -24.46 -48.84 -6.28
CA ILE A 582 -25.17 -48.71 -7.55
C ILE A 582 -24.36 -49.36 -8.65
N ALA A 583 -24.99 -50.26 -9.40
CA ALA A 583 -24.30 -50.91 -10.49
C ALA A 583 -25.14 -50.92 -11.75
N PHE A 584 -24.54 -50.61 -12.88
CA PHE A 584 -25.27 -50.60 -14.15
C PHE A 584 -24.36 -50.79 -15.35
N GLU A 585 -24.99 -51.05 -16.49
CA GLU A 585 -24.31 -51.22 -17.76
C GLU A 585 -24.77 -50.18 -18.76
N ARG A 586 -23.82 -49.62 -19.48
CA ARG A 586 -24.10 -48.74 -20.60
C ARG A 586 -23.02 -48.84 -21.66
N ALA A 587 -23.43 -49.01 -22.90
CA ALA A 587 -22.49 -49.18 -24.00
C ALA A 587 -21.61 -50.40 -23.77
N GLY A 588 -22.15 -51.40 -23.08
CA GLY A 588 -21.35 -52.60 -22.81
C GLY A 588 -20.41 -52.55 -21.60
N LEU A 589 -20.06 -51.36 -21.11
CA LEU A 589 -19.18 -51.22 -19.96
C LEU A 589 -19.91 -51.49 -18.64
N LEU A 590 -19.17 -51.88 -17.62
CA LEU A 590 -19.77 -52.16 -16.31
C LEU A 590 -19.39 -51.06 -15.34
N PHE A 591 -20.39 -50.34 -14.84
CA PHE A 591 -20.20 -49.25 -13.88
C PHE A 591 -20.56 -49.68 -12.45
N ILE A 592 -19.66 -49.46 -11.49
CA ILE A 592 -19.91 -49.87 -10.10
C ILE A 592 -19.57 -48.76 -9.10
N PHE A 593 -20.58 -48.29 -8.38
CA PHE A 593 -20.36 -47.25 -7.37
C PHE A 593 -20.59 -47.76 -5.95
N ASN A 594 -19.61 -47.55 -5.07
CA ASN A 594 -19.79 -47.82 -3.63
C ASN A 594 -19.85 -46.49 -2.88
N PHE A 595 -21.05 -46.06 -2.59
CA PHE A 595 -21.29 -44.78 -1.96
C PHE A 595 -21.32 -44.94 -0.46
N HIS A 596 -21.00 -46.14 0.03
CA HIS A 596 -21.04 -46.38 1.47
C HIS A 596 -19.99 -45.56 2.20
N PRO A 597 -20.36 -44.91 3.32
CA PRO A 597 -19.35 -44.04 3.92
C PRO A 597 -18.17 -44.75 4.59
N SER A 598 -18.25 -46.06 4.86
CA SER A 598 -17.16 -46.74 5.57
C SER A 598 -16.93 -48.20 5.13
N LYS A 599 -17.98 -48.93 4.77
CA LYS A 599 -17.80 -50.36 4.45
C LYS A 599 -17.18 -50.54 3.06
N SER A 600 -16.32 -51.55 2.92
CA SER A 600 -15.79 -51.95 1.62
C SER A 600 -16.19 -53.38 1.40
N TYR A 601 -16.20 -53.84 0.15
CA TYR A 601 -16.76 -55.14 -0.20
C TYR A 601 -15.79 -56.00 -0.95
N THR A 602 -15.68 -57.26 -0.55
CA THR A 602 -14.59 -58.09 -1.05
C THR A 602 -14.96 -59.14 -2.10
N ASP A 603 -16.07 -59.83 -1.93
CA ASP A 603 -16.49 -60.72 -2.99
C ASP A 603 -17.89 -60.36 -3.42
N TYR A 604 -18.00 -59.12 -3.86
CA TYR A 604 -19.26 -58.54 -4.21
C TYR A 604 -19.66 -58.94 -5.63
N ARG A 605 -20.81 -59.58 -5.75
CA ARG A 605 -21.26 -60.15 -7.02
C ARG A 605 -21.99 -59.10 -7.83
N VAL A 606 -21.64 -58.97 -9.10
CA VAL A 606 -22.26 -57.97 -9.94
C VAL A 606 -22.71 -58.58 -11.24
N GLY A 607 -23.96 -58.30 -11.60
CA GLY A 607 -24.54 -58.84 -12.83
C GLY A 607 -23.91 -58.22 -14.07
N THR A 608 -23.93 -58.98 -15.16
CA THR A 608 -23.34 -58.59 -16.42
C THR A 608 -24.19 -59.14 -17.56
N ALA A 609 -24.09 -58.52 -18.73
CA ALA A 609 -24.95 -58.95 -19.83
C ALA A 609 -24.36 -60.14 -20.50
N LEU A 610 -23.05 -60.09 -20.74
CA LEU A 610 -22.32 -61.15 -21.42
C LEU A 610 -21.25 -61.70 -20.46
N PRO A 611 -20.86 -62.97 -20.63
CA PRO A 611 -19.80 -63.57 -19.83
C PRO A 611 -18.40 -63.28 -20.40
N GLY A 612 -17.36 -63.47 -19.59
CA GLY A 612 -15.99 -63.34 -20.09
C GLY A 612 -15.03 -62.65 -19.15
N LYS A 613 -13.95 -62.11 -19.71
CA LYS A 613 -12.93 -61.52 -18.85
C LYS A 613 -13.12 -60.03 -18.80
N PHE A 614 -13.25 -59.50 -17.59
CA PHE A 614 -13.46 -58.08 -17.38
C PHE A 614 -12.23 -57.44 -16.80
N LYS A 615 -11.95 -56.24 -17.26
CA LYS A 615 -10.78 -55.52 -16.80
C LYS A 615 -11.13 -54.09 -16.45
N ILE A 616 -10.46 -53.58 -15.43
CA ILE A 616 -10.65 -52.22 -15.03
C ILE A 616 -10.11 -51.31 -16.11
N VAL A 617 -10.96 -50.44 -16.65
CA VAL A 617 -10.54 -49.39 -17.58
C VAL A 617 -10.55 -48.03 -16.89
N LEU A 618 -11.29 -47.91 -15.80
CA LEU A 618 -11.20 -46.72 -14.99
C LEU A 618 -11.41 -47.03 -13.51
N ASP A 619 -10.64 -46.38 -12.66
CA ASP A 619 -10.66 -46.67 -11.23
C ASP A 619 -10.43 -45.40 -10.43
N SER A 620 -11.44 -44.92 -9.73
CA SER A 620 -11.29 -43.65 -9.03
C SER A 620 -10.35 -43.77 -7.82
N ASP A 621 -9.91 -44.98 -7.50
CA ASP A 621 -9.04 -45.16 -6.36
C ASP A 621 -7.56 -44.97 -6.76
N ALA A 622 -7.33 -44.81 -8.06
CA ALA A 622 -5.99 -44.62 -8.60
C ALA A 622 -5.27 -43.44 -7.96
N ALA A 623 -3.95 -43.54 -7.90
CA ALA A 623 -3.19 -42.51 -7.22
C ALA A 623 -3.27 -41.17 -7.98
N GLU A 624 -3.29 -41.24 -9.31
CA GLU A 624 -3.30 -40.02 -10.10
C GLU A 624 -4.61 -39.25 -9.91
N TYR A 625 -5.59 -39.89 -9.27
CA TYR A 625 -6.89 -39.27 -9.00
C TYR A 625 -7.06 -38.87 -7.54
N GLY A 626 -6.00 -39.03 -6.74
CA GLY A 626 -6.13 -38.73 -5.33
C GLY A 626 -6.82 -39.89 -4.64
N GLY A 627 -6.65 -41.10 -5.17
CA GLY A 627 -7.25 -42.26 -4.54
C GLY A 627 -6.32 -42.90 -3.51
N HIS A 628 -6.62 -44.14 -3.13
CA HIS A 628 -5.85 -44.87 -2.12
C HIS A 628 -5.14 -46.06 -2.73
N GLN A 629 -5.31 -46.22 -4.03
CA GLN A 629 -4.41 -47.08 -4.76
C GLN A 629 -4.40 -48.54 -4.27
N ARG A 630 -5.58 -49.02 -3.89
CA ARG A 630 -5.76 -50.35 -3.30
C ARG A 630 -5.97 -51.48 -4.29
N LEU A 631 -6.18 -51.17 -5.55
CA LEU A 631 -6.56 -52.18 -6.54
C LEU A 631 -5.43 -52.47 -7.45
N ASP A 632 -5.31 -53.75 -7.81
CA ASP A 632 -4.34 -54.19 -8.82
C ASP A 632 -5.04 -54.30 -10.16
N HIS A 633 -4.70 -53.41 -11.10
CA HIS A 633 -5.42 -53.38 -12.36
C HIS A 633 -5.14 -54.61 -13.24
N SER A 634 -4.17 -55.45 -12.87
CA SER A 634 -3.86 -56.65 -13.65
C SER A 634 -4.72 -57.87 -13.31
N THR A 635 -5.39 -57.82 -12.15
CA THR A 635 -6.31 -58.89 -11.74
C THR A 635 -7.42 -59.05 -12.77
N ASP A 636 -7.58 -60.27 -13.27
CA ASP A 636 -8.63 -60.60 -14.22
C ASP A 636 -9.96 -60.85 -13.52
N PHE A 637 -11.03 -60.27 -14.06
CA PHE A 637 -12.37 -60.47 -13.49
C PHE A 637 -13.23 -61.29 -14.44
N PHE A 638 -13.68 -62.46 -13.99
CA PHE A 638 -14.43 -63.32 -14.87
C PHE A 638 -15.89 -63.40 -14.45
N SER A 639 -16.80 -63.21 -15.39
CA SER A 639 -18.19 -63.47 -15.10
C SER A 639 -18.56 -64.81 -15.75
N GLU A 640 -18.97 -65.75 -14.91
CA GLU A 640 -19.37 -67.07 -15.34
C GLU A 640 -20.91 -67.07 -15.42
N ALA A 641 -21.49 -68.15 -15.93
CA ALA A 641 -22.95 -68.31 -15.93
C ALA A 641 -23.50 -68.55 -14.52
N PHE A 642 -23.92 -67.47 -13.87
CA PHE A 642 -24.38 -67.47 -12.48
C PHE A 642 -25.38 -66.30 -12.35
N GLU A 643 -26.67 -66.60 -12.39
CA GLU A 643 -27.70 -65.55 -12.39
C GLU A 643 -27.71 -64.68 -11.12
N HIS A 644 -27.81 -63.37 -11.32
CA HIS A 644 -27.82 -62.41 -10.21
C HIS A 644 -28.48 -61.07 -10.57
N ASN A 645 -29.45 -60.63 -9.75
CA ASN A 645 -30.11 -59.33 -9.95
C ASN A 645 -30.71 -59.15 -11.35
N GLY A 646 -31.25 -60.24 -11.90
CA GLY A 646 -31.89 -60.19 -13.19
C GLY A 646 -30.92 -60.22 -14.36
N ARG A 647 -29.68 -60.59 -14.09
CA ARG A 647 -28.69 -60.77 -15.15
C ARG A 647 -28.31 -62.24 -15.29
N PRO A 648 -28.12 -62.69 -16.53
CA PRO A 648 -27.78 -64.09 -16.75
C PRO A 648 -26.37 -64.46 -16.30
N TYR A 649 -25.47 -63.47 -16.18
CA TYR A 649 -24.09 -63.74 -15.75
C TYR A 649 -23.64 -62.85 -14.58
N SER A 650 -22.57 -63.26 -13.89
CA SER A 650 -22.07 -62.53 -12.72
C SER A 650 -20.58 -62.55 -12.66
N LEU A 651 -20.00 -61.47 -12.16
CA LEU A 651 -18.61 -61.54 -11.75
C LEU A 651 -18.51 -61.14 -10.25
N LEU A 652 -17.36 -61.37 -9.65
CA LEU A 652 -17.09 -60.92 -8.28
C LEU A 652 -16.03 -59.83 -8.28
N VAL A 653 -16.33 -58.72 -7.60
CA VAL A 653 -15.39 -57.62 -7.63
C VAL A 653 -15.01 -57.26 -6.21
N TYR A 654 -13.87 -56.60 -6.02
CA TYR A 654 -13.52 -55.96 -4.75
C TYR A 654 -13.64 -54.44 -4.96
N ILE A 655 -14.48 -53.81 -4.15
CA ILE A 655 -14.72 -52.37 -4.31
C ILE A 655 -14.82 -51.64 -2.98
N PRO A 656 -13.85 -50.76 -2.72
CA PRO A 656 -13.75 -49.96 -1.48
C PRO A 656 -14.82 -48.88 -1.31
N SER A 657 -15.01 -48.48 -0.07
CA SER A 657 -15.87 -47.38 0.27
C SER A 657 -15.45 -46.10 -0.49
N ARG A 658 -16.43 -45.50 -1.17
CA ARG A 658 -16.27 -44.28 -1.95
C ARG A 658 -15.29 -44.46 -3.10
N VAL A 659 -15.53 -45.51 -3.87
CA VAL A 659 -14.80 -45.78 -5.09
C VAL A 659 -15.76 -46.07 -6.24
N ALA A 660 -15.43 -45.61 -7.44
CA ALA A 660 -16.18 -45.93 -8.65
C ALA A 660 -15.30 -46.70 -9.58
N LEU A 661 -15.88 -47.71 -10.22
CA LEU A 661 -15.10 -48.54 -11.13
C LEU A 661 -15.80 -48.67 -12.45
N ILE A 662 -15.05 -48.63 -13.53
CA ILE A 662 -15.58 -48.99 -14.82
C ILE A 662 -14.79 -50.17 -15.32
N LEU A 663 -15.49 -51.25 -15.61
CA LEU A 663 -14.86 -52.45 -16.09
C LEU A 663 -15.29 -52.72 -17.54
N GLN A 664 -14.37 -53.18 -18.38
CA GLN A 664 -14.68 -53.55 -19.76
C GLN A 664 -14.61 -55.06 -19.96
N ASN A 665 -15.49 -55.59 -20.79
CA ASN A 665 -15.42 -56.97 -21.25
C ASN A 665 -14.45 -57.06 -22.43
N VAL A 666 -13.38 -57.85 -22.30
CA VAL A 666 -12.36 -57.90 -23.37
C VAL A 666 -12.48 -59.15 -24.25
N ASP A 667 -13.65 -59.79 -24.22
CA ASP A 667 -13.90 -60.98 -25.02
C ASP A 667 -14.81 -60.75 -26.23
N VAL B 11 -27.72 33.35 7.79
CA VAL B 11 -28.33 32.51 8.83
C VAL B 11 -29.32 33.38 9.64
N ASP B 12 -30.21 32.76 10.41
CA ASP B 12 -31.26 33.50 11.12
C ASP B 12 -31.15 33.36 12.63
N PHE B 13 -30.91 34.46 13.32
CA PHE B 13 -30.62 34.44 14.76
C PHE B 13 -31.89 34.31 15.58
N GLN B 14 -32.99 34.74 15.00
CA GLN B 14 -34.28 34.60 15.64
C GLN B 14 -34.55 33.11 15.79
N ARG B 15 -34.22 32.34 14.75
CA ARG B 15 -34.44 30.90 14.73
C ARG B 15 -33.53 30.18 15.70
N ARG B 16 -32.25 30.53 15.67
CA ARG B 16 -31.24 29.85 16.48
C ARG B 16 -31.57 29.94 17.96
N TYR B 17 -32.00 31.10 18.41
CA TYR B 17 -32.31 31.24 19.82
C TYR B 17 -33.60 30.53 20.24
N LYS B 18 -34.62 30.53 19.37
CA LYS B 18 -35.90 29.91 19.69
C LYS B 18 -35.73 28.40 19.87
N GLN B 19 -34.87 27.80 19.05
CA GLN B 19 -34.66 26.37 19.12
C GLN B 19 -33.89 26.01 20.39
N PHE B 20 -32.81 26.72 20.66
CA PHE B 20 -32.11 26.60 21.93
C PHE B 20 -33.09 26.78 23.08
N SER B 21 -33.86 27.87 23.01
CA SER B 21 -34.77 28.27 24.06
C SER B 21 -35.77 27.16 24.33
N GLN B 22 -36.14 26.46 23.26
CA GLN B 22 -37.13 25.40 23.35
C GLN B 22 -36.60 24.14 24.05
N ILE B 23 -35.48 23.60 23.56
CA ILE B 23 -34.88 22.44 24.18
C ILE B 23 -34.54 22.70 25.65
N LEU B 24 -34.03 23.90 25.94
CA LEU B 24 -33.72 24.25 27.32
C LEU B 24 -34.98 24.18 28.15
N LYS B 25 -36.10 24.52 27.52
CA LYS B 25 -37.38 24.51 28.19
C LYS B 25 -37.78 23.07 28.49
N ASN B 26 -37.47 22.16 27.56
CA ASN B 26 -37.78 20.75 27.72
C ASN B 26 -36.96 20.12 28.82
N ILE B 27 -35.68 20.47 28.84
CA ILE B 27 -34.79 20.03 29.86
C ILE B 27 -35.35 20.43 31.22
N GLY B 28 -36.09 21.52 31.25
CA GLY B 28 -36.68 21.95 32.50
C GLY B 28 -37.85 21.15 33.04
N GLU B 29 -38.85 20.87 32.22
CA GLU B 29 -40.06 20.18 32.73
C GLU B 29 -39.86 18.68 32.68
N ASN B 30 -38.97 18.23 31.81
CA ASN B 30 -38.72 16.82 31.61
C ASN B 30 -37.53 16.28 32.39
N GLU B 31 -36.56 17.15 32.69
CA GLU B 31 -35.40 16.73 33.47
C GLU B 31 -35.18 17.57 34.69
N GLY B 32 -36.06 18.53 34.95
CA GLY B 32 -35.93 19.31 36.15
C GLY B 32 -34.78 20.31 36.16
N GLY B 33 -34.38 20.79 34.97
CA GLY B 33 -33.39 21.85 34.88
C GLY B 33 -32.10 21.31 34.34
N ILE B 34 -31.25 22.17 33.77
CA ILE B 34 -30.01 21.72 33.17
C ILE B 34 -28.99 21.29 34.24
N ASP B 35 -29.15 21.79 35.46
CA ASP B 35 -28.31 21.35 36.55
C ASP B 35 -28.53 19.88 36.81
N LYS B 36 -29.77 19.48 37.07
CA LYS B 36 -30.05 18.09 37.32
C LYS B 36 -29.70 17.29 36.07
N PHE B 37 -30.06 17.80 34.89
CA PHE B 37 -29.86 17.07 33.64
C PHE B 37 -28.41 16.66 33.47
N SER B 38 -27.50 17.58 33.78
CA SER B 38 -26.10 17.40 33.43
C SER B 38 -25.30 16.61 34.46
N ARG B 39 -26.01 16.00 35.41
CA ARG B 39 -25.41 15.15 36.44
C ARG B 39 -25.72 13.67 36.20
N GLY B 40 -25.82 13.29 34.94
CA GLY B 40 -26.06 11.91 34.58
C GLY B 40 -25.00 11.00 35.16
N TYR B 41 -23.76 11.50 35.30
CA TYR B 41 -22.64 10.66 35.74
C TYR B 41 -22.78 10.17 37.17
N GLU B 42 -23.74 10.74 37.89
CA GLU B 42 -23.99 10.35 39.27
C GLU B 42 -24.76 9.05 39.37
N SER B 43 -25.44 8.66 38.28
CA SER B 43 -26.20 7.40 38.31
C SER B 43 -25.76 6.44 37.19
N PHE B 44 -25.54 6.93 35.98
CA PHE B 44 -25.01 6.07 34.92
C PHE B 44 -23.62 5.54 35.26
N GLY B 45 -23.33 4.33 34.80
CA GLY B 45 -22.05 3.67 35.08
C GLY B 45 -22.11 2.60 36.17
N VAL B 46 -21.05 2.59 36.99
CA VAL B 46 -20.93 1.68 38.11
C VAL B 46 -20.71 2.44 39.41
N HIS B 47 -21.53 2.17 40.42
CA HIS B 47 -21.42 2.91 41.67
C HIS B 47 -21.56 2.04 42.94
N ARG B 48 -20.52 2.05 43.76
CA ARG B 48 -20.66 1.45 45.07
C ARG B 48 -21.62 2.29 45.90
N CYS B 49 -22.62 1.67 46.51
CA CYS B 49 -23.55 2.40 47.36
C CYS B 49 -23.14 2.41 48.84
N ALA B 50 -23.85 3.21 49.64
CA ALA B 50 -23.51 3.38 51.04
C ALA B 50 -23.91 2.16 51.85
N ASP B 51 -24.69 1.28 51.22
CA ASP B 51 -25.17 0.06 51.86
C ASP B 51 -24.35 -1.14 51.44
N GLY B 52 -23.25 -0.91 50.74
CA GLY B 52 -22.39 -2.00 50.33
C GLY B 52 -22.74 -2.60 48.98
N GLY B 53 -23.95 -2.33 48.50
CA GLY B 53 -24.38 -2.83 47.19
C GLY B 53 -23.76 -2.08 46.01
N LEU B 54 -24.10 -2.53 44.80
CA LEU B 54 -23.56 -1.91 43.59
C LEU B 54 -24.68 -1.51 42.66
N TYR B 55 -24.79 -0.22 42.37
CA TYR B 55 -25.79 0.25 41.40
C TYR B 55 -25.15 0.65 40.08
N CYS B 56 -25.81 0.22 38.99
CA CYS B 56 -25.28 0.37 37.63
C CYS B 56 -26.36 0.77 36.63
N LYS B 57 -25.97 1.48 35.59
CA LYS B 57 -26.95 1.89 34.57
C LYS B 57 -26.28 2.22 33.26
N GLU B 58 -26.92 1.82 32.17
CA GLU B 58 -26.41 2.12 30.85
C GLU B 58 -27.53 2.49 29.89
N TRP B 59 -27.18 3.18 28.81
CA TRP B 59 -28.11 3.41 27.70
C TRP B 59 -27.71 2.46 26.56
N ALA B 60 -28.63 1.59 26.17
CA ALA B 60 -28.31 0.57 25.17
C ALA B 60 -29.58 0.12 24.49
N PRO B 61 -30.12 0.96 23.62
CA PRO B 61 -31.44 0.74 23.02
C PRO B 61 -31.46 -0.43 21.99
N GLY B 62 -30.31 -0.81 21.47
CA GLY B 62 -30.26 -1.92 20.53
C GLY B 62 -29.83 -3.27 21.10
N ALA B 63 -29.68 -3.34 22.43
CA ALA B 63 -29.27 -4.57 23.08
C ALA B 63 -30.47 -5.47 23.39
N GLU B 64 -30.26 -6.78 23.28
CA GLU B 64 -31.29 -7.75 23.67
C GLU B 64 -31.27 -7.89 25.18
N GLY B 65 -30.04 -7.95 25.72
CA GLY B 65 -29.83 -7.98 27.16
C GLY B 65 -28.52 -7.34 27.56
N VAL B 66 -28.45 -6.86 28.80
CA VAL B 66 -27.24 -6.20 29.31
C VAL B 66 -26.81 -6.87 30.62
N PHE B 67 -25.50 -7.06 30.78
CA PHE B 67 -24.96 -7.81 31.91
C PHE B 67 -23.67 -7.17 32.40
N LEU B 68 -23.36 -7.35 33.68
CA LEU B 68 -22.09 -6.88 34.21
C LEU B 68 -21.18 -8.08 34.56
N THR B 69 -19.89 -7.97 34.23
CA THR B 69 -18.98 -9.08 34.46
C THR B 69 -17.55 -8.56 34.69
N GLY B 70 -16.66 -9.41 35.22
CA GLY B 70 -15.29 -9.00 35.48
C GLY B 70 -14.61 -9.86 36.53
N ASP B 71 -13.42 -9.46 36.98
CA ASP B 71 -12.69 -10.17 38.03
C ASP B 71 -13.60 -10.56 39.21
N PHE B 72 -14.40 -9.61 39.67
CA PHE B 72 -15.10 -9.80 40.93
C PHE B 72 -16.04 -11.00 40.87
N ASN B 73 -16.43 -11.40 39.67
CA ASN B 73 -17.29 -12.56 39.55
C ASN B 73 -16.68 -13.63 38.61
N GLY B 74 -15.35 -13.64 38.53
CA GLY B 74 -14.64 -14.63 37.74
C GLY B 74 -15.08 -14.71 36.29
N TRP B 75 -15.41 -13.55 35.73
CA TRP B 75 -15.76 -13.42 34.32
C TRP B 75 -16.89 -14.34 33.91
N ASN B 76 -17.77 -14.62 34.85
CA ASN B 76 -19.05 -15.22 34.53
C ASN B 76 -19.90 -14.20 33.77
N PRO B 77 -20.13 -14.44 32.48
CA PRO B 77 -20.82 -13.40 31.69
C PRO B 77 -22.26 -13.06 32.11
N PHE B 78 -23.09 -14.02 32.49
CA PHE B 78 -24.52 -13.73 32.59
C PHE B 78 -25.16 -13.77 33.98
N SER B 79 -24.33 -13.89 35.01
CA SER B 79 -24.80 -14.01 36.39
C SER B 79 -25.40 -12.72 36.93
N TYR B 80 -25.09 -11.59 36.29
CA TYR B 80 -25.65 -10.29 36.72
C TYR B 80 -26.31 -9.55 35.56
N PRO B 81 -27.54 -9.92 35.24
CA PRO B 81 -28.27 -9.25 34.16
C PRO B 81 -28.96 -7.99 34.64
N TYR B 82 -28.91 -6.92 33.84
CA TYR B 82 -29.59 -5.68 34.18
C TYR B 82 -31.08 -5.84 33.87
N LYS B 83 -31.93 -5.06 34.55
CA LYS B 83 -33.36 -5.01 34.20
C LYS B 83 -33.59 -3.93 33.14
N LYS B 84 -34.22 -4.29 32.02
CA LYS B 84 -34.52 -3.30 30.98
C LYS B 84 -35.57 -2.33 31.47
N LEU B 85 -35.19 -1.06 31.55
CA LEU B 85 -36.14 -0.02 31.93
C LEU B 85 -36.60 0.66 30.63
N ASP B 86 -37.51 1.63 30.74
CA ASP B 86 -37.97 2.39 29.57
C ASP B 86 -36.87 3.16 28.84
N TYR B 87 -37.20 3.55 27.61
CA TYR B 87 -36.35 4.46 26.87
C TYR B 87 -34.95 3.89 26.66
N GLY B 88 -34.85 2.59 26.40
CA GLY B 88 -33.58 2.00 26.02
C GLY B 88 -32.53 1.92 27.11
N LYS B 89 -32.95 2.20 28.34
CA LYS B 89 -32.00 2.16 29.45
C LYS B 89 -32.07 0.84 30.21
N TRP B 90 -31.00 0.53 30.94
CA TRP B 90 -30.87 -0.69 31.71
C TRP B 90 -30.26 -0.39 33.07
N GLU B 91 -30.77 -1.00 34.13
CA GLU B 91 -30.18 -0.80 35.45
C GLU B 91 -30.02 -2.13 36.21
N LEU B 92 -29.01 -2.16 37.06
CA LEU B 92 -28.69 -3.33 37.84
C LEU B 92 -28.31 -2.96 39.28
N TYR B 93 -28.86 -3.67 40.27
CA TYR B 93 -28.39 -3.53 41.64
C TYR B 93 -28.00 -4.87 42.28
N ILE B 94 -26.70 -5.00 42.55
CA ILE B 94 -26.13 -6.15 43.25
C ILE B 94 -26.17 -5.91 44.76
N PRO B 95 -26.85 -6.81 45.49
CA PRO B 95 -26.99 -6.60 46.95
C PRO B 95 -25.65 -6.72 47.59
N PRO B 96 -25.52 -6.13 48.76
CA PRO B 96 -24.21 -6.16 49.43
C PRO B 96 -23.89 -7.58 49.88
N LYS B 97 -22.60 -7.89 49.90
CA LYS B 97 -22.19 -9.21 50.33
C LYS B 97 -22.54 -9.39 51.82
N GLN B 98 -22.97 -10.61 52.17
CA GLN B 98 -23.40 -10.93 53.52
C GLN B 98 -22.26 -10.72 54.50
N ASN B 99 -21.06 -11.06 54.08
CA ASN B 99 -19.88 -10.89 54.91
C ASN B 99 -19.34 -9.46 54.93
N LYS B 100 -20.15 -8.55 54.40
CA LYS B 100 -19.93 -7.10 54.46
C LYS B 100 -18.60 -6.63 53.84
N SER B 101 -18.07 -7.40 52.88
CA SER B 101 -16.88 -6.95 52.14
C SER B 101 -17.27 -6.28 50.82
N VAL B 102 -16.33 -5.63 50.19
CA VAL B 102 -16.63 -4.91 48.97
C VAL B 102 -16.98 -5.86 47.82
N LEU B 103 -18.02 -5.54 47.05
CA LEU B 103 -18.34 -6.34 45.86
C LEU B 103 -17.25 -6.25 44.79
N VAL B 104 -16.88 -5.04 44.39
CA VAL B 104 -15.86 -4.84 43.36
C VAL B 104 -14.61 -4.13 43.85
N PRO B 105 -13.54 -4.89 44.13
CA PRO B 105 -12.33 -4.24 44.66
C PRO B 105 -11.73 -3.19 43.73
N HIS B 106 -11.26 -2.12 44.36
CA HIS B 106 -10.53 -1.08 43.67
C HIS B 106 -9.47 -1.69 42.79
N GLY B 107 -9.44 -1.29 41.53
CA GLY B 107 -8.35 -1.73 40.67
C GLY B 107 -8.69 -2.94 39.85
N SER B 108 -9.82 -3.58 40.15
CA SER B 108 -10.19 -4.80 39.43
C SER B 108 -10.83 -4.47 38.07
N LYS B 109 -10.84 -5.44 37.17
CA LYS B 109 -11.32 -5.22 35.81
C LYS B 109 -12.80 -5.54 35.66
N LEU B 110 -13.47 -4.72 34.88
CA LEU B 110 -14.88 -4.90 34.65
C LEU B 110 -15.12 -4.89 33.14
N LYS B 111 -16.31 -5.33 32.74
CA LYS B 111 -16.75 -5.06 31.39
C LYS B 111 -18.26 -5.26 31.30
N VAL B 112 -18.93 -4.44 30.49
CA VAL B 112 -20.35 -4.61 30.26
C VAL B 112 -20.51 -5.66 29.16
N VAL B 113 -21.55 -6.48 29.27
CA VAL B 113 -21.83 -7.48 28.27
C VAL B 113 -23.15 -7.16 27.54
N ILE B 114 -23.06 -7.11 26.22
CA ILE B 114 -24.21 -6.79 25.42
C ILE B 114 -24.60 -7.97 24.54
N THR B 115 -25.87 -8.34 24.59
CA THR B 115 -26.40 -9.41 23.74
C THR B 115 -27.27 -8.87 22.61
N SER B 116 -26.98 -9.28 21.38
CA SER B 116 -27.72 -8.81 20.21
C SER B 116 -28.97 -9.67 19.99
N LYS B 117 -29.95 -9.14 19.26
CA LYS B 117 -31.13 -9.94 18.87
C LYS B 117 -30.62 -11.11 18.05
N SER B 118 -29.48 -10.89 17.43
CA SER B 118 -28.80 -11.91 16.63
C SER B 118 -28.20 -13.00 17.53
N GLY B 119 -28.03 -12.66 18.81
CA GLY B 119 -27.46 -13.56 19.79
C GLY B 119 -25.94 -13.46 19.97
N GLU B 120 -25.34 -12.36 19.53
CA GLU B 120 -23.89 -12.21 19.67
C GLU B 120 -23.52 -11.72 21.09
N ILE B 121 -22.31 -12.05 21.53
CA ILE B 121 -21.87 -11.62 22.85
C ILE B 121 -20.76 -10.58 22.74
N LEU B 122 -21.09 -9.35 23.13
CA LEU B 122 -20.18 -8.21 23.03
C LEU B 122 -19.62 -7.83 24.41
N TYR B 123 -18.34 -7.50 24.46
CA TYR B 123 -17.71 -7.00 25.66
C TYR B 123 -17.27 -5.53 25.51
N ARG B 124 -17.82 -4.66 26.37
CA ARG B 124 -17.62 -3.23 26.23
C ARG B 124 -17.09 -2.63 27.52
N ILE B 125 -16.35 -1.52 27.39
CA ILE B 125 -16.04 -0.64 28.51
C ILE B 125 -17.19 0.34 28.63
N SER B 126 -17.63 0.66 29.85
CA SER B 126 -18.73 1.60 30.01
C SER B 126 -18.41 2.95 29.38
N PRO B 127 -19.39 3.50 28.67
CA PRO B 127 -19.35 4.86 28.12
C PRO B 127 -19.00 5.88 29.20
N TRP B 128 -19.29 5.54 30.46
CA TRP B 128 -19.10 6.44 31.60
C TRP B 128 -17.84 6.12 32.43
N ALA B 129 -17.07 5.15 32.00
CA ALA B 129 -15.90 4.68 32.77
C ALA B 129 -14.98 5.81 33.26
N LYS B 130 -14.57 5.71 34.51
CA LYS B 130 -13.71 6.71 35.14
C LYS B 130 -12.28 6.59 34.70
N TYR B 131 -11.85 5.35 34.45
CA TYR B 131 -10.43 5.00 34.40
C TYR B 131 -10.17 3.76 33.56
N VAL B 132 -9.27 3.88 32.60
CA VAL B 132 -8.95 2.76 31.73
C VAL B 132 -7.44 2.64 31.58
N VAL B 133 -6.97 1.40 31.56
CA VAL B 133 -5.55 1.13 31.42
C VAL B 133 -5.32 0.04 30.38
N ARG B 134 -4.25 0.23 29.61
CA ARG B 134 -3.72 -0.76 28.69
C ARG B 134 -2.54 -1.40 29.40
N GLU B 135 -2.53 -2.73 29.48
CA GLU B 135 -1.46 -3.41 30.22
C GLU B 135 -0.37 -3.94 29.30
N GLY B 136 0.87 -3.58 29.61
CA GLY B 136 2.03 -4.04 28.85
C GLY B 136 1.91 -3.93 27.34
N ASP B 137 2.00 -5.05 26.65
CA ASP B 137 2.02 -5.07 25.18
C ASP B 137 0.65 -5.39 24.60
N ASN B 138 -0.41 -5.17 25.37
CA ASN B 138 -1.78 -5.44 24.92
C ASN B 138 -2.28 -4.60 23.78
N VAL B 139 -3.23 -5.17 23.03
CA VAL B 139 -3.88 -4.44 21.94
C VAL B 139 -4.93 -3.51 22.54
N ASN B 140 -5.73 -4.03 23.47
CA ASN B 140 -6.87 -3.30 24.04
C ASN B 140 -6.71 -2.73 25.45
N TYR B 141 -7.57 -1.76 25.76
CA TYR B 141 -7.63 -1.20 27.09
C TYR B 141 -8.54 -2.06 27.98
N ASP B 142 -8.19 -2.14 29.26
CA ASP B 142 -9.07 -2.73 30.25
C ASP B 142 -9.79 -1.61 31.00
N TRP B 143 -11.00 -1.89 31.45
CA TRP B 143 -11.78 -0.96 32.27
C TRP B 143 -11.51 -1.20 33.77
N ILE B 144 -10.71 -0.32 34.37
CA ILE B 144 -10.35 -0.45 35.77
C ILE B 144 -11.29 0.29 36.71
N HIS B 145 -12.02 -0.44 37.54
CA HIS B 145 -12.89 0.19 38.51
C HIS B 145 -12.06 1.09 39.43
N TRP B 146 -12.55 2.30 39.71
CA TRP B 146 -11.77 3.27 40.48
C TRP B 146 -12.47 3.65 41.77
N ASP B 147 -12.01 3.05 42.86
CA ASP B 147 -12.59 3.27 44.16
C ASP B 147 -11.50 3.42 45.21
N PRO B 148 -10.60 4.39 45.01
CA PRO B 148 -9.42 4.58 45.86
C PRO B 148 -9.84 4.79 47.31
N GLU B 149 -8.96 4.46 48.25
CA GLU B 149 -9.28 4.58 49.65
C GLU B 149 -9.47 6.05 50.03
N HIS B 150 -8.54 6.89 49.59
CA HIS B 150 -8.67 8.33 49.85
C HIS B 150 -8.76 9.09 48.55
N SER B 151 -9.94 9.64 48.31
CA SER B 151 -10.13 10.53 47.20
C SER B 151 -9.29 11.77 47.47
N TYR B 152 -8.99 12.53 46.42
CA TYR B 152 -8.21 13.74 46.58
C TYR B 152 -9.13 14.87 47.02
N GLU B 153 -8.74 15.57 48.06
CA GLU B 153 -9.51 16.71 48.52
C GLU B 153 -8.84 17.97 47.96
N PHE B 154 -9.58 18.72 47.16
CA PHE B 154 -9.05 19.96 46.62
C PHE B 154 -8.80 20.94 47.77
N LYS B 155 -7.62 21.55 47.79
CA LYS B 155 -7.23 22.44 48.88
C LYS B 155 -7.21 23.95 48.53
N HIS B 156 -7.43 24.31 47.26
CA HIS B 156 -7.36 25.72 46.82
C HIS B 156 -8.58 26.20 46.02
N SER B 157 -8.92 27.48 46.16
CA SER B 157 -10.08 28.06 45.49
C SER B 157 -9.72 28.55 44.07
N ARG B 158 -10.73 28.72 43.20
CA ARG B 158 -10.50 29.24 41.86
C ARG B 158 -9.87 30.60 41.96
N PRO B 159 -8.83 30.84 41.14
CA PRO B 159 -8.24 32.17 41.00
C PRO B 159 -9.28 33.18 40.51
N LYS B 160 -9.07 34.45 40.86
CA LYS B 160 -9.92 35.53 40.39
C LYS B 160 -9.91 35.46 38.89
N LYS B 161 -11.06 35.75 38.28
CA LYS B 161 -11.10 35.81 36.83
C LYS B 161 -9.99 36.76 36.37
N PRO B 162 -9.17 36.31 35.41
CA PRO B 162 -8.01 37.05 34.92
C PRO B 162 -8.47 38.22 34.07
N ARG B 163 -7.77 39.36 34.15
CA ARG B 163 -8.14 40.52 33.33
C ARG B 163 -8.13 40.12 31.85
N SER B 164 -7.08 39.40 31.44
CA SER B 164 -6.85 38.95 30.06
C SER B 164 -6.16 37.57 30.09
N LEU B 165 -6.37 36.77 29.07
CA LEU B 165 -5.80 35.43 29.07
C LEU B 165 -4.39 35.38 28.43
N ARG B 166 -3.41 34.87 29.18
CA ARG B 166 -2.10 34.59 28.60
C ARG B 166 -1.86 33.09 28.68
N ILE B 167 -2.19 32.39 27.59
CA ILE B 167 -2.33 30.93 27.61
C ILE B 167 -1.11 30.11 27.21
N TYR B 168 -0.72 29.18 28.09
CA TYR B 168 0.31 28.21 27.75
C TYR B 168 -0.36 26.93 27.27
N GLU B 169 -0.31 26.69 25.96
CA GLU B 169 -0.89 25.48 25.40
C GLU B 169 0.03 24.31 25.74
N SER B 170 -0.50 23.33 26.47
CA SER B 170 0.35 22.32 27.08
C SER B 170 -0.11 20.91 26.79
N HIS B 171 0.88 20.02 26.71
CA HIS B 171 0.64 18.59 26.56
C HIS B 171 1.40 17.90 27.67
N VAL B 172 0.74 17.06 28.46
CA VAL B 172 1.42 16.53 29.66
C VAL B 172 2.57 15.55 29.36
N GLY B 173 2.34 14.63 28.43
CA GLY B 173 3.29 13.55 28.15
C GLY B 173 4.62 13.98 27.54
N ILE B 174 4.57 15.03 26.74
CA ILE B 174 5.73 15.46 25.99
C ILE B 174 6.47 16.53 26.73
N SER B 175 6.17 16.67 28.03
CA SER B 175 6.64 17.82 28.82
C SER B 175 7.95 17.58 29.54
N SER B 176 8.67 16.52 29.16
CA SER B 176 9.97 16.22 29.75
C SER B 176 11.04 16.09 28.68
N HIS B 177 12.30 16.00 29.11
CA HIS B 177 13.41 15.81 28.19
C HIS B 177 13.62 14.35 27.81
N GLU B 178 12.94 13.45 28.55
CA GLU B 178 13.00 12.01 28.33
C GLU B 178 12.06 11.65 27.20
N GLY B 179 12.44 10.70 26.35
CA GLY B 179 11.58 10.25 25.27
C GLY B 179 10.55 9.24 25.73
N LYS B 180 9.63 9.70 26.57
CA LYS B 180 8.57 8.84 27.09
C LYS B 180 7.35 9.68 27.44
N VAL B 181 6.29 9.03 27.88
CA VAL B 181 5.15 9.77 28.39
C VAL B 181 5.43 10.28 29.80
N ALA B 182 5.65 11.58 29.93
CA ALA B 182 5.91 12.14 31.25
C ALA B 182 4.60 12.18 32.04
N SER B 183 4.70 12.33 33.36
CA SER B 183 3.51 12.13 34.19
C SER B 183 2.91 13.44 34.69
N TYR B 184 1.64 13.37 35.06
CA TYR B 184 0.94 14.46 35.75
C TYR B 184 1.82 15.03 36.84
N LYS B 185 2.37 14.15 37.68
CA LYS B 185 3.21 14.58 38.81
C LYS B 185 4.37 15.40 38.29
N HIS B 186 5.00 14.92 37.22
CA HIS B 186 6.09 15.67 36.61
C HIS B 186 5.68 17.09 36.21
N PHE B 187 4.58 17.19 35.45
CA PHE B 187 4.05 18.48 35.03
C PHE B 187 3.87 19.38 36.26
N THR B 188 3.21 18.83 37.27
CA THR B 188 2.94 19.53 38.50
C THR B 188 4.17 20.10 39.22
N CYS B 189 5.21 19.28 39.35
CA CYS B 189 6.38 19.73 40.10
C CYS B 189 7.30 20.57 39.25
N ASN B 190 7.46 20.17 37.99
CA ASN B 190 8.51 20.75 37.16
C ASN B 190 8.04 21.71 36.07
N VAL B 191 6.81 21.55 35.60
CA VAL B 191 6.33 22.39 34.50
C VAL B 191 5.53 23.64 34.94
N LEU B 192 4.61 23.47 35.89
CA LEU B 192 3.86 24.62 36.44
C LEU B 192 4.77 25.77 36.87
N PRO B 193 5.84 25.48 37.63
CA PRO B 193 6.70 26.57 38.08
C PRO B 193 7.31 27.34 36.93
N ARG B 194 7.63 26.66 35.83
CA ARG B 194 8.16 27.30 34.63
C ARG B 194 7.10 28.18 33.97
N ILE B 195 5.89 27.66 33.86
CA ILE B 195 4.79 28.41 33.26
C ILE B 195 4.54 29.70 34.04
N LYS B 196 4.62 29.62 35.37
CA LYS B 196 4.41 30.79 36.23
C LYS B 196 5.50 31.86 36.03
N GLY B 197 6.76 31.44 36.05
CA GLY B 197 7.90 32.34 35.92
C GLY B 197 7.89 33.08 34.59
N LEU B 198 7.32 32.45 33.56
CA LEU B 198 7.18 33.06 32.24
C LEU B 198 6.09 34.15 32.16
N GLY B 199 5.21 34.20 33.15
CA GLY B 199 4.14 35.18 33.13
C GLY B 199 2.85 34.70 32.50
N TYR B 200 2.71 33.40 32.34
CA TYR B 200 1.45 32.87 31.85
C TYR B 200 0.52 32.66 33.01
N ASN B 201 -0.75 33.00 32.81
CA ASN B 201 -1.74 32.89 33.86
C ASN B 201 -2.83 31.87 33.54
N CYS B 202 -2.67 31.20 32.41
CA CYS B 202 -3.65 30.20 32.01
C CYS B 202 -2.98 29.05 31.24
N ILE B 203 -3.42 27.83 31.52
CA ILE B 203 -2.90 26.65 30.85
C ILE B 203 -4.03 26.01 30.06
N GLN B 204 -3.80 25.84 28.77
CA GLN B 204 -4.70 25.09 27.88
C GLN B 204 -4.16 23.68 27.85
N LEU B 205 -4.87 22.77 28.51
CA LEU B 205 -4.34 21.45 28.77
C LEU B 205 -4.83 20.49 27.70
N MET B 206 -3.93 20.04 26.85
CA MET B 206 -4.29 19.17 25.74
C MET B 206 -4.40 17.71 26.11
N ALA B 207 -5.16 16.97 25.31
CA ALA B 207 -5.03 15.52 25.26
C ALA B 207 -5.18 14.89 26.63
N ILE B 208 -6.18 15.34 27.37
CA ILE B 208 -6.45 14.77 28.67
C ILE B 208 -7.52 13.70 28.57
N MET B 209 -8.59 13.99 27.83
CA MET B 209 -9.64 13.00 27.61
C MET B 209 -9.01 11.74 27.03
N GLU B 210 -9.47 10.58 27.50
CA GLU B 210 -8.78 9.34 27.18
C GLU B 210 -8.89 9.00 25.68
N HIS B 211 -7.74 8.72 25.11
CA HIS B 211 -7.60 8.39 23.70
C HIS B 211 -6.59 7.26 23.61
N ALA B 212 -6.94 6.17 22.92
CA ALA B 212 -6.06 5.00 22.89
C ALA B 212 -4.77 5.22 22.08
N TYR B 213 -4.86 6.03 21.02
CA TYR B 213 -3.74 6.23 20.11
C TYR B 213 -2.95 7.52 20.41
N TYR B 214 -1.86 7.36 21.17
CA TYR B 214 -1.07 8.49 21.65
C TYR B 214 -0.66 9.45 20.56
N ALA B 215 -0.58 8.94 19.33
CA ALA B 215 -0.11 9.77 18.23
C ALA B 215 -1.25 10.57 17.62
N SER B 216 -2.47 10.40 18.12
CA SER B 216 -3.59 11.22 17.63
C SER B 216 -3.60 12.60 18.30
N PHE B 217 -2.58 12.88 19.11
CA PHE B 217 -2.44 14.14 19.80
C PHE B 217 -3.71 14.50 20.60
N GLY B 218 -4.47 13.48 20.96
CA GLY B 218 -5.62 13.64 21.84
C GLY B 218 -6.94 13.81 21.14
N TYR B 219 -6.96 13.66 19.82
CA TYR B 219 -8.20 13.97 19.11
C TYR B 219 -9.06 12.76 18.82
N GLN B 220 -8.54 11.57 19.12
CA GLN B 220 -9.29 10.33 18.90
C GLN B 220 -9.76 9.73 20.22
N ILE B 221 -10.91 10.20 20.71
CA ILE B 221 -11.41 9.81 22.05
C ILE B 221 -12.00 8.40 22.11
N THR B 222 -11.63 7.65 23.16
CA THR B 222 -12.15 6.29 23.36
C THR B 222 -13.03 6.15 24.59
N SER B 223 -12.59 6.68 25.72
CA SER B 223 -13.46 6.73 26.90
C SER B 223 -13.58 8.20 27.35
N PHE B 224 -14.79 8.76 27.25
CA PHE B 224 -14.95 10.21 27.37
C PHE B 224 -14.86 10.78 28.77
N PHE B 225 -15.14 9.99 29.80
CA PHE B 225 -15.08 10.50 31.16
C PHE B 225 -13.74 10.08 31.82
N ALA B 226 -12.86 9.50 31.01
CA ALA B 226 -11.64 8.98 31.56
C ALA B 226 -10.45 9.92 31.33
N ALA B 227 -9.88 10.41 32.43
CA ALA B 227 -8.63 11.14 32.35
C ALA B 227 -7.51 10.19 31.95
N SER B 228 -6.88 10.46 30.82
CA SER B 228 -5.89 9.56 30.25
C SER B 228 -4.94 9.03 31.32
N SER B 229 -4.80 7.70 31.35
CA SER B 229 -4.00 6.98 32.35
C SER B 229 -2.49 7.04 32.10
N ARG B 230 -2.10 7.24 30.83
CA ARG B 230 -0.71 7.55 30.43
C ARG B 230 0.12 8.29 31.45
N TYR B 231 -0.46 9.38 31.97
CA TYR B 231 0.27 10.38 32.73
C TYR B 231 0.21 10.12 34.21
N GLY B 232 -0.67 9.17 34.57
CA GLY B 232 -0.97 8.85 35.94
C GLY B 232 -2.45 8.60 36.21
N SER B 233 -2.82 8.70 37.48
CA SER B 233 -4.17 8.38 37.94
C SER B 233 -5.08 9.61 38.08
N PRO B 234 -6.38 9.38 38.19
CA PRO B 234 -7.33 10.49 38.39
C PRO B 234 -6.91 11.43 39.51
N GLU B 235 -6.46 10.90 40.64
CA GLU B 235 -6.00 11.74 41.74
C GLU B 235 -4.87 12.66 41.31
N GLU B 236 -3.95 12.15 40.50
CA GLU B 236 -2.78 12.92 40.16
C GLU B 236 -3.18 14.06 39.23
N LEU B 237 -4.27 13.88 38.49
CA LEU B 237 -4.77 14.96 37.62
C LEU B 237 -5.48 16.05 38.43
N GLN B 238 -6.25 15.64 39.42
CA GLN B 238 -6.89 16.59 40.30
C GLN B 238 -5.84 17.46 41.01
N GLU B 239 -4.78 16.83 41.51
CA GLU B 239 -3.69 17.55 42.17
C GLU B 239 -2.97 18.58 41.29
N LEU B 240 -2.81 18.25 40.02
CA LEU B 240 -2.22 19.19 39.06
C LEU B 240 -3.09 20.45 38.95
N VAL B 241 -4.40 20.27 38.73
CA VAL B 241 -5.29 21.42 38.57
C VAL B 241 -5.25 22.25 39.84
N ASP B 242 -5.28 21.55 40.97
CA ASP B 242 -5.30 22.21 42.26
C ASP B 242 -4.02 23.00 42.48
N THR B 243 -2.88 22.45 42.08
CA THR B 243 -1.63 23.18 42.24
C THR B 243 -1.60 24.42 41.34
N ALA B 244 -2.10 24.28 40.11
CA ALA B 244 -2.16 25.42 39.21
C ALA B 244 -2.94 26.55 39.83
N HIS B 245 -3.99 26.19 40.55
CA HIS B 245 -4.83 27.17 41.24
C HIS B 245 -4.08 27.88 42.34
N SER B 246 -3.40 27.10 43.17
CA SER B 246 -2.58 27.65 44.25
C SER B 246 -1.53 28.67 43.76
N MET B 247 -1.16 28.60 42.47
CA MET B 247 -0.16 29.50 41.90
C MET B 247 -0.82 30.65 41.13
N GLY B 248 -2.14 30.72 41.16
CA GLY B 248 -2.84 31.78 40.45
C GLY B 248 -3.07 31.54 38.97
N ILE B 249 -2.77 30.32 38.49
CA ILE B 249 -2.92 29.97 37.09
C ILE B 249 -4.26 29.28 36.89
N ILE B 250 -5.04 29.65 35.87
CA ILE B 250 -6.26 28.90 35.59
C ILE B 250 -6.01 27.84 34.53
N VAL B 251 -6.82 26.78 34.56
CA VAL B 251 -6.60 25.64 33.68
C VAL B 251 -7.80 25.32 32.80
N LEU B 252 -7.61 25.39 31.48
CA LEU B 252 -8.66 25.00 30.56
C LEU B 252 -8.41 23.61 30.01
N LEU B 253 -9.48 22.89 29.74
CA LEU B 253 -9.38 21.57 29.14
C LEU B 253 -9.73 21.61 27.66
N ASP B 254 -8.93 20.95 26.82
CA ASP B 254 -9.39 20.64 25.46
C ASP B 254 -10.54 19.65 25.50
N VAL B 255 -11.75 20.08 25.18
CA VAL B 255 -12.89 19.17 25.07
C VAL B 255 -13.08 18.76 23.60
N VAL B 256 -12.94 17.48 23.31
CA VAL B 256 -13.21 16.94 21.97
C VAL B 256 -14.58 16.26 21.95
N HIS B 257 -15.59 16.92 21.38
CA HIS B 257 -16.93 16.35 21.28
C HIS B 257 -17.37 16.37 19.82
N SER B 258 -16.40 16.38 18.91
CA SER B 258 -16.73 16.57 17.51
C SER B 258 -16.86 15.21 16.81
N HIS B 259 -16.10 14.24 17.30
CA HIS B 259 -16.12 12.89 16.78
C HIS B 259 -15.61 11.92 17.83
N ALA B 260 -15.73 10.62 17.54
CA ALA B 260 -15.28 9.57 18.45
C ALA B 260 -14.42 8.55 17.71
N SER B 261 -13.47 7.95 18.42
CA SER B 261 -12.60 6.93 17.83
C SER B 261 -13.44 5.73 17.40
N LYS B 262 -13.05 5.05 16.32
CA LYS B 262 -13.85 3.90 15.83
C LYS B 262 -13.69 2.64 16.69
N ASN B 263 -12.79 2.68 17.68
CA ASN B 263 -12.58 1.55 18.57
C ASN B 263 -13.90 1.09 19.18
N SER B 264 -14.10 -0.23 19.25
CA SER B 264 -15.34 -0.78 19.76
C SER B 264 -15.08 -1.54 21.04
N ALA B 265 -13.96 -2.24 21.10
CA ALA B 265 -13.60 -3.05 22.27
C ALA B 265 -13.41 -2.17 23.49
N ASP B 266 -12.80 -1.00 23.25
CA ASP B 266 -12.47 -0.06 24.30
C ASP B 266 -12.76 1.39 23.86
N GLY B 267 -13.76 1.54 23.00
CA GLY B 267 -14.21 2.85 22.56
C GLY B 267 -15.72 2.93 22.66
N LEU B 268 -16.29 4.08 22.29
CA LEU B 268 -17.72 4.27 22.43
C LEU B 268 -18.46 3.79 21.18
N ASN B 269 -17.69 3.28 20.23
CA ASN B 269 -18.22 2.81 18.96
C ASN B 269 -18.97 1.48 19.10
N MET B 270 -20.10 1.37 18.41
CA MET B 270 -20.88 0.13 18.35
C MET B 270 -21.25 -0.36 19.75
N PHE B 271 -21.51 0.56 20.67
CA PHE B 271 -21.69 0.18 22.06
C PHE B 271 -22.79 -0.86 22.25
N ASP B 272 -24.00 -0.58 21.77
CA ASP B 272 -25.09 -1.54 21.96
C ASP B 272 -25.22 -2.50 20.79
N GLY B 273 -24.14 -2.68 20.03
CA GLY B 273 -24.17 -3.56 18.87
C GLY B 273 -24.71 -2.92 17.59
N THR B 274 -25.33 -1.74 17.73
CA THR B 274 -25.80 -0.96 16.60
C THR B 274 -24.76 0.02 16.09
N ASP B 275 -24.98 0.58 14.90
CA ASP B 275 -24.19 1.71 14.43
C ASP B 275 -24.90 3.02 14.80
N SER B 276 -26.05 2.91 15.47
CA SER B 276 -26.75 4.08 15.99
C SER B 276 -26.24 4.34 17.42
N CYS B 277 -27.18 4.44 18.35
CA CYS B 277 -26.87 4.67 19.76
C CYS B 277 -26.31 6.08 19.98
N TYR B 278 -25.00 6.16 20.26
CA TYR B 278 -24.33 7.42 20.52
C TYR B 278 -24.02 8.16 19.21
N PHE B 279 -24.15 7.46 18.10
CA PHE B 279 -23.80 8.03 16.81
C PHE B 279 -24.93 7.91 15.81
N HIS B 280 -24.76 8.51 14.63
CA HIS B 280 -25.77 8.44 13.57
C HIS B 280 -25.73 7.12 12.82
N SER B 281 -26.91 6.60 12.49
CA SER B 281 -26.97 5.38 11.69
C SER B 281 -26.51 5.68 10.26
N GLY B 282 -25.78 4.73 9.68
CA GLY B 282 -25.35 4.88 8.31
C GLY B 282 -24.02 5.60 8.15
N PRO B 283 -23.73 6.04 6.92
CA PRO B 283 -22.51 6.76 6.53
C PRO B 283 -22.51 8.23 7.01
N ARG B 284 -23.68 8.83 7.22
CA ARG B 284 -23.72 10.19 7.75
C ARG B 284 -23.03 10.26 9.10
N GLY B 285 -23.06 9.13 9.81
CA GLY B 285 -22.48 9.00 11.13
C GLY B 285 -21.03 8.59 11.01
N THR B 286 -20.48 8.75 9.82
CA THR B 286 -19.05 8.47 9.64
C THR B 286 -18.36 9.65 8.97
N HIS B 287 -17.21 10.00 9.52
CA HIS B 287 -16.40 11.11 9.09
C HIS B 287 -15.25 10.62 8.21
N ASP B 288 -15.34 10.90 6.91
CA ASP B 288 -14.44 10.28 5.94
C ASP B 288 -12.95 10.57 6.15
N LEU B 289 -12.57 11.83 6.36
CA LEU B 289 -11.14 12.16 6.48
C LEU B 289 -10.55 11.69 7.79
N TRP B 290 -11.38 11.68 8.82
CA TRP B 290 -10.96 11.32 10.16
C TRP B 290 -11.22 9.86 10.53
N ASP B 291 -12.02 9.16 9.73
CA ASP B 291 -12.35 7.77 10.02
C ASP B 291 -12.85 7.63 11.45
N SER B 292 -13.91 8.34 11.78
CA SER B 292 -14.40 8.39 13.15
C SER B 292 -15.90 8.36 13.12
N ARG B 293 -16.52 8.13 14.27
CA ARG B 293 -17.97 8.15 14.36
C ARG B 293 -18.46 9.56 14.65
N LEU B 294 -19.72 9.82 14.28
CA LEU B 294 -20.28 11.15 14.45
C LEU B 294 -21.52 11.14 15.34
N PHE B 295 -21.49 11.96 16.39
CA PHE B 295 -22.57 12.02 17.36
C PHE B 295 -23.89 12.44 16.75
N ALA B 296 -24.96 11.93 17.30
CA ALA B 296 -26.29 12.38 16.92
C ALA B 296 -26.83 13.40 17.92
N TYR B 297 -26.38 14.65 17.76
CA TYR B 297 -26.69 15.73 18.70
C TYR B 297 -28.20 15.93 18.86
N SER B 298 -28.97 15.22 18.04
CA SER B 298 -30.42 15.27 18.10
C SER B 298 -30.96 14.36 19.19
N SER B 299 -30.14 13.39 19.60
CA SER B 299 -30.60 12.39 20.57
C SER B 299 -30.47 12.82 22.02
N TRP B 300 -31.60 12.80 22.71
CA TRP B 300 -31.69 13.25 24.08
C TRP B 300 -30.64 12.61 25.00
N GLU B 301 -30.33 11.35 24.79
CA GLU B 301 -29.35 10.69 25.66
C GLU B 301 -27.94 11.15 25.30
N VAL B 302 -27.77 11.48 24.03
CA VAL B 302 -26.49 12.00 23.56
C VAL B 302 -26.27 13.40 24.16
N LEU B 303 -27.35 14.16 24.31
CA LEU B 303 -27.27 15.42 25.02
C LEU B 303 -26.97 15.20 26.49
N ARG B 304 -27.62 14.19 27.09
CA ARG B 304 -27.40 13.94 28.51
C ARG B 304 -25.95 13.57 28.69
N PHE B 305 -25.47 12.72 27.80
CA PHE B 305 -24.09 12.25 27.83
C PHE B 305 -23.05 13.40 27.71
N LEU B 306 -23.08 14.13 26.61
CA LEU B 306 -22.13 15.21 26.37
C LEU B 306 -22.24 16.36 27.40
N LEU B 307 -23.47 16.75 27.76
CA LEU B 307 -23.65 17.78 28.78
C LEU B 307 -23.10 17.31 30.14
N SER B 308 -23.40 16.07 30.52
CA SER B 308 -22.89 15.49 31.77
C SER B 308 -21.38 15.31 31.75
N ASN B 309 -20.81 15.17 30.57
CA ASN B 309 -19.37 15.13 30.44
C ASN B 309 -18.77 16.51 30.79
N ILE B 310 -19.40 17.57 30.29
CA ILE B 310 -18.96 18.94 30.58
C ILE B 310 -19.04 19.25 32.07
N ARG B 311 -20.20 18.95 32.65
CA ARG B 311 -20.40 19.10 34.08
C ARG B 311 -19.34 18.31 34.80
N TRP B 312 -19.04 17.15 34.26
CA TRP B 312 -18.04 16.26 34.84
C TRP B 312 -16.68 16.93 34.94
N TRP B 313 -16.20 17.54 33.87
CA TRP B 313 -14.86 18.13 33.87
C TRP B 313 -14.75 19.37 34.77
N LEU B 314 -15.89 20.02 34.99
CA LEU B 314 -15.94 21.18 35.85
C LEU B 314 -15.93 20.74 37.31
N GLU B 315 -16.77 19.76 37.61
CA GLU B 315 -17.05 19.38 38.98
C GLU B 315 -16.02 18.46 39.59
N GLU B 316 -15.67 17.42 38.86
CA GLU B 316 -14.82 16.38 39.43
C GLU B 316 -13.37 16.82 39.34
N TYR B 317 -13.02 17.52 38.28
CA TYR B 317 -11.61 17.88 38.09
C TYR B 317 -11.35 19.38 38.17
N ARG B 318 -12.41 20.18 38.31
CA ARG B 318 -12.30 21.61 38.61
C ARG B 318 -11.65 22.45 37.53
N PHE B 319 -11.82 22.08 36.28
CA PHE B 319 -11.34 22.93 35.20
C PHE B 319 -12.08 24.28 35.20
N ASP B 320 -11.41 25.32 34.73
CA ASP B 320 -11.95 26.67 34.79
C ASP B 320 -12.58 27.05 33.47
N GLY B 321 -12.50 26.15 32.50
CA GLY B 321 -13.12 26.36 31.19
C GLY B 321 -12.65 25.43 30.09
N PHE B 322 -13.08 25.70 28.86
CA PHE B 322 -12.87 24.75 27.78
C PHE B 322 -12.51 25.38 26.46
N ARG B 323 -11.70 24.67 25.70
CA ARG B 323 -11.64 24.91 24.27
C ARG B 323 -12.36 23.75 23.59
N PHE B 324 -13.44 24.05 22.89
CA PHE B 324 -14.16 23.04 22.13
C PHE B 324 -13.52 22.87 20.76
N ASP B 325 -12.85 21.74 20.55
CA ASP B 325 -12.14 21.44 19.30
C ASP B 325 -13.05 20.94 18.20
N GLY B 326 -12.67 21.21 16.94
CA GLY B 326 -13.42 20.72 15.80
C GLY B 326 -14.84 21.27 15.67
N VAL B 327 -15.02 22.53 16.06
CA VAL B 327 -16.33 23.16 15.95
C VAL B 327 -16.75 23.31 14.48
N THR B 328 -15.76 23.50 13.61
CA THR B 328 -16.06 23.70 12.19
C THR B 328 -16.68 22.42 11.68
N SER B 329 -16.06 21.30 12.03
CA SER B 329 -16.55 19.98 11.63
C SER B 329 -17.96 19.68 12.14
N MET B 330 -18.25 20.05 13.39
CA MET B 330 -19.57 19.82 13.98
C MET B 330 -20.69 20.50 13.22
N LEU B 331 -20.40 21.67 12.67
CA LEU B 331 -21.42 22.49 12.04
C LEU B 331 -21.73 22.05 10.63
N TYR B 332 -20.73 21.46 9.96
CA TYR B 332 -20.83 21.15 8.52
C TYR B 332 -20.63 19.68 8.19
N HIS B 333 -21.77 18.94 8.21
CA HIS B 333 -21.80 17.51 7.91
C HIS B 333 -21.21 17.20 6.53
N GLN B 352 -26.30 24.66 4.94
CA GLN B 352 -25.70 23.35 5.25
C GLN B 352 -25.21 23.23 6.71
N VAL B 353 -25.71 24.09 7.61
CA VAL B 353 -25.34 24.00 9.02
C VAL B 353 -26.21 23.00 9.79
N ASP B 354 -25.56 22.27 10.68
CA ASP B 354 -26.20 21.28 11.55
C ASP B 354 -26.91 21.93 12.76
N GLU B 355 -28.20 22.22 12.66
CA GLU B 355 -28.86 22.94 13.76
C GLU B 355 -28.75 22.15 15.07
N ASP B 356 -28.55 20.83 14.97
CA ASP B 356 -28.39 19.98 16.15
C ASP B 356 -27.10 20.20 16.92
N ALA B 357 -25.98 20.17 16.19
CA ALA B 357 -24.65 20.38 16.78
C ALA B 357 -24.56 21.74 17.47
N LEU B 358 -24.96 22.78 16.72
CA LEU B 358 -24.89 24.15 17.22
C LEU B 358 -25.76 24.33 18.45
N THR B 359 -26.88 23.64 18.48
CA THR B 359 -27.75 23.74 19.64
C THR B 359 -27.09 23.09 20.87
N TYR B 360 -26.34 22.02 20.66
CA TYR B 360 -25.64 21.42 21.79
C TYR B 360 -24.59 22.40 22.28
N LEU B 361 -23.84 22.96 21.34
CA LEU B 361 -22.80 23.92 21.67
C LEU B 361 -23.39 25.13 22.42
N MET B 362 -24.61 25.53 22.09
CA MET B 362 -25.24 26.59 22.85
C MET B 362 -25.62 26.13 24.27
N LEU B 363 -26.20 24.94 24.38
CA LEU B 363 -26.54 24.37 25.68
C LEU B 363 -25.27 24.19 26.52
N ALA B 364 -24.18 23.77 25.89
CA ALA B 364 -22.93 23.57 26.62
C ALA B 364 -22.45 24.91 27.21
N ASN B 365 -22.28 25.91 26.33
CA ASN B 365 -21.91 27.24 26.76
C ASN B 365 -22.85 27.77 27.83
N HIS B 366 -24.14 27.63 27.61
CA HIS B 366 -25.12 28.05 28.62
C HIS B 366 -24.84 27.37 29.97
N LEU B 367 -24.67 26.04 29.90
CA LEU B 367 -24.38 25.28 31.10
C LEU B 367 -23.15 25.83 31.79
N VAL B 368 -22.03 25.90 31.07
CA VAL B 368 -20.77 26.35 31.69
C VAL B 368 -20.88 27.70 32.39
N HIS B 369 -21.51 28.66 31.72
CA HIS B 369 -21.56 30.03 32.19
C HIS B 369 -22.60 30.20 33.27
N THR B 370 -23.65 29.39 33.24
CA THR B 370 -24.66 29.42 34.28
C THR B 370 -24.11 28.92 35.62
N LEU B 371 -23.29 27.88 35.58
CA LEU B 371 -22.68 27.36 36.80
C LEU B 371 -21.59 28.28 37.33
N CYS B 372 -20.78 28.81 36.43
CA CYS B 372 -19.84 29.85 36.81
C CYS B 372 -19.67 30.87 35.70
N PRO B 373 -20.10 32.11 35.97
CA PRO B 373 -20.04 33.22 35.01
C PRO B 373 -18.62 33.54 34.59
N ASP B 374 -17.66 33.26 35.46
CA ASP B 374 -16.26 33.54 35.16
C ASP B 374 -15.58 32.47 34.33
N SER B 375 -16.29 31.38 34.06
CA SER B 375 -15.75 30.30 33.22
C SER B 375 -15.51 30.79 31.80
N ILE B 376 -14.51 30.23 31.15
CA ILE B 376 -14.08 30.69 29.82
C ILE B 376 -14.25 29.58 28.76
N THR B 377 -14.87 29.89 27.63
CA THR B 377 -14.90 28.89 26.56
C THR B 377 -14.38 29.43 25.24
N ILE B 378 -13.64 28.58 24.53
CA ILE B 378 -12.99 28.96 23.30
C ILE B 378 -13.49 28.04 22.19
N ALA B 379 -13.83 28.60 21.04
CA ALA B 379 -14.24 27.76 19.92
C ALA B 379 -13.10 27.65 18.92
N GLU B 380 -12.78 26.42 18.54
CA GLU B 380 -11.86 26.21 17.45
C GLU B 380 -12.65 26.03 16.19
N ASP B 381 -12.86 27.15 15.51
CA ASP B 381 -13.62 27.19 14.27
C ASP B 381 -12.96 28.04 13.19
N VAL B 382 -12.55 27.41 12.10
CA VAL B 382 -11.81 28.13 11.07
C VAL B 382 -12.81 28.70 10.09
N SER B 383 -14.02 28.15 10.05
CA SER B 383 -15.05 28.66 9.14
C SER B 383 -15.49 30.05 9.59
N GLY B 384 -15.37 30.35 10.88
CA GLY B 384 -15.74 31.67 11.38
C GLY B 384 -17.22 31.97 11.30
N MET B 385 -18.07 30.96 11.48
CA MET B 385 -19.51 31.17 11.41
C MET B 385 -19.96 32.36 12.27
N PRO B 386 -20.80 33.22 11.70
CA PRO B 386 -21.17 34.43 12.44
C PRO B 386 -21.86 34.18 13.76
N ALA B 387 -21.63 35.09 14.70
CA ALA B 387 -22.32 35.18 15.98
C ALA B 387 -21.97 34.01 16.91
N LEU B 388 -21.06 33.13 16.48
CA LEU B 388 -20.64 31.99 17.30
C LEU B 388 -20.01 32.39 18.61
N CYS B 389 -19.28 33.48 18.58
CA CYS B 389 -18.58 33.96 19.76
C CYS B 389 -19.31 35.16 20.36
N SER B 390 -20.60 35.26 20.09
CA SER B 390 -21.39 36.31 20.67
C SER B 390 -22.45 35.73 21.60
N PRO B 391 -22.99 36.53 22.53
CA PRO B 391 -23.95 36.03 23.53
C PRO B 391 -25.13 35.24 22.92
N ILE B 392 -25.64 34.27 23.67
CA ILE B 392 -26.75 33.47 23.20
C ILE B 392 -28.02 34.33 23.15
N SER B 393 -28.19 35.19 24.15
CA SER B 393 -29.38 36.04 24.23
C SER B 393 -29.55 36.97 23.01
N GLN B 394 -28.51 37.02 22.18
CA GLN B 394 -28.56 37.76 20.92
C GLN B 394 -28.54 36.85 19.69
N GLY B 395 -28.69 35.54 19.91
CA GLY B 395 -28.69 34.59 18.82
C GLY B 395 -27.30 34.03 18.48
N GLY B 396 -26.36 34.19 19.40
CA GLY B 396 -25.01 33.72 19.18
C GLY B 396 -24.71 32.34 19.75
N GLY B 397 -23.50 31.85 19.46
CA GLY B 397 -23.06 30.55 19.90
C GLY B 397 -22.77 30.51 21.39
N GLY B 398 -22.39 31.66 21.95
CA GLY B 398 -22.17 31.79 23.37
C GLY B 398 -20.74 31.54 23.79
N PHE B 399 -19.85 31.37 22.83
CA PHE B 399 -18.45 31.21 23.13
C PHE B 399 -17.83 32.55 23.55
N ASP B 400 -16.87 32.52 24.48
CA ASP B 400 -16.19 33.74 24.87
C ASP B 400 -15.19 34.21 23.82
N TYR B 401 -14.48 33.27 23.21
CA TYR B 401 -13.39 33.59 22.27
C TYR B 401 -13.38 32.62 21.08
N ARG B 402 -12.90 33.08 19.92
CA ARG B 402 -12.52 32.17 18.85
C ARG B 402 -11.00 32.25 18.66
N LEU B 403 -10.38 31.25 18.05
CA LEU B 403 -8.98 31.37 17.76
C LEU B 403 -8.75 32.25 16.55
N ALA B 404 -7.74 33.10 16.58
CA ALA B 404 -7.39 33.95 15.44
C ALA B 404 -6.47 33.17 14.49
N MET B 405 -7.06 32.31 13.68
CA MET B 405 -6.26 31.34 12.95
C MET B 405 -5.62 31.97 11.73
N ALA B 406 -6.11 33.13 11.31
CA ALA B 406 -5.54 33.79 10.15
C ALA B 406 -4.10 34.18 10.43
N ILE B 407 -3.76 34.37 11.71
CA ILE B 407 -2.47 34.95 12.08
C ILE B 407 -1.29 34.03 11.78
N PRO B 408 -1.33 32.78 12.26
CA PRO B 408 -0.22 31.86 11.94
C PRO B 408 -0.03 31.70 10.42
N ASP B 409 -1.12 31.76 9.67
CA ASP B 409 -1.02 31.64 8.21
C ASP B 409 -0.23 32.80 7.61
N LYS B 410 -0.47 34.02 8.10
CA LYS B 410 0.19 35.18 7.52
C LYS B 410 1.69 35.18 7.79
N TRP B 411 2.11 34.70 8.94
CA TRP B 411 3.53 34.60 9.20
C TRP B 411 4.15 33.56 8.28
N ILE B 412 3.42 32.45 8.09
CA ILE B 412 3.85 31.37 7.20
C ILE B 412 3.94 31.87 5.76
N GLN B 413 2.87 32.52 5.27
CA GLN B 413 2.89 33.03 3.92
C GLN B 413 4.13 33.89 3.65
N LEU B 414 4.33 34.93 4.44
CA LEU B 414 5.46 35.82 4.30
C LEU B 414 6.79 35.10 4.37
N LEU B 415 6.99 34.27 5.37
CA LEU B 415 8.27 33.61 5.55
C LEU B 415 8.56 32.58 4.46
N LYS B 416 7.51 32.05 3.84
CA LYS B 416 7.68 31.05 2.80
C LYS B 416 7.84 31.70 1.46
N GLU B 417 7.06 32.75 1.21
CA GLU B 417 6.90 33.30 -0.13
C GLU B 417 7.50 34.70 -0.41
N PHE B 418 8.07 35.37 0.59
CA PHE B 418 8.48 36.77 0.36
C PHE B 418 9.82 37.17 0.95
N LYS B 419 10.66 37.77 0.12
CA LYS B 419 11.89 38.37 0.64
C LYS B 419 11.48 39.42 1.68
N ASP B 420 12.35 39.66 2.66
CA ASP B 420 12.02 40.58 3.73
C ASP B 420 11.67 41.97 3.21
N GLU B 421 12.26 42.32 2.05
CA GLU B 421 12.05 43.63 1.46
C GLU B 421 10.68 43.78 0.86
N ASP B 422 9.98 42.68 0.66
CA ASP B 422 8.70 42.77 -0.03
C ASP B 422 7.49 42.55 0.89
N TRP B 423 7.72 42.49 2.22
CA TRP B 423 6.61 42.36 3.19
C TRP B 423 5.71 43.59 3.18
N ASN B 424 4.40 43.38 3.13
CA ASN B 424 3.48 44.49 3.21
C ASN B 424 2.99 44.74 4.64
N MET B 425 3.44 45.86 5.22
CA MET B 425 3.06 46.26 6.57
C MET B 425 1.55 46.38 6.69
N GLY B 426 0.93 46.99 5.68
CA GLY B 426 -0.52 47.16 5.69
C GLY B 426 -1.27 45.85 5.79
N ASP B 427 -0.75 44.83 5.10
CA ASP B 427 -1.30 43.47 5.16
C ASP B 427 -1.16 42.86 6.55
N ILE B 428 0.02 43.03 7.15
CA ILE B 428 0.28 42.49 8.47
C ILE B 428 -0.69 43.11 9.46
N VAL B 429 -0.85 44.42 9.39
CA VAL B 429 -1.74 45.12 10.31
C VAL B 429 -3.17 44.66 10.14
N TYR B 430 -3.57 44.41 8.90
CA TYR B 430 -4.94 43.99 8.58
C TYR B 430 -5.26 42.65 9.19
N THR B 431 -4.33 41.72 9.01
CA THR B 431 -4.45 40.36 9.51
C THR B 431 -4.51 40.37 11.04
N LEU B 432 -3.79 41.30 11.65
CA LEU B 432 -3.71 41.34 13.09
C LEU B 432 -4.90 42.05 13.70
N THR B 433 -5.52 42.98 12.96
CA THR B 433 -6.57 43.79 13.59
C THR B 433 -7.98 43.42 13.16
N ASN B 434 -8.07 42.61 12.13
CA ASN B 434 -9.35 42.28 11.54
C ASN B 434 -10.21 41.38 12.44
N ARG B 435 -11.38 41.87 12.86
CA ARG B 435 -12.26 41.08 13.72
C ARG B 435 -13.76 41.21 13.38
N GLU B 439 -16.05 40.45 17.82
CA GLU B 439 -15.83 39.14 18.48
C GLU B 439 -14.41 38.94 18.98
N LYS B 440 -14.30 38.64 20.28
CA LYS B 440 -13.02 38.40 20.92
C LYS B 440 -12.30 37.16 20.38
N CYS B 441 -10.99 37.30 20.18
CA CYS B 441 -10.20 36.18 19.72
C CYS B 441 -8.89 36.03 20.47
N ILE B 442 -8.32 34.82 20.42
CA ILE B 442 -7.05 34.49 21.04
C ILE B 442 -5.98 34.45 19.97
N ALA B 443 -4.98 35.32 20.08
CA ALA B 443 -3.94 35.39 19.07
C ALA B 443 -2.70 34.55 19.43
N TYR B 444 -2.12 33.93 18.43
CA TYR B 444 -0.88 33.16 18.56
C TYR B 444 -0.09 33.27 17.27
N ALA B 445 1.24 33.14 17.34
CA ALA B 445 2.05 33.26 16.14
C ALA B 445 2.14 31.95 15.36
N GLU B 446 2.16 30.83 16.08
CA GLU B 446 2.23 29.51 15.45
C GLU B 446 1.40 28.53 16.25
N SER B 447 0.84 27.55 15.55
CA SER B 447 -0.06 26.59 16.17
C SER B 447 0.72 25.39 16.66
N HIS B 448 0.05 24.53 17.42
CA HIS B 448 0.67 23.28 17.86
C HIS B 448 0.84 22.38 16.63
N ASP B 449 -0.07 22.48 15.66
CA ASP B 449 0.04 21.70 14.44
C ASP B 449 1.32 22.00 13.69
N GLN B 450 1.87 23.19 13.88
CA GLN B 450 3.09 23.58 13.18
C GLN B 450 4.36 23.05 13.85
N ALA B 451 4.22 22.47 15.04
CA ALA B 451 5.40 21.99 15.74
C ALA B 451 5.67 20.54 15.33
N LEU B 452 4.73 20.01 14.55
CA LEU B 452 4.71 18.61 14.17
C LEU B 452 5.68 18.24 13.05
N VAL B 453 5.79 16.94 12.80
CA VAL B 453 6.83 16.33 11.97
C VAL B 453 6.93 16.86 10.53
N GLY B 454 5.80 16.89 9.82
CA GLY B 454 5.83 17.25 8.41
C GLY B 454 5.89 18.73 8.12
N ASP B 455 6.14 19.52 9.16
CA ASP B 455 5.92 20.96 9.12
C ASP B 455 7.13 21.74 9.64
N LYS B 456 7.01 23.06 9.62
CA LYS B 456 8.09 23.94 10.04
C LYS B 456 7.62 24.91 11.12
N SER B 457 8.40 25.00 12.18
CA SER B 457 8.17 25.98 13.23
C SER B 457 8.67 27.33 12.78
N LEU B 458 8.23 28.38 13.48
CA LEU B 458 8.72 29.73 13.24
C LEU B 458 10.21 29.76 13.38
N ALA B 459 10.72 29.10 14.44
CA ALA B 459 12.15 29.06 14.69
C ALA B 459 12.85 28.43 13.50
N PHE B 460 12.21 27.39 12.95
CA PHE B 460 12.80 26.70 11.82
C PHE B 460 12.66 27.50 10.51
N TRP B 461 11.53 28.14 10.31
CA TRP B 461 11.39 29.05 9.17
C TRP B 461 12.47 30.14 9.15
N LEU B 462 12.93 30.56 10.33
CA LEU B 462 13.81 31.72 10.43
C LEU B 462 15.30 31.43 10.42
N MET B 463 15.67 30.26 10.90
CA MET B 463 17.07 29.94 11.17
C MET B 463 17.47 28.65 10.48
N ASP B 464 16.45 27.95 9.99
CA ASP B 464 16.61 26.70 9.27
C ASP B 464 17.75 25.86 9.85
N ALA B 465 18.66 25.43 8.99
CA ALA B 465 19.73 24.51 9.36
C ALA B 465 20.71 25.09 10.38
N GLU B 466 20.80 26.42 10.48
CA GLU B 466 21.74 27.02 11.41
C GLU B 466 21.37 26.84 12.88
N MET B 467 20.20 26.24 13.13
CA MET B 467 19.75 25.98 14.49
C MET B 467 20.63 24.93 15.16
N TYR B 468 21.34 24.12 14.37
CA TYR B 468 22.18 23.07 14.94
C TYR B 468 23.65 23.44 14.88
N THR B 469 23.95 24.50 14.15
CA THR B 469 25.33 24.88 13.93
C THR B 469 25.74 26.08 14.77
N ASN B 470 24.86 27.06 14.85
CA ASN B 470 25.20 28.34 15.49
C ASN B 470 24.23 28.79 16.57
N MET B 471 23.67 27.85 17.32
CA MET B 471 22.81 28.27 18.41
C MET B 471 23.63 28.34 19.68
N SER B 472 24.93 28.12 19.54
CA SER B 472 25.84 28.18 20.67
C SER B 472 26.47 29.56 20.82
N VAL B 473 26.56 30.04 22.06
CA VAL B 473 27.18 31.32 22.34
C VAL B 473 28.67 31.27 21.99
N LEU B 474 29.17 30.04 21.81
CA LEU B 474 30.57 29.80 21.50
C LEU B 474 30.82 29.78 19.99
N THR B 475 29.75 29.96 19.22
CA THR B 475 29.86 30.00 17.76
C THR B 475 29.71 31.42 17.24
N PRO B 476 29.99 31.64 15.96
CA PRO B 476 29.81 32.96 15.36
C PRO B 476 28.35 33.39 15.39
N PHE B 477 28.10 34.62 15.78
CA PHE B 477 26.76 35.21 15.71
C PHE B 477 26.46 35.64 14.27
N THR B 478 26.18 34.68 13.41
CA THR B 478 26.03 34.93 11.98
C THR B 478 24.86 35.82 11.66
N PRO B 479 24.81 36.34 10.43
CA PRO B 479 23.67 37.17 10.05
C PRO B 479 22.38 36.37 10.00
N VAL B 480 22.47 35.06 9.77
CA VAL B 480 21.27 34.19 9.75
C VAL B 480 20.63 34.02 11.14
N ILE B 481 21.46 33.64 12.11
CA ILE B 481 21.04 33.49 13.50
C ILE B 481 20.65 34.84 14.17
N ASP B 482 21.37 35.91 13.82
CA ASP B 482 21.01 37.25 14.27
C ASP B 482 19.63 37.62 13.75
N ARG B 483 19.41 37.49 12.45
CA ARG B 483 18.12 37.84 11.86
C ARG B 483 17.00 37.02 12.50
N GLY B 484 17.27 35.74 12.69
CA GLY B 484 16.32 34.82 13.28
C GLY B 484 15.85 35.20 14.67
N ILE B 485 16.81 35.44 15.56
CA ILE B 485 16.47 35.85 16.90
C ILE B 485 15.59 37.12 16.87
N GLN B 486 15.94 38.07 16.02
CA GLN B 486 15.22 39.33 16.00
C GLN B 486 13.77 39.17 15.53
N LEU B 487 13.54 38.48 14.43
CA LEU B 487 12.17 38.38 13.92
C LEU B 487 11.27 37.53 14.81
N HIS B 488 11.87 36.52 15.43
CA HIS B 488 11.14 35.65 16.32
C HIS B 488 10.53 36.46 17.47
N LYS B 489 11.30 37.42 17.99
CA LYS B 489 10.82 38.32 19.07
C LYS B 489 9.79 39.31 18.54
N MET B 490 10.09 39.92 17.42
CA MET B 490 9.23 40.97 16.88
C MET B 490 7.89 40.40 16.48
N ILE B 491 7.90 39.22 15.85
CA ILE B 491 6.67 38.56 15.42
C ILE B 491 5.80 38.18 16.64
N ARG B 492 6.43 37.70 17.71
CA ARG B 492 5.66 37.35 18.89
C ARG B 492 5.05 38.59 19.53
N LEU B 493 5.85 39.63 19.68
CA LEU B 493 5.41 40.86 20.32
C LEU B 493 4.33 41.56 19.51
N ILE B 494 4.52 41.70 18.19
CA ILE B 494 3.51 42.37 17.39
C ILE B 494 2.20 41.61 17.46
N THR B 495 2.29 40.28 17.35
CA THR B 495 1.11 39.41 17.55
C THR B 495 0.50 39.62 18.92
N HIS B 496 1.35 39.61 19.95
CA HIS B 496 0.91 39.73 21.35
C HIS B 496 0.18 41.07 21.57
N GLY B 497 0.72 42.14 21.00
CA GLY B 497 0.15 43.46 21.24
C GLY B 497 -1.01 43.86 20.36
N LEU B 498 -1.06 43.36 19.15
CA LEU B 498 -2.04 43.86 18.22
C LEU B 498 -3.07 42.78 17.82
N GLY B 499 -2.68 41.50 17.94
CA GLY B 499 -3.39 40.40 17.30
C GLY B 499 -4.75 39.96 17.84
N GLY B 500 -4.98 40.15 19.13
CA GLY B 500 -6.22 39.68 19.71
C GLY B 500 -6.46 40.18 21.11
N GLU B 501 -7.38 39.53 21.80
CA GLU B 501 -7.78 39.91 23.15
C GLU B 501 -7.31 38.84 24.12
N GLY B 502 -6.46 37.97 23.61
CA GLY B 502 -5.81 36.95 24.41
C GLY B 502 -4.60 36.44 23.64
N TYR B 503 -3.64 35.87 24.34
CA TYR B 503 -2.46 35.34 23.68
C TYR B 503 -2.32 33.87 24.00
N LEU B 504 -1.83 33.12 23.02
CA LEU B 504 -1.55 31.71 23.21
C LEU B 504 -0.13 31.38 22.72
N ASN B 505 0.46 30.39 23.38
CA ASN B 505 1.80 29.94 23.11
C ASN B 505 1.85 28.43 23.34
N PHE B 506 2.27 27.67 22.33
CA PHE B 506 2.37 26.24 22.54
C PHE B 506 3.72 25.88 23.18
N MET B 507 3.67 24.93 24.10
CA MET B 507 4.85 24.45 24.82
C MET B 507 6.15 24.38 24.04
N GLY B 508 7.11 25.23 24.40
CA GLY B 508 8.44 25.18 23.81
C GLY B 508 8.74 26.28 22.83
N ASN B 509 7.72 26.76 22.14
CA ASN B 509 7.89 27.80 21.15
C ASN B 509 8.25 29.14 21.77
N GLU B 510 8.13 29.27 23.10
CA GLU B 510 8.46 30.55 23.74
C GLU B 510 9.95 30.79 23.72
N PHE B 511 10.74 29.74 23.50
CA PHE B 511 12.19 29.93 23.39
C PHE B 511 12.74 29.41 22.06
N GLY B 512 11.86 29.20 21.09
CA GLY B 512 12.29 28.77 19.77
C GLY B 512 12.79 27.35 19.77
N HIS B 513 11.98 26.46 20.33
CA HIS B 513 12.35 25.06 20.47
C HIS B 513 12.79 24.52 19.12
N PRO B 514 13.97 23.90 19.09
CA PRO B 514 14.55 23.44 17.83
C PRO B 514 13.86 22.21 17.31
N GLU B 515 14.31 21.71 16.17
CA GLU B 515 13.82 20.45 15.62
C GLU B 515 12.32 20.48 15.50
N TRP B 516 11.68 19.34 15.77
CA TRP B 516 10.21 19.24 15.63
C TRP B 516 9.61 18.27 16.65
N LEU B 517 8.29 18.14 16.61
CA LEU B 517 7.57 17.26 17.53
C LEU B 517 6.94 16.09 16.81
N ASP B 518 7.05 14.88 17.36
CA ASP B 518 6.41 13.72 16.75
C ASP B 518 6.18 12.62 17.76
N PHE B 519 5.12 11.84 17.55
CA PHE B 519 4.69 10.78 18.46
C PHE B 519 4.96 9.35 17.93
N PRO B 520 5.06 8.36 18.84
CA PRO B 520 5.21 6.96 18.43
C PRO B 520 4.04 6.47 17.56
N ARG B 521 4.37 5.84 16.43
CA ARG B 521 3.37 5.37 15.46
C ARG B 521 4.01 4.39 14.47
N LYS B 522 3.22 3.97 13.48
CA LYS B 522 3.74 3.10 12.45
C LYS B 522 4.94 3.76 11.80
N GLY B 523 4.72 4.96 11.27
CA GLY B 523 5.72 5.71 10.52
C GLY B 523 7.12 5.88 11.06
N ASN B 524 7.35 5.53 12.32
CA ASN B 524 8.71 5.67 12.89
C ASN B 524 9.08 4.52 13.82
N ASN B 525 8.36 3.41 13.67
CA ASN B 525 8.62 2.18 14.43
C ASN B 525 8.52 2.47 15.93
N GLU B 526 7.39 3.07 16.32
CA GLU B 526 7.07 3.44 17.71
C GLU B 526 8.19 4.22 18.40
N SER B 527 8.73 5.23 17.72
CA SER B 527 9.80 6.05 18.27
C SER B 527 9.29 7.21 19.14
N TYR B 528 9.87 7.34 20.32
CA TYR B 528 9.58 8.46 21.20
C TYR B 528 10.64 9.57 21.12
N HIS B 529 11.54 9.50 20.16
CA HIS B 529 12.68 10.41 20.20
C HIS B 529 12.29 11.87 20.07
N TYR B 530 11.25 12.18 19.31
CA TYR B 530 10.87 13.58 19.16
C TYR B 530 9.58 13.89 19.92
N ALA B 531 9.16 12.93 20.75
CA ALA B 531 7.96 13.06 21.58
C ALA B 531 8.32 13.60 22.97
N ARG B 532 9.04 14.72 22.98
CA ARG B 532 9.51 15.32 24.20
C ARG B 532 9.60 16.83 24.06
N ARG B 533 10.13 17.49 25.08
CA ARG B 533 10.34 18.95 25.10
C ARG B 533 11.66 19.22 25.80
N GLN B 534 12.59 19.88 25.11
CA GLN B 534 13.92 20.12 25.65
C GLN B 534 14.03 21.34 26.56
N PHE B 535 13.26 21.35 27.63
CA PHE B 535 13.20 22.52 28.49
C PHE B 535 14.55 22.97 29.00
N HIS B 536 15.52 22.07 29.05
CA HIS B 536 16.84 22.42 29.59
C HIS B 536 17.63 23.37 28.67
N LEU B 537 17.24 23.46 27.40
CA LEU B 537 17.94 24.32 26.46
C LEU B 537 18.02 25.78 26.95
N THR B 538 17.02 26.21 27.72
CA THR B 538 16.98 27.58 28.22
C THR B 538 17.86 27.83 29.45
N ASP B 539 18.29 26.75 30.09
CA ASP B 539 19.05 26.84 31.34
C ASP B 539 20.56 26.80 31.11
N ASP B 540 20.96 26.50 29.88
CA ASP B 540 22.38 26.42 29.51
C ASP B 540 22.88 27.80 29.13
N ASP B 541 23.82 28.34 29.91
CA ASP B 541 24.37 29.68 29.67
C ASP B 541 25.09 29.74 28.32
N LEU B 542 25.48 28.58 27.81
CA LEU B 542 26.28 28.47 26.59
C LEU B 542 25.44 28.42 25.32
N LEU B 543 24.12 28.42 25.48
CA LEU B 543 23.25 28.36 24.32
C LEU B 543 22.47 29.68 24.19
N ARG B 544 21.93 29.92 23.00
CA ARG B 544 21.33 31.22 22.73
C ARG B 544 19.81 31.18 22.87
N TYR B 545 19.26 30.00 23.14
CA TYR B 545 17.83 29.90 23.42
C TYR B 545 17.36 30.80 24.56
N LYS B 546 18.20 30.97 25.59
CA LYS B 546 17.83 31.78 26.76
C LYS B 546 17.35 33.17 26.35
N PHE B 547 17.85 33.65 25.22
CA PHE B 547 17.49 34.98 24.73
C PHE B 547 16.01 35.04 24.41
N LEU B 548 15.52 34.05 23.66
CA LEU B 548 14.11 34.03 23.27
C LEU B 548 13.20 33.74 24.48
N ASN B 549 13.66 32.89 25.40
CA ASN B 549 12.90 32.63 26.62
C ASN B 549 12.82 33.90 27.47
N ASN B 550 13.96 34.60 27.60
CA ASN B 550 13.98 35.83 28.37
C ASN B 550 13.04 36.85 27.79
N PHE B 551 12.97 36.90 26.47
CA PHE B 551 12.10 37.86 25.83
C PHE B 551 10.64 37.53 26.14
N ASP B 552 10.31 36.24 26.18
CA ASP B 552 8.95 35.86 26.41
C ASP B 552 8.53 36.28 27.83
N ARG B 553 9.40 36.00 28.79
CA ARG B 553 9.08 36.29 30.19
C ARG B 553 8.77 37.77 30.40
N ASP B 554 9.55 38.65 29.79
CA ASP B 554 9.42 40.08 29.99
C ASP B 554 8.21 40.63 29.26
N MET B 555 7.94 40.06 28.09
CA MET B 555 6.79 40.46 27.29
C MET B 555 5.48 40.24 28.04
N ASN B 556 5.35 39.06 28.63
CA ASN B 556 4.13 38.73 29.36
C ASN B 556 4.07 39.49 30.67
N ARG B 557 5.22 39.65 31.33
CA ARG B 557 5.27 40.44 32.55
C ARG B 557 4.91 41.87 32.24
N LEU B 558 5.27 42.32 31.06
CA LEU B 558 4.95 43.68 30.70
C LEU B 558 3.44 43.87 30.52
N GLU B 559 2.80 42.89 29.86
CA GLU B 559 1.36 42.92 29.61
C GLU B 559 0.57 42.80 30.90
N GLU B 560 1.06 42.01 31.85
CA GLU B 560 0.40 41.94 33.16
C GLU B 560 0.39 43.33 33.79
N ARG B 561 1.45 44.10 33.58
CA ARG B 561 1.52 45.43 34.17
C ARG B 561 0.59 46.43 33.47
N TYR B 562 0.56 46.43 32.15
CA TYR B 562 -0.14 47.47 31.42
C TYR B 562 -1.48 47.00 30.82
N GLY B 563 -1.65 45.69 30.68
CA GLY B 563 -2.93 45.13 30.28
C GLY B 563 -3.42 45.51 28.89
N TRP B 564 -2.57 45.37 27.87
CA TRP B 564 -2.95 45.82 26.53
C TRP B 564 -3.95 44.85 25.85
N LEU B 565 -4.01 43.60 26.33
CA LEU B 565 -4.94 42.65 25.75
C LEU B 565 -6.38 43.02 26.05
N ALA B 566 -6.61 43.60 27.23
CA ALA B 566 -7.96 43.92 27.65
C ALA B 566 -8.32 45.35 27.25
N ALA B 567 -7.34 46.03 26.68
CA ALA B 567 -7.49 47.41 26.24
C ALA B 567 -8.35 47.44 25.00
N PRO B 568 -8.86 48.63 24.65
CA PRO B 568 -9.55 48.80 23.36
C PRO B 568 -8.60 48.50 22.21
N GLN B 569 -9.13 48.37 20.99
CA GLN B 569 -8.29 48.13 19.83
C GLN B 569 -7.30 49.28 19.65
N ALA B 570 -6.07 48.95 19.27
CA ALA B 570 -5.03 49.96 19.08
C ALA B 570 -5.36 50.96 17.99
N TYR B 571 -4.78 52.15 18.11
CA TYR B 571 -4.79 53.14 17.05
C TYR B 571 -3.46 53.06 16.30
N VAL B 572 -3.50 52.51 15.10
CA VAL B 572 -2.29 52.38 14.27
C VAL B 572 -1.97 53.68 13.52
N SER B 573 -0.87 54.33 13.87
CA SER B 573 -0.52 55.60 13.21
C SER B 573 0.36 55.39 11.97
N GLU B 574 1.06 54.27 11.88
CA GLU B 574 1.93 54.10 10.71
C GLU B 574 2.08 52.65 10.23
N LYS B 575 1.80 52.48 8.95
CA LYS B 575 2.08 51.24 8.24
C LYS B 575 2.82 51.61 6.94
N HIS B 576 4.06 52.05 7.11
CA HIS B 576 4.87 52.62 6.02
C HIS B 576 5.62 51.57 5.23
N GLU B 577 5.17 51.35 4.00
CA GLU B 577 5.74 50.31 3.16
C GLU B 577 7.19 50.58 2.79
N GLY B 578 7.56 51.86 2.68
CA GLY B 578 8.92 52.20 2.31
C GLY B 578 9.92 51.82 3.38
N ASN B 579 9.74 52.37 4.58
CA ASN B 579 10.65 52.12 5.71
C ASN B 579 10.44 50.81 6.45
N LYS B 580 9.33 50.13 6.20
CA LYS B 580 9.02 48.90 6.92
C LYS B 580 8.86 49.22 8.41
N ILE B 581 8.08 50.26 8.68
CA ILE B 581 7.76 50.66 10.04
C ILE B 581 6.27 50.50 10.32
N ILE B 582 5.96 49.86 11.45
CA ILE B 582 4.62 49.85 12.04
C ILE B 582 4.64 50.53 13.41
N ALA B 583 3.74 51.48 13.59
CA ALA B 583 3.64 52.14 14.88
C ALA B 583 2.19 52.24 15.29
N PHE B 584 1.93 51.94 16.55
CA PHE B 584 0.57 52.03 17.04
C PHE B 584 0.64 52.22 18.54
N GLU B 585 -0.49 52.61 19.10
CA GLU B 585 -0.61 52.79 20.53
C GLU B 585 -1.69 51.85 21.06
N ARG B 586 -1.43 51.25 22.22
CA ARG B 586 -2.48 50.51 22.90
C ARG B 586 -2.30 50.57 24.42
N ALA B 587 -3.36 50.86 25.16
CA ALA B 587 -3.25 50.95 26.61
C ALA B 587 -2.23 51.99 27.11
N GLY B 588 -2.11 53.10 26.38
CA GLY B 588 -1.21 54.19 26.74
C GLY B 588 0.25 54.03 26.29
N LEU B 589 0.65 52.79 26.01
CA LEU B 589 2.00 52.49 25.54
C LEU B 589 2.17 52.77 24.04
N LEU B 590 3.41 53.03 23.64
CA LEU B 590 3.76 53.33 22.26
C LEU B 590 4.55 52.18 21.65
N PHE B 591 3.98 51.56 20.61
CA PHE B 591 4.63 50.44 19.94
C PHE B 591 5.25 50.89 18.61
N ILE B 592 6.55 50.63 18.45
CA ILE B 592 7.25 50.99 17.22
C ILE B 592 8.06 49.78 16.72
N PHE B 593 7.66 49.27 15.57
CA PHE B 593 8.36 48.13 14.96
C PHE B 593 9.12 48.57 13.70
N ASN B 594 10.41 48.24 13.67
CA ASN B 594 11.25 48.51 12.50
C ASN B 594 11.55 47.18 11.81
N PHE B 595 10.77 46.87 10.78
CA PHE B 595 10.97 45.59 10.12
C PHE B 595 11.91 45.64 8.91
N HIS B 596 12.46 46.82 8.63
CA HIS B 596 13.32 46.92 7.46
C HIS B 596 14.53 46.03 7.72
N PRO B 597 14.87 45.22 6.72
CA PRO B 597 15.92 44.21 6.84
C PRO B 597 17.31 44.80 6.91
N SER B 598 17.48 46.10 6.63
CA SER B 598 18.83 46.69 6.69
C SER B 598 18.91 48.13 7.22
N LYS B 599 17.95 48.98 6.87
CA LYS B 599 18.06 50.40 7.23
C LYS B 599 17.76 50.64 8.72
N SER B 600 18.52 51.53 9.35
CA SER B 600 18.21 51.94 10.71
C SER B 600 17.92 53.43 10.66
N TYR B 601 17.14 53.92 11.62
CA TYR B 601 16.60 55.27 11.56
C TYR B 601 16.98 56.06 12.81
N THR B 602 17.46 57.29 12.66
CA THR B 602 18.06 57.98 13.80
C THR B 602 17.16 59.04 14.43
N ASP B 603 16.50 59.85 13.62
CA ASP B 603 15.57 60.78 14.22
C ASP B 603 14.21 60.61 13.60
N TYR B 604 13.65 59.41 13.81
CA TYR B 604 12.39 59.03 13.20
C TYR B 604 11.22 59.59 13.97
N ARG B 605 10.33 60.29 13.25
CA ARG B 605 9.16 60.92 13.86
C ARG B 605 8.02 59.93 13.97
N VAL B 606 7.45 59.84 15.17
CA VAL B 606 6.37 58.92 15.45
C VAL B 606 5.23 59.66 16.15
N GLY B 607 4.00 59.41 15.70
CA GLY B 607 2.84 60.04 16.29
C GLY B 607 2.48 59.52 17.68
N THR B 608 1.81 60.36 18.46
CA THR B 608 1.34 59.98 19.80
C THR B 608 0.14 60.76 20.25
N ALA B 609 -0.61 60.17 21.17
CA ALA B 609 -1.83 60.77 21.71
C ALA B 609 -1.51 61.72 22.86
N LEU B 610 -0.49 61.39 23.66
CA LEU B 610 -0.23 62.16 24.86
C LEU B 610 1.03 63.04 24.75
N PRO B 611 0.98 64.24 25.36
CA PRO B 611 2.14 65.13 25.42
C PRO B 611 2.96 64.78 26.67
N GLY B 612 4.24 65.10 26.77
CA GLY B 612 4.94 64.81 28.01
C GLY B 612 6.27 64.11 27.80
N LYS B 613 6.66 63.34 28.82
CA LYS B 613 7.89 62.55 28.84
C LYS B 613 7.63 61.05 28.65
N PHE B 614 8.31 60.44 27.69
CA PHE B 614 8.21 59.01 27.42
C PHE B 614 9.47 58.24 27.82
N LYS B 615 9.31 57.00 28.26
CA LYS B 615 10.46 56.12 28.54
C LYS B 615 10.29 54.75 27.85
N ILE B 616 11.41 54.22 27.38
CA ILE B 616 11.48 52.89 26.82
C ILE B 616 11.19 51.89 27.92
N VAL B 617 10.15 51.09 27.77
CA VAL B 617 9.87 50.04 28.74
C VAL B 617 10.18 48.65 28.22
N LEU B 618 10.28 48.49 26.90
CA LEU B 618 10.77 47.22 26.38
C LEU B 618 11.46 47.41 25.03
N ASP B 619 12.59 46.72 24.90
CA ASP B 619 13.49 46.92 23.79
C ASP B 619 14.07 45.57 23.31
N SER B 620 13.72 45.15 22.10
CA SER B 620 14.17 43.83 21.67
C SER B 620 15.67 43.78 21.45
N ASP B 621 16.32 44.94 21.52
CA ASP B 621 17.75 45.02 21.28
C ASP B 621 18.58 44.86 22.56
N ALA B 622 17.94 44.81 23.71
CA ALA B 622 18.68 44.62 24.95
C ALA B 622 19.55 43.38 24.88
N ALA B 623 20.68 43.37 25.57
CA ALA B 623 21.59 42.26 25.44
C ALA B 623 20.95 40.98 25.93
N GLU B 624 20.12 41.09 26.95
CA GLU B 624 19.51 39.91 27.56
C GLU B 624 18.53 39.22 26.62
N TYR B 625 18.21 39.87 25.50
CA TYR B 625 17.30 39.29 24.52
C TYR B 625 18.01 38.81 23.26
N GLY B 626 19.33 38.90 23.26
CA GLY B 626 20.12 38.55 22.09
C GLY B 626 20.22 39.71 21.09
N GLY B 627 20.18 40.93 21.61
CA GLY B 627 20.30 42.12 20.79
C GLY B 627 21.72 42.65 20.75
N HIS B 628 21.88 43.89 20.34
CA HIS B 628 23.21 44.47 20.22
C HIS B 628 23.39 45.60 21.22
N GLN B 629 22.36 45.83 22.03
CA GLN B 629 22.42 46.74 23.15
C GLN B 629 22.69 48.14 22.63
N ARG B 630 22.04 48.48 21.51
CA ARG B 630 22.27 49.76 20.85
C ARG B 630 21.52 50.94 21.44
N LEU B 631 20.55 50.69 22.32
CA LEU B 631 19.75 51.78 22.89
C LEU B 631 20.07 52.01 24.36
N ASP B 632 20.13 53.29 24.74
CA ASP B 632 20.31 53.70 26.14
C ASP B 632 18.96 54.02 26.76
N HIS B 633 18.56 53.15 27.69
CA HIS B 633 17.23 53.17 28.28
C HIS B 633 17.02 54.39 29.18
N SER B 634 18.10 55.15 29.35
CA SER B 634 18.09 56.36 30.15
C SER B 634 17.57 57.56 29.36
N THR B 635 17.59 57.41 28.04
CA THR B 635 17.13 58.46 27.13
C THR B 635 15.69 58.88 27.41
N ASP B 636 15.51 60.16 27.69
CA ASP B 636 14.19 60.73 27.84
C ASP B 636 13.64 61.10 26.47
N PHE B 637 12.37 60.75 26.24
CA PHE B 637 11.71 61.11 24.99
C PHE B 637 10.61 62.11 25.27
N PHE B 638 10.75 63.31 24.73
CA PHE B 638 9.78 64.36 25.02
C PHE B 638 8.97 64.54 23.75
N SER B 639 7.67 64.60 23.92
CA SER B 639 6.78 64.77 22.78
C SER B 639 6.42 66.23 22.58
N GLU B 640 6.63 66.67 21.34
CA GLU B 640 6.42 68.07 20.99
C GLU B 640 5.01 68.29 20.44
N ALA B 641 4.59 69.55 20.41
CA ALA B 641 3.33 69.91 19.79
C ALA B 641 3.56 69.95 18.30
N PHE B 642 3.33 68.84 17.63
CA PHE B 642 3.62 68.73 16.21
C PHE B 642 2.70 67.67 15.62
N GLU B 643 1.63 68.07 14.92
CA GLU B 643 0.73 67.07 14.38
C GLU B 643 1.47 66.17 13.39
N HIS B 644 1.30 64.86 13.54
CA HIS B 644 1.98 63.88 12.69
C HIS B 644 1.23 62.55 12.63
N ASN B 645 0.93 62.12 11.40
CA ASN B 645 0.20 60.88 11.15
C ASN B 645 -1.14 60.76 11.85
N GLY B 646 -1.85 61.88 12.00
CA GLY B 646 -3.18 61.82 12.61
C GLY B 646 -3.10 61.70 14.13
N ARG B 647 -1.94 62.02 14.67
CA ARG B 647 -1.78 62.15 16.11
C ARG B 647 -1.41 63.62 16.40
N PRO B 648 -1.89 64.16 17.54
CA PRO B 648 -1.61 65.56 17.86
C PRO B 648 -0.17 65.86 18.26
N TYR B 649 0.58 64.87 18.74
CA TYR B 649 1.94 65.10 19.19
C TYR B 649 2.91 64.13 18.51
N SER B 650 4.21 64.36 18.68
CA SER B 650 5.26 63.55 18.04
C SER B 650 6.46 63.36 18.95
N LEU B 651 7.15 62.23 18.79
CA LEU B 651 8.46 62.05 19.40
C LEU B 651 9.44 61.86 18.25
N LEU B 652 10.73 61.97 18.52
CA LEU B 652 11.72 61.57 17.55
C LEU B 652 12.46 60.42 18.20
N VAL B 653 12.51 59.29 17.52
CA VAL B 653 13.08 58.09 18.11
C VAL B 653 14.22 57.48 17.30
N TYR B 654 15.07 56.71 17.96
CA TYR B 654 16.07 55.90 17.25
C TYR B 654 15.73 54.43 17.35
N ILE B 655 15.55 53.82 16.18
CA ILE B 655 15.14 52.43 16.12
C ILE B 655 15.92 51.71 15.01
N PRO B 656 16.83 50.82 15.43
CA PRO B 656 17.69 50.04 14.52
C PRO B 656 16.90 49.00 13.71
N SER B 657 17.50 48.56 12.61
CA SER B 657 16.93 47.51 11.78
C SER B 657 16.58 46.26 12.60
N ARG B 658 15.34 45.82 12.43
CA ARG B 658 14.80 44.64 13.09
C ARG B 658 14.84 44.80 14.60
N VAL B 659 14.24 45.90 15.07
CA VAL B 659 14.08 46.15 16.50
C VAL B 659 12.64 46.56 16.84
N ALA B 660 12.15 46.12 17.98
CA ALA B 660 10.85 46.57 18.45
C ALA B 660 11.01 47.36 19.74
N LEU B 661 10.23 48.44 19.84
CA LEU B 661 10.25 49.33 21.01
C LEU B 661 8.86 49.58 21.58
N ILE B 662 8.78 49.50 22.90
CA ILE B 662 7.60 49.97 23.61
C ILE B 662 7.97 51.11 24.55
N LEU B 663 7.31 52.25 24.36
CA LEU B 663 7.55 53.42 25.21
C LEU B 663 6.32 53.73 26.06
N GLN B 664 6.55 54.02 27.34
CA GLN B 664 5.49 54.40 28.27
C GLN B 664 5.56 55.88 28.60
N ASN B 665 4.41 56.50 28.76
CA ASN B 665 4.40 57.87 29.21
C ASN B 665 4.53 57.94 30.74
N VAL B 666 5.54 58.67 31.21
CA VAL B 666 5.84 58.85 32.63
C VAL B 666 5.44 60.24 33.11
N ASP B 667 5.62 60.52 34.39
CA ASP B 667 5.26 61.85 34.90
C ASP B 667 6.44 62.79 35.02
N LEU B 668 6.23 63.98 34.47
CA LEU B 668 7.25 65.02 34.39
C LEU B 668 7.87 65.35 35.76
N PHE C 13 23.97 -27.36 -12.83
CA PHE C 13 25.26 -26.69 -12.91
C PHE C 13 26.00 -27.05 -14.21
N GLN C 14 25.74 -28.26 -14.73
CA GLN C 14 26.22 -28.65 -16.05
C GLN C 14 25.47 -27.80 -17.06
N ARG C 15 24.18 -27.59 -16.79
CA ARG C 15 23.28 -26.80 -17.64
C ARG C 15 23.69 -25.32 -17.65
N ARG C 16 24.02 -24.79 -16.48
CA ARG C 16 24.41 -23.39 -16.40
C ARG C 16 25.66 -23.06 -17.19
N TYR C 17 26.68 -23.91 -17.13
CA TYR C 17 27.93 -23.64 -17.83
C TYR C 17 27.76 -23.91 -19.33
N LYS C 18 26.89 -24.86 -19.66
CA LYS C 18 26.60 -25.13 -21.06
C LYS C 18 25.93 -23.90 -21.67
N GLN C 19 24.99 -23.31 -20.93
CA GLN C 19 24.25 -22.14 -21.40
C GLN C 19 25.11 -20.88 -21.44
N PHE C 20 25.85 -20.65 -20.37
CA PHE C 20 26.81 -19.55 -20.34
C PHE C 20 27.70 -19.58 -21.57
N SER C 21 28.31 -20.74 -21.81
CA SER C 21 29.27 -20.94 -22.89
C SER C 21 28.65 -20.71 -24.26
N GLN C 22 27.37 -21.00 -24.37
CA GLN C 22 26.63 -20.85 -25.61
C GLN C 22 26.45 -19.37 -25.95
N ILE C 23 25.94 -18.60 -25.00
CA ILE C 23 25.79 -17.16 -25.20
C ILE C 23 27.14 -16.53 -25.50
N LEU C 24 28.17 -16.91 -24.74
CA LEU C 24 29.50 -16.38 -24.98
C LEU C 24 30.03 -16.73 -26.37
N LYS C 25 29.63 -17.90 -26.89
CA LYS C 25 30.08 -18.34 -28.20
C LYS C 25 29.45 -17.43 -29.21
N ASN C 26 28.21 -17.07 -28.94
CA ASN C 26 27.44 -16.21 -29.81
C ASN C 26 28.04 -14.82 -29.88
N ILE C 27 28.46 -14.32 -28.72
CA ILE C 27 29.14 -13.05 -28.65
C ILE C 27 30.38 -13.11 -29.53
N GLY C 28 30.94 -14.30 -29.64
CA GLY C 28 32.08 -14.52 -30.49
C GLY C 28 31.71 -14.42 -31.97
N GLU C 29 30.59 -15.03 -32.36
CA GLU C 29 30.19 -15.11 -33.76
C GLU C 29 29.46 -13.86 -34.23
N ASN C 30 28.76 -13.23 -33.29
CA ASN C 30 27.90 -12.12 -33.64
C ASN C 30 28.47 -10.74 -33.31
N GLU C 31 29.35 -10.65 -32.32
CA GLU C 31 29.89 -9.34 -31.94
C GLU C 31 31.41 -9.31 -31.88
N GLY C 32 32.08 -10.38 -32.25
CA GLY C 32 33.53 -10.36 -32.29
C GLY C 32 34.30 -10.43 -30.97
N GLY C 33 33.74 -11.06 -29.95
CA GLY C 33 34.45 -11.25 -28.70
C GLY C 33 33.83 -10.41 -27.62
N ILE C 34 34.00 -10.80 -26.36
CA ILE C 34 33.31 -10.11 -25.28
C ILE C 34 33.90 -8.71 -25.06
N ASP C 35 35.15 -8.53 -25.49
CA ASP C 35 35.83 -7.23 -25.49
C ASP C 35 35.13 -6.24 -26.40
N LYS C 36 34.98 -6.57 -27.69
CA LYS C 36 34.35 -5.64 -28.62
C LYS C 36 32.89 -5.38 -28.20
N PHE C 37 32.21 -6.43 -27.78
CA PHE C 37 30.80 -6.35 -27.36
C PHE C 37 30.66 -5.33 -26.22
N SER C 38 31.62 -5.33 -25.30
CA SER C 38 31.48 -4.54 -24.09
C SER C 38 31.99 -3.10 -24.26
N ARG C 39 32.28 -2.72 -25.50
CA ARG C 39 32.70 -1.34 -25.75
C ARG C 39 31.62 -0.53 -26.47
N GLY C 40 30.36 -0.84 -26.17
CA GLY C 40 29.23 -0.16 -26.75
C GLY C 40 29.29 1.34 -26.54
N TYR C 41 29.90 1.75 -25.45
CA TYR C 41 29.93 3.14 -25.05
C TYR C 41 30.75 3.98 -26.02
N GLU C 42 31.47 3.32 -26.91
CA GLU C 42 32.27 3.99 -27.93
C GLU C 42 31.48 4.46 -29.16
N SER C 43 30.29 3.94 -29.39
CA SER C 43 29.52 4.36 -30.55
C SER C 43 28.15 4.85 -30.16
N PHE C 44 27.49 4.14 -29.24
CA PHE C 44 26.20 4.60 -28.68
C PHE C 44 26.39 5.91 -27.91
N GLY C 45 25.36 6.76 -27.89
CA GLY C 45 25.45 8.03 -27.22
C GLY C 45 25.71 9.21 -28.15
N VAL C 46 26.55 10.13 -27.70
CA VAL C 46 26.90 11.31 -28.49
C VAL C 46 28.41 11.44 -28.62
N HIS C 47 28.93 11.61 -29.84
CA HIS C 47 30.38 11.66 -30.01
C HIS C 47 30.87 12.68 -31.03
N ARG C 48 31.64 13.66 -30.56
CA ARG C 48 32.35 14.53 -31.50
C ARG C 48 33.42 13.73 -32.23
N CYS C 49 33.38 13.81 -33.54
CA CYS C 49 34.33 13.10 -34.36
C CYS C 49 35.50 14.00 -34.62
N ALA C 50 36.58 13.41 -35.14
CA ALA C 50 37.83 14.11 -35.37
C ALA C 50 37.70 15.03 -36.57
N ASP C 51 36.61 14.86 -37.31
CA ASP C 51 36.39 15.68 -38.49
C ASP C 51 35.43 16.83 -38.16
N GLY C 52 35.13 17.01 -36.87
CA GLY C 52 34.28 18.10 -36.42
C GLY C 52 32.78 17.82 -36.33
N GLY C 53 32.31 16.78 -37.02
CA GLY C 53 30.92 16.37 -36.97
C GLY C 53 30.55 15.68 -35.66
N LEU C 54 29.30 15.25 -35.57
CA LEU C 54 28.78 14.60 -34.36
C LEU C 54 28.16 13.25 -34.74
N TYR C 55 28.66 12.14 -34.20
CA TYR C 55 28.02 10.85 -34.48
C TYR C 55 27.20 10.41 -33.29
N CYS C 56 26.00 9.87 -33.55
CA CYS C 56 25.07 9.50 -32.49
C CYS C 56 24.38 8.17 -32.74
N LYS C 57 24.01 7.48 -31.64
CA LYS C 57 23.33 6.20 -31.73
C LYS C 57 22.59 5.86 -30.44
N GLU C 58 21.39 5.31 -30.60
CA GLU C 58 20.59 4.86 -29.48
C GLU C 58 19.91 3.55 -29.88
N TRP C 59 19.46 2.82 -28.88
CA TRP C 59 18.57 1.71 -29.09
C TRP C 59 17.20 2.14 -28.60
N ALA C 60 16.23 2.15 -29.51
CA ALA C 60 14.90 2.63 -29.18
C ALA C 60 13.91 1.98 -30.10
N PRO C 61 13.63 0.69 -29.85
CA PRO C 61 12.85 -0.21 -30.72
C PRO C 61 11.37 0.13 -30.73
N GLY C 62 10.88 0.83 -29.72
CA GLY C 62 9.46 1.17 -29.68
C GLY C 62 9.21 2.57 -30.23
N ALA C 63 10.26 3.16 -30.77
CA ALA C 63 10.18 4.51 -31.34
C ALA C 63 9.74 4.57 -32.81
N GLU C 64 8.92 5.57 -33.12
CA GLU C 64 8.58 5.90 -34.49
C GLU C 64 9.66 6.82 -35.08
N GLY C 65 10.09 7.78 -34.26
CA GLY C 65 11.18 8.65 -34.63
C GLY C 65 12.08 9.08 -33.47
N VAL C 66 13.34 9.35 -33.79
CA VAL C 66 14.33 9.74 -32.79
C VAL C 66 15.05 10.99 -33.24
N PHE C 67 15.26 11.92 -32.31
CA PHE C 67 15.80 13.22 -32.65
C PHE C 67 16.76 13.73 -31.61
N LEU C 68 17.70 14.56 -32.05
CA LEU C 68 18.57 15.22 -31.09
C LEU C 68 18.29 16.72 -31.03
N THR C 69 18.28 17.24 -29.81
CA THR C 69 17.95 18.64 -29.59
C THR C 69 18.67 19.14 -28.34
N GLY C 70 18.73 20.46 -28.17
CA GLY C 70 19.33 21.06 -26.99
C GLY C 70 19.78 22.47 -27.27
N ASP C 71 20.48 23.08 -26.31
CA ASP C 71 20.98 24.44 -26.49
C ASP C 71 21.60 24.62 -27.86
N PHE C 72 22.40 23.65 -28.30
CA PHE C 72 23.20 23.82 -29.52
C PHE C 72 22.35 24.04 -30.76
N ASN C 73 21.09 23.65 -30.75
CA ASN C 73 20.27 23.90 -31.93
C ASN C 73 18.95 24.62 -31.61
N GLY C 74 18.95 25.40 -30.54
CA GLY C 74 17.81 26.20 -30.15
C GLY C 74 16.54 25.40 -29.92
N TRP C 75 16.72 24.18 -29.42
CA TRP C 75 15.66 23.29 -29.00
C TRP C 75 14.64 23.09 -30.11
N ASN C 76 15.13 23.19 -31.34
CA ASN C 76 14.35 22.72 -32.46
C ASN C 76 14.28 21.20 -32.36
N PRO C 77 13.11 20.66 -31.99
CA PRO C 77 12.98 19.23 -31.69
C PRO C 77 13.25 18.31 -32.86
N PHE C 78 12.84 18.67 -34.07
CA PHE C 78 12.83 17.67 -35.13
C PHE C 78 13.81 17.95 -36.27
N SER C 79 14.65 18.97 -36.09
CA SER C 79 15.59 19.38 -37.15
C SER C 79 16.75 18.41 -37.36
N TYR C 80 17.01 17.57 -36.37
CA TYR C 80 18.08 16.58 -36.45
C TYR C 80 17.55 15.19 -36.12
N PRO C 81 16.96 14.53 -37.13
CA PRO C 81 16.36 13.19 -37.07
C PRO C 81 17.37 12.07 -37.26
N TYR C 82 17.25 10.98 -36.50
CA TYR C 82 18.10 9.81 -36.74
C TYR C 82 17.56 8.97 -37.91
N LYS C 83 18.45 8.19 -38.52
CA LYS C 83 18.07 7.21 -39.54
C LYS C 83 17.73 5.89 -38.85
N LYS C 84 16.57 5.30 -39.16
CA LYS C 84 16.26 3.99 -38.58
C LYS C 84 17.19 2.95 -39.19
N LEU C 85 18.02 2.34 -38.35
CA LEU C 85 18.89 1.26 -38.77
C LEU C 85 18.20 -0.03 -38.32
N ASP C 86 18.76 -1.19 -38.68
CA ASP C 86 18.20 -2.46 -38.19
C ASP C 86 18.22 -2.66 -36.66
N TYR C 87 17.41 -3.61 -36.21
CA TYR C 87 17.40 -4.08 -34.82
C TYR C 87 17.06 -3.01 -33.82
N GLY C 88 16.16 -2.11 -34.18
CA GLY C 88 15.64 -1.11 -33.26
C GLY C 88 16.58 0.02 -32.86
N LYS C 89 17.71 0.11 -33.56
CA LYS C 89 18.68 1.14 -33.26
C LYS C 89 18.49 2.33 -34.20
N TRP C 90 19.07 3.45 -33.80
CA TRP C 90 18.97 4.66 -34.57
C TRP C 90 20.34 5.33 -34.60
N GLU C 91 20.72 5.92 -35.72
CA GLU C 91 21.96 6.66 -35.73
C GLU C 91 21.81 8.01 -36.40
N LEU C 92 22.67 8.95 -36.02
CA LEU C 92 22.66 10.30 -36.56
C LEU C 92 24.07 10.79 -36.83
N TYR C 93 24.30 11.33 -38.02
CA TYR C 93 25.56 12.03 -38.22
C TYR C 93 25.34 13.43 -38.73
N ILE C 94 25.64 14.40 -37.87
CA ILE C 94 25.61 15.81 -38.22
C ILE C 94 26.93 16.25 -38.82
N PRO C 95 26.90 16.77 -40.06
CA PRO C 95 28.17 17.15 -40.70
C PRO C 95 28.83 18.29 -39.96
N PRO C 96 30.14 18.47 -40.14
CA PRO C 96 30.86 19.51 -39.40
C PRO C 96 30.41 20.88 -39.86
N LYS C 97 30.43 21.85 -38.96
CA LYS C 97 30.05 23.22 -39.28
C LYS C 97 31.05 23.83 -40.28
N GLN C 98 30.55 24.63 -41.23
CA GLN C 98 31.42 25.22 -42.25
C GLN C 98 32.50 26.07 -41.58
N ASN C 99 32.15 26.81 -40.52
CA ASN C 99 33.14 27.65 -39.85
C ASN C 99 34.05 26.91 -38.85
N LYS C 100 34.00 25.58 -38.90
CA LYS C 100 34.95 24.72 -38.19
C LYS C 100 35.00 24.92 -36.67
N SER C 101 33.89 25.38 -36.10
CA SER C 101 33.76 25.43 -34.66
C SER C 101 32.98 24.20 -34.15
N VAL C 102 32.97 24.02 -32.84
CA VAL C 102 32.32 22.87 -32.21
C VAL C 102 30.79 22.89 -32.33
N LEU C 103 30.20 21.75 -32.71
CA LEU C 103 28.75 21.60 -32.82
C LEU C 103 28.04 21.68 -31.47
N VAL C 104 28.44 20.85 -30.52
CA VAL C 104 27.81 20.90 -29.22
C VAL C 104 28.86 21.28 -28.18
N PRO C 105 28.90 22.56 -27.81
CA PRO C 105 29.89 23.10 -26.88
C PRO C 105 29.82 22.45 -25.50
N HIS C 106 30.99 22.23 -24.93
CA HIS C 106 31.12 21.72 -23.58
C HIS C 106 30.21 22.44 -22.60
N GLY C 107 29.43 21.68 -21.83
CA GLY C 107 28.62 22.25 -20.79
C GLY C 107 27.19 22.55 -21.24
N SER C 108 26.92 22.49 -22.53
CA SER C 108 25.59 22.84 -22.97
C SER C 108 24.65 21.67 -22.72
N LYS C 109 23.36 21.94 -22.70
CA LYS C 109 22.35 20.94 -22.39
C LYS C 109 21.88 20.27 -23.69
N LEU C 110 21.58 18.98 -23.58
CA LEU C 110 21.04 18.19 -24.68
C LEU C 110 19.83 17.41 -24.22
N LYS C 111 19.06 16.89 -25.18
CA LYS C 111 18.07 15.84 -24.91
C LYS C 111 17.73 15.08 -26.18
N VAL C 112 17.54 13.76 -26.07
CA VAL C 112 17.09 12.94 -27.20
C VAL C 112 15.59 13.05 -27.21
N VAL C 113 15.04 13.13 -28.41
CA VAL C 113 13.60 13.24 -28.55
C VAL C 113 13.02 11.97 -29.17
N ILE C 114 12.03 11.42 -28.49
CA ILE C 114 11.34 10.22 -28.94
C ILE C 114 9.90 10.57 -29.25
N THR C 115 9.46 10.19 -30.45
CA THR C 115 8.07 10.34 -30.89
C THR C 115 7.33 9.00 -30.91
N SER C 116 6.20 8.95 -30.21
CA SER C 116 5.46 7.70 -30.02
C SER C 116 4.55 7.40 -31.20
N LYS C 117 4.08 6.17 -31.28
CA LYS C 117 3.07 5.82 -32.26
C LYS C 117 1.80 6.66 -32.03
N SER C 118 1.54 7.00 -30.77
CA SER C 118 0.38 7.81 -30.38
C SER C 118 0.47 9.27 -30.82
N GLY C 119 1.65 9.70 -31.24
CA GLY C 119 1.89 11.08 -31.67
C GLY C 119 2.37 11.98 -30.52
N GLU C 120 2.88 11.32 -29.47
CA GLU C 120 3.38 12.00 -28.29
C GLU C 120 4.83 12.44 -28.48
N ILE C 121 5.23 13.53 -27.81
CA ILE C 121 6.61 14.02 -27.89
C ILE C 121 7.30 13.87 -26.54
N LEU C 122 8.27 12.96 -26.48
CA LEU C 122 8.97 12.66 -25.24
C LEU C 122 10.39 13.23 -25.20
N TYR C 123 10.77 13.77 -24.03
CA TYR C 123 12.12 14.27 -23.83
C TYR C 123 12.89 13.39 -22.84
N ARG C 124 14.00 12.82 -23.31
CA ARG C 124 14.78 11.85 -22.51
C ARG C 124 16.24 12.23 -22.43
N ILE C 125 16.89 11.87 -21.32
CA ILE C 125 18.35 11.90 -21.26
C ILE C 125 18.88 10.57 -21.74
N SER C 126 19.92 10.57 -22.56
CA SER C 126 20.40 9.30 -23.13
C SER C 126 20.83 8.24 -22.12
N PRO C 127 20.46 6.99 -22.38
CA PRO C 127 20.97 5.88 -21.56
C PRO C 127 22.49 5.88 -21.45
N TRP C 128 23.18 6.51 -22.40
CA TRP C 128 24.65 6.48 -22.41
C TRP C 128 25.34 7.73 -21.85
N ALA C 129 24.56 8.67 -21.30
CA ALA C 129 25.08 9.93 -20.80
C ALA C 129 26.34 9.84 -19.91
N LYS C 130 27.32 10.67 -20.22
CA LYS C 130 28.56 10.72 -19.45
C LYS C 130 28.34 11.53 -18.15
N TYR C 131 27.46 12.54 -18.19
CA TYR C 131 27.35 13.58 -17.15
C TYR C 131 25.96 14.27 -17.10
N VAL C 132 25.34 14.30 -15.93
CA VAL C 132 24.05 14.97 -15.78
C VAL C 132 24.02 15.84 -14.52
N VAL C 133 23.41 17.02 -14.61
CA VAL C 133 23.35 17.92 -13.46
C VAL C 133 21.96 18.46 -13.20
N ARG C 134 21.64 18.59 -11.90
CA ARG C 134 20.40 19.24 -11.49
C ARG C 134 20.70 20.71 -11.11
N GLU C 135 19.96 21.64 -11.72
CA GLU C 135 20.25 23.06 -11.52
C GLU C 135 19.33 23.73 -10.51
N GLY C 136 19.95 24.30 -9.48
CA GLY C 136 19.25 24.97 -8.40
C GLY C 136 18.10 24.14 -7.83
N ASP C 137 16.89 24.68 -7.91
CA ASP C 137 15.73 24.04 -7.29
C ASP C 137 14.91 23.25 -8.31
N ASN C 138 15.51 22.93 -9.46
CA ASN C 138 14.79 22.25 -10.53
C ASN C 138 14.27 20.86 -10.19
N VAL C 139 13.19 20.44 -10.85
CA VAL C 139 12.60 19.12 -10.64
C VAL C 139 13.45 18.03 -11.28
N ASN C 140 13.82 18.27 -12.54
CA ASN C 140 14.56 17.29 -13.34
C ASN C 140 16.06 17.58 -13.49
N TYR C 141 16.78 16.56 -13.91
CA TYR C 141 18.18 16.68 -14.24
C TYR C 141 18.31 17.14 -15.69
N ASP C 142 19.34 17.93 -15.96
CA ASP C 142 19.68 18.20 -17.35
C ASP C 142 20.84 17.33 -17.77
N TRP C 143 20.84 16.99 -19.04
CA TRP C 143 21.91 16.22 -19.65
C TRP C 143 22.98 17.20 -20.18
N ILE C 144 24.06 17.34 -19.42
CA ILE C 144 25.13 18.23 -19.82
C ILE C 144 26.17 17.50 -20.64
N HIS C 145 26.32 17.91 -21.90
CA HIS C 145 27.33 17.38 -22.79
C HIS C 145 28.73 17.62 -22.22
N TRP C 146 29.61 16.62 -22.26
CA TRP C 146 30.92 16.71 -21.60
C TRP C 146 32.07 16.58 -22.58
N ASP C 147 32.69 17.72 -22.91
CA ASP C 147 33.76 17.75 -23.88
C ASP C 147 34.87 18.67 -23.41
N PRO C 148 35.41 18.42 -22.21
CA PRO C 148 36.40 19.31 -21.58
C PRO C 148 37.66 19.50 -22.41
N GLU C 149 38.30 20.65 -22.20
CA GLU C 149 39.48 20.98 -22.98
C GLU C 149 40.60 20.01 -22.66
N HIS C 150 40.79 19.72 -21.37
CA HIS C 150 41.83 18.77 -20.96
C HIS C 150 41.25 17.56 -20.25
N SER C 151 41.32 16.42 -20.90
CA SER C 151 40.95 15.17 -20.27
C SER C 151 41.98 14.88 -19.16
N TYR C 152 41.62 14.08 -18.17
CA TYR C 152 42.53 13.79 -17.06
C TYR C 152 43.48 12.64 -17.42
N GLU C 153 44.77 12.84 -17.19
CA GLU C 153 45.72 11.76 -17.43
C GLU C 153 46.16 11.09 -16.15
N PHE C 154 45.91 9.78 -16.08
CA PHE C 154 46.28 8.96 -14.93
C PHE C 154 47.78 8.84 -14.79
N LYS C 155 48.27 9.09 -13.59
CA LYS C 155 49.70 9.13 -13.35
C LYS C 155 50.19 7.94 -12.53
N HIS C 156 49.27 7.12 -12.04
CA HIS C 156 49.70 6.00 -11.21
C HIS C 156 49.14 4.64 -11.62
N SER C 157 49.95 3.62 -11.38
CA SER C 157 49.59 2.27 -11.74
C SER C 157 48.74 1.63 -10.65
N ARG C 158 48.00 0.58 -11.02
CA ARG C 158 47.26 -0.20 -10.03
C ARG C 158 48.23 -0.75 -9.01
N PRO C 159 47.85 -0.71 -7.73
CA PRO C 159 48.62 -1.39 -6.71
C PRO C 159 48.66 -2.90 -6.98
N LYS C 160 49.69 -3.59 -6.52
CA LYS C 160 49.71 -5.05 -6.63
C LYS C 160 48.48 -5.65 -5.94
N LYS C 161 47.96 -6.73 -6.49
CA LYS C 161 46.81 -7.39 -5.87
C LYS C 161 47.14 -7.65 -4.40
N PRO C 162 46.22 -7.26 -3.51
CA PRO C 162 46.48 -7.37 -2.06
C PRO C 162 46.34 -8.81 -1.56
N ARG C 163 47.20 -9.18 -0.62
CA ARG C 163 47.15 -10.48 0.04
C ARG C 163 45.76 -10.66 0.64
N SER C 164 45.28 -9.63 1.32
CA SER C 164 44.02 -9.66 2.02
C SER C 164 43.29 -8.33 1.84
N LEU C 165 41.96 -8.37 1.77
CA LEU C 165 41.21 -7.13 1.65
C LEU C 165 40.81 -6.62 3.03
N ARG C 166 41.21 -5.41 3.32
CA ARG C 166 40.77 -4.69 4.51
C ARG C 166 40.03 -3.46 3.98
N ILE C 167 38.71 -3.58 3.85
CA ILE C 167 37.91 -2.64 3.08
C ILE C 167 37.32 -1.51 3.91
N TYR C 168 37.55 -0.27 3.45
CA TYR C 168 36.88 0.90 4.01
C TYR C 168 35.66 1.24 3.16
N GLU C 169 34.47 0.95 3.66
CA GLU C 169 33.24 1.23 2.92
C GLU C 169 32.94 2.71 2.99
N SER C 170 32.83 3.37 1.83
CA SER C 170 32.84 4.83 1.79
C SER C 170 31.71 5.43 1.02
N HIS C 171 31.26 6.59 1.49
CA HIS C 171 30.29 7.43 0.79
C HIS C 171 30.95 8.81 0.70
N VAL C 172 31.06 9.35 -0.50
CA VAL C 172 31.83 10.56 -0.68
C VAL C 172 31.07 11.76 -0.08
N GLY C 173 29.76 11.77 -0.27
CA GLY C 173 28.96 12.92 0.13
C GLY C 173 28.95 13.19 1.62
N ILE C 174 29.03 12.14 2.44
CA ILE C 174 28.90 12.33 3.88
C ILE C 174 30.25 12.37 4.59
N SER C 175 31.33 12.52 3.84
CA SER C 175 32.64 12.28 4.40
C SER C 175 33.26 13.51 5.04
N SER C 176 32.43 14.55 5.23
CA SER C 176 32.85 15.78 5.90
C SER C 176 31.99 16.03 7.11
N HIS C 177 32.39 16.97 7.96
CA HIS C 177 31.60 17.31 9.14
C HIS C 177 30.50 18.33 8.81
N GLU C 178 30.55 18.89 7.61
CA GLU C 178 29.57 19.87 7.18
C GLU C 178 28.29 19.20 6.75
N GLY C 179 27.16 19.83 7.04
CA GLY C 179 25.89 19.27 6.63
C GLY C 179 25.62 19.59 5.18
N LYS C 180 26.44 19.07 4.28
CA LYS C 180 26.23 19.29 2.85
C LYS C 180 26.81 18.13 2.04
N VAL C 181 26.59 18.15 0.74
CA VAL C 181 27.19 17.13 -0.10
C VAL C 181 28.67 17.40 -0.29
N ALA C 182 29.51 16.59 0.34
CA ALA C 182 30.96 16.75 0.23
C ALA C 182 31.44 16.36 -1.18
N SER C 183 32.66 16.77 -1.52
CA SER C 183 33.10 16.69 -2.90
C SER C 183 34.11 15.58 -3.12
N TYR C 184 34.23 15.17 -4.37
CA TYR C 184 35.33 14.29 -4.72
C TYR C 184 36.65 14.82 -4.17
N LYS C 185 36.91 16.11 -4.41
CA LYS C 185 38.17 16.74 -3.99
C LYS C 185 38.39 16.61 -2.50
N HIS C 186 37.34 16.88 -1.72
CA HIS C 186 37.44 16.75 -0.25
C HIS C 186 37.87 15.36 0.19
N PHE C 187 37.17 14.35 -0.34
CA PHE C 187 37.50 12.96 -0.10
C PHE C 187 38.94 12.67 -0.45
N THR C 188 39.32 13.08 -1.67
CA THR C 188 40.67 12.87 -2.20
C THR C 188 41.76 13.47 -1.32
N CYS C 189 41.56 14.70 -0.86
CA CYS C 189 42.61 15.36 -0.09
C CYS C 189 42.63 14.97 1.39
N ASN C 190 41.46 14.87 1.99
CA ASN C 190 41.37 14.76 3.45
C ASN C 190 41.02 13.38 3.98
N VAL C 191 40.32 12.60 3.16
CA VAL C 191 39.86 11.30 3.63
C VAL C 191 40.79 10.15 3.25
N LEU C 192 41.30 10.11 2.02
CA LEU C 192 42.24 9.02 1.66
C LEU C 192 43.37 8.85 2.70
N PRO C 193 43.99 9.97 3.14
CA PRO C 193 45.05 9.93 4.15
C PRO C 193 44.59 9.32 5.47
N ARG C 194 43.34 9.58 5.84
CA ARG C 194 42.80 8.95 7.03
C ARG C 194 42.65 7.42 6.82
N ILE C 195 42.10 7.03 5.66
CA ILE C 195 41.93 5.64 5.32
C ILE C 195 43.28 4.95 5.26
N LYS C 196 44.25 5.60 4.63
CA LYS C 196 45.56 4.98 4.57
C LYS C 196 46.09 4.85 5.97
N GLY C 197 45.87 5.88 6.77
CA GLY C 197 46.39 5.95 8.12
C GLY C 197 45.85 4.88 9.03
N LEU C 198 44.61 4.46 8.77
CA LEU C 198 43.94 3.42 9.54
C LEU C 198 44.45 2.00 9.22
N GLY C 199 45.15 1.83 8.12
CA GLY C 199 45.62 0.52 7.74
C GLY C 199 44.68 -0.24 6.82
N TYR C 200 43.73 0.48 6.19
CA TYR C 200 42.85 -0.11 5.18
C TYR C 200 43.55 -0.06 3.85
N ASN C 201 43.43 -1.10 3.03
CA ASN C 201 44.12 -1.16 1.75
C ASN C 201 43.17 -1.22 0.54
N CYS C 202 41.88 -1.11 0.84
CA CYS C 202 40.84 -1.16 -0.18
C CYS C 202 39.69 -0.26 0.23
N ILE C 203 39.07 0.38 -0.76
CA ILE C 203 37.91 1.25 -0.56
C ILE C 203 36.73 0.70 -1.32
N GLN C 204 35.61 0.51 -0.64
CA GLN C 204 34.39 0.21 -1.36
C GLN C 204 33.65 1.51 -1.57
N LEU C 205 33.61 1.98 -2.81
CA LEU C 205 33.10 3.30 -3.04
C LEU C 205 31.63 3.27 -3.42
N MET C 206 30.78 3.66 -2.47
CA MET C 206 29.32 3.66 -2.62
C MET C 206 28.80 4.85 -3.40
N ALA C 207 27.61 4.69 -3.94
CA ALA C 207 26.80 5.82 -4.38
C ALA C 207 27.54 6.71 -5.37
N ILE C 208 28.26 6.08 -6.28
CA ILE C 208 28.95 6.80 -7.32
C ILE C 208 28.07 6.82 -8.56
N MET C 209 27.44 5.69 -8.89
CA MET C 209 26.52 5.71 -10.01
C MET C 209 25.42 6.76 -9.77
N GLU C 210 25.06 7.50 -10.83
CA GLU C 210 24.18 8.67 -10.66
C GLU C 210 22.75 8.30 -10.30
N HIS C 211 22.24 8.94 -9.27
CA HIS C 211 20.91 8.72 -8.76
C HIS C 211 20.27 10.07 -8.36
N ALA C 212 19.07 10.33 -8.85
CA ALA C 212 18.44 11.62 -8.62
C ALA C 212 18.10 11.86 -7.15
N TYR C 213 17.73 10.79 -6.45
CA TYR C 213 17.26 10.90 -5.08
C TYR C 213 18.37 10.56 -4.09
N TYR C 214 19.04 11.59 -3.60
CA TYR C 214 20.20 11.41 -2.72
C TYR C 214 19.94 10.46 -1.54
N ALA C 215 18.69 10.32 -1.09
CA ALA C 215 18.45 9.52 0.10
C ALA C 215 18.24 8.04 -0.21
N SER C 216 18.30 7.66 -1.48
CA SER C 216 18.24 6.26 -1.86
C SER C 216 19.58 5.56 -1.59
N PHE C 217 20.49 6.30 -0.95
CA PHE C 217 21.83 5.83 -0.57
C PHE C 217 22.61 5.25 -1.77
N GLY C 218 22.21 5.66 -2.97
CA GLY C 218 22.90 5.31 -4.20
C GLY C 218 22.30 4.11 -4.91
N TYR C 219 21.19 3.59 -4.40
CA TYR C 219 20.58 2.37 -4.90
C TYR C 219 19.47 2.58 -5.94
N GLN C 220 19.12 3.85 -6.21
CA GLN C 220 18.09 4.18 -7.19
C GLN C 220 18.69 4.84 -8.43
N ILE C 221 19.21 4.03 -9.34
CA ILE C 221 19.98 4.53 -10.48
C ILE C 221 19.14 5.16 -11.60
N THR C 222 19.56 6.34 -12.05
CA THR C 222 18.86 7.05 -13.13
C THR C 222 19.65 7.14 -14.43
N SER C 223 20.93 7.50 -14.35
CA SER C 223 21.79 7.45 -15.54
C SER C 223 23.00 6.54 -15.22
N PHE C 224 23.09 5.42 -15.92
CA PHE C 224 24.01 4.34 -15.55
C PHE C 224 25.49 4.61 -15.89
N PHE C 225 25.76 5.47 -16.85
CA PHE C 225 27.15 5.73 -17.18
C PHE C 225 27.68 7.02 -16.56
N ALA C 226 26.87 7.69 -15.73
CA ALA C 226 27.24 9.01 -15.21
C ALA C 226 27.83 8.98 -13.79
N ALA C 227 29.06 9.49 -13.65
CA ALA C 227 29.62 9.70 -12.31
C ALA C 227 28.86 10.84 -11.61
N SER C 228 28.23 10.51 -10.50
CA SER C 228 27.32 11.42 -9.83
C SER C 228 27.90 12.84 -9.72
N SER C 229 27.14 13.84 -10.16
CA SER C 229 27.62 15.23 -10.19
C SER C 229 27.59 15.91 -8.82
N ARG C 230 26.70 15.45 -7.95
CA ARG C 230 26.68 15.84 -6.55
C ARG C 230 28.03 16.26 -6.03
N TYR C 231 29.02 15.39 -6.26
CA TYR C 231 30.32 15.48 -5.60
C TYR C 231 31.36 16.23 -6.45
N GLY C 232 30.99 16.49 -7.70
CA GLY C 232 31.93 17.07 -8.62
C GLY C 232 31.86 16.53 -10.02
N SER C 233 32.96 16.71 -10.75
CA SER C 233 33.03 16.39 -12.18
C SER C 233 33.60 15.00 -12.39
N PRO C 234 33.38 14.43 -13.57
CA PRO C 234 33.96 13.14 -13.94
C PRO C 234 35.46 13.11 -13.68
N GLU C 235 36.16 14.17 -14.07
CA GLU C 235 37.60 14.29 -13.86
C GLU C 235 38.00 14.17 -12.40
N GLU C 236 37.20 14.73 -11.52
CA GLU C 236 37.55 14.76 -10.12
C GLU C 236 37.38 13.39 -9.50
N LEU C 237 36.54 12.57 -10.13
CA LEU C 237 36.41 11.18 -9.70
C LEU C 237 37.63 10.37 -10.14
N GLN C 238 38.10 10.63 -11.37
CA GLN C 238 39.29 10.00 -11.91
C GLN C 238 40.51 10.30 -11.06
N GLU C 239 40.67 11.56 -10.65
CA GLU C 239 41.76 11.96 -9.78
C GLU C 239 41.67 11.26 -8.41
N LEU C 240 40.43 11.08 -7.94
CA LEU C 240 40.19 10.39 -6.68
C LEU C 240 40.76 8.97 -6.75
N VAL C 241 40.31 8.21 -7.74
CA VAL C 241 40.77 6.85 -7.89
C VAL C 241 42.27 6.86 -8.13
N ASP C 242 42.75 7.80 -8.95
CA ASP C 242 44.17 7.84 -9.28
C ASP C 242 45.02 8.13 -8.05
N THR C 243 44.55 9.04 -7.21
CA THR C 243 45.29 9.36 -6.00
C THR C 243 45.29 8.19 -5.02
N ALA C 244 44.14 7.51 -4.92
CA ALA C 244 44.03 6.32 -4.07
C ALA C 244 45.08 5.31 -4.46
N HIS C 245 45.32 5.21 -5.77
CA HIS C 245 46.35 4.32 -6.32
C HIS C 245 47.76 4.74 -5.94
N SER C 246 48.06 6.03 -6.03
CA SER C 246 49.35 6.55 -5.60
C SER C 246 49.64 6.17 -4.14
N MET C 247 48.58 5.90 -3.39
CA MET C 247 48.72 5.55 -1.99
C MET C 247 48.70 4.05 -1.68
N GLY C 248 48.60 3.21 -2.69
CA GLY C 248 48.56 1.76 -2.50
C GLY C 248 47.17 1.21 -2.19
N ILE C 249 46.17 2.07 -2.28
CA ILE C 249 44.80 1.65 -1.99
C ILE C 249 44.05 1.30 -3.30
N ILE C 250 43.38 0.16 -3.33
CA ILE C 250 42.57 -0.13 -4.50
C ILE C 250 41.13 0.29 -4.25
N VAL C 251 40.39 0.56 -5.32
CA VAL C 251 39.04 1.06 -5.19
C VAL C 251 38.02 0.19 -5.92
N LEU C 252 37.04 -0.31 -5.18
CA LEU C 252 35.95 -1.07 -5.77
C LEU C 252 34.72 -0.18 -5.85
N LEU C 253 33.93 -0.37 -6.92
CA LEU C 253 32.72 0.39 -7.13
C LEU C 253 31.47 -0.41 -6.80
N ASP C 254 30.51 0.20 -6.08
CA ASP C 254 29.17 -0.39 -6.00
C ASP C 254 28.45 -0.34 -7.35
N VAL C 255 28.33 -1.50 -7.99
CA VAL C 255 27.55 -1.58 -9.23
C VAL C 255 26.15 -2.07 -8.89
N VAL C 256 25.17 -1.21 -9.17
CA VAL C 256 23.76 -1.52 -9.01
C VAL C 256 23.16 -1.86 -10.37
N HIS C 257 22.98 -3.17 -10.66
CA HIS C 257 22.38 -3.58 -11.94
C HIS C 257 21.19 -4.45 -11.71
N SER C 258 20.60 -4.30 -10.53
CA SER C 258 19.52 -5.13 -10.06
C SER C 258 18.16 -4.51 -10.36
N HIS C 259 18.13 -3.18 -10.38
CA HIS C 259 16.92 -2.44 -10.69
C HIS C 259 17.24 -1.04 -11.18
N ALA C 260 16.22 -0.36 -11.71
CA ALA C 260 16.40 0.98 -12.22
C ALA C 260 15.32 1.90 -11.67
N SER C 261 15.64 3.17 -11.50
CA SER C 261 14.69 4.14 -10.98
C SER C 261 13.48 4.30 -11.89
N LYS C 262 12.33 4.60 -11.27
CA LYS C 262 11.13 4.75 -12.07
C LYS C 262 11.08 6.07 -12.84
N ASN C 263 12.03 6.99 -12.58
CA ASN C 263 12.08 8.28 -13.28
C ASN C 263 12.09 8.08 -14.80
N SER C 264 11.33 8.89 -15.51
CA SER C 264 11.25 8.74 -16.96
C SER C 264 11.89 9.95 -17.60
N ALA C 265 11.68 11.10 -16.97
CA ALA C 265 12.20 12.36 -17.49
C ALA C 265 13.72 12.35 -17.53
N ASP C 266 14.34 11.84 -16.46
CA ASP C 266 15.79 11.84 -16.35
C ASP C 266 16.27 10.49 -15.83
N GLY C 267 15.55 9.45 -16.22
CA GLY C 267 15.90 8.09 -15.88
C GLY C 267 15.88 7.20 -17.11
N LEU C 268 16.18 5.92 -16.89
CA LEU C 268 16.27 4.98 -18.00
C LEU C 268 14.89 4.37 -18.24
N ASN C 269 13.95 4.77 -17.39
CA ASN C 269 12.58 4.25 -17.43
C ASN C 269 11.79 4.79 -18.60
N MET C 270 11.04 3.92 -19.26
CA MET C 270 10.15 4.33 -20.34
C MET C 270 10.93 5.02 -21.47
N PHE C 271 12.14 4.54 -21.73
CA PHE C 271 12.99 5.26 -22.66
C PHE C 271 12.36 5.44 -24.04
N ASP C 272 11.98 4.37 -24.71
CA ASP C 272 11.43 4.48 -26.06
C ASP C 272 9.91 4.61 -26.07
N GLY C 273 9.36 5.07 -24.95
CA GLY C 273 7.93 5.25 -24.80
C GLY C 273 7.21 3.97 -24.40
N THR C 274 7.92 2.85 -24.51
CA THR C 274 7.36 1.56 -24.16
C THR C 274 7.60 1.36 -22.68
N ASP C 275 6.93 0.39 -22.07
CA ASP C 275 7.30 -0.01 -20.71
C ASP C 275 8.26 -1.19 -20.79
N SER C 276 8.57 -1.60 -22.03
CA SER C 276 9.57 -2.63 -22.30
C SER C 276 10.93 -2.01 -22.47
N CYS C 277 11.58 -2.34 -23.59
CA CYS C 277 12.92 -1.83 -23.88
C CYS C 277 14.02 -2.39 -22.96
N TYR C 278 14.53 -1.57 -22.05
CA TYR C 278 15.60 -2.00 -21.14
C TYR C 278 15.03 -2.93 -20.07
N PHE C 279 13.71 -2.99 -20.00
CA PHE C 279 13.07 -3.75 -18.94
C PHE C 279 12.05 -4.73 -19.48
N HIS C 280 11.49 -5.51 -18.57
CA HIS C 280 10.43 -6.45 -18.89
C HIS C 280 9.13 -5.71 -19.00
N SER C 281 8.32 -6.05 -19.99
CA SER C 281 6.99 -5.49 -20.10
C SER C 281 6.09 -6.06 -19.00
N GLY C 282 5.19 -5.25 -18.45
CA GLY C 282 4.25 -5.79 -17.49
C GLY C 282 4.75 -5.80 -16.06
N PRO C 283 4.09 -6.61 -15.22
CA PRO C 283 4.43 -6.77 -13.79
C PRO C 283 5.73 -7.56 -13.58
N ARG C 284 6.09 -8.43 -14.53
CA ARG C 284 7.36 -9.18 -14.46
C ARG C 284 8.50 -8.16 -14.49
N GLY C 285 8.22 -7.00 -15.07
CA GLY C 285 9.19 -5.93 -15.18
C GLY C 285 9.14 -4.87 -14.09
N THR C 286 8.45 -5.14 -12.98
CA THR C 286 8.46 -4.17 -11.88
C THR C 286 8.70 -4.81 -10.51
N HIS C 287 9.54 -4.15 -9.72
CA HIS C 287 9.88 -4.60 -8.38
C HIS C 287 9.01 -3.81 -7.39
N ASP C 288 7.92 -4.43 -6.94
CA ASP C 288 6.89 -3.74 -6.18
C ASP C 288 7.43 -3.14 -4.88
N LEU C 289 8.24 -3.90 -4.15
CA LEU C 289 8.73 -3.46 -2.84
C LEU C 289 9.68 -2.26 -2.97
N TRP C 290 10.41 -2.19 -4.09
CA TRP C 290 11.31 -1.08 -4.36
C TRP C 290 10.68 -0.03 -5.28
N ASP C 291 9.56 -0.39 -5.91
CA ASP C 291 8.91 0.49 -6.87
C ASP C 291 9.93 0.89 -7.91
N SER C 292 10.46 -0.12 -8.60
CA SER C 292 11.55 0.06 -9.55
C SER C 292 11.31 -0.77 -10.79
N ARG C 293 12.03 -0.47 -11.87
CA ARG C 293 11.96 -1.32 -13.06
C ARG C 293 13.01 -2.44 -12.98
N LEU C 294 12.72 -3.53 -13.69
CA LEU C 294 13.57 -4.70 -13.70
C LEU C 294 14.06 -5.01 -15.11
N PHE C 295 15.37 -5.09 -15.26
CA PHE C 295 16.01 -5.31 -16.55
C PHE C 295 15.57 -6.62 -17.17
N ALA C 296 15.55 -6.66 -18.49
CA ALA C 296 15.29 -7.87 -19.22
C ALA C 296 16.62 -8.47 -19.63
N TYR C 297 17.23 -9.23 -18.72
CA TYR C 297 18.56 -9.81 -18.94
C TYR C 297 18.64 -10.78 -20.11
N SER C 298 17.49 -11.18 -20.63
CA SER C 298 17.45 -12.10 -21.78
C SER C 298 17.69 -11.35 -23.08
N SER C 299 17.52 -10.04 -23.00
CA SER C 299 17.55 -9.15 -24.15
C SER C 299 18.98 -8.78 -24.56
N TRP C 300 19.34 -9.06 -25.81
CA TRP C 300 20.72 -8.88 -26.26
C TRP C 300 21.28 -7.51 -25.95
N GLU C 301 20.45 -6.48 -26.11
CA GLU C 301 20.90 -5.12 -25.91
C GLU C 301 21.05 -4.79 -24.44
N VAL C 302 20.27 -5.44 -23.59
CA VAL C 302 20.39 -5.20 -22.17
C VAL C 302 21.74 -5.70 -21.71
N LEU C 303 22.19 -6.76 -22.35
CA LEU C 303 23.52 -7.27 -22.15
C LEU C 303 24.60 -6.31 -22.67
N ARG C 304 24.40 -5.74 -23.86
CA ARG C 304 25.42 -4.84 -24.41
C ARG C 304 25.54 -3.65 -23.47
N PHE C 305 24.39 -3.13 -23.10
CA PHE C 305 24.29 -1.98 -22.21
C PHE C 305 24.96 -2.28 -20.87
N LEU C 306 24.48 -3.31 -20.17
CA LEU C 306 25.04 -3.59 -18.85
C LEU C 306 26.52 -4.00 -18.86
N LEU C 307 26.91 -4.86 -19.80
CA LEU C 307 28.31 -5.25 -19.88
C LEU C 307 29.22 -4.07 -20.21
N SER C 308 28.81 -3.23 -21.17
CA SER C 308 29.60 -2.06 -21.52
C SER C 308 29.71 -1.12 -20.33
N ASN C 309 28.71 -1.14 -19.48
CA ASN C 309 28.77 -0.34 -18.28
C ASN C 309 29.87 -0.86 -17.35
N ILE C 310 29.98 -2.17 -17.20
CA ILE C 310 31.04 -2.75 -16.38
C ILE C 310 32.39 -2.34 -16.97
N ARG C 311 32.52 -2.48 -18.28
CA ARG C 311 33.72 -2.06 -19.02
C ARG C 311 34.01 -0.57 -18.86
N TRP C 312 32.94 0.21 -18.92
CA TRP C 312 33.04 1.65 -18.79
C TRP C 312 33.71 2.04 -17.47
N TRP C 313 33.26 1.45 -16.37
CA TRP C 313 33.78 1.79 -15.05
C TRP C 313 35.23 1.32 -14.89
N LEU C 314 35.60 0.30 -15.67
CA LEU C 314 36.95 -0.22 -15.62
C LEU C 314 37.89 0.65 -16.41
N GLU C 315 37.48 1.00 -17.62
CA GLU C 315 38.40 1.63 -18.55
C GLU C 315 38.55 3.13 -18.27
N GLU C 316 37.40 3.75 -18.03
CA GLU C 316 37.31 5.18 -17.91
C GLU C 316 37.71 5.72 -16.54
N TYR C 317 37.41 4.98 -15.47
CA TYR C 317 37.67 5.48 -14.12
C TYR C 317 38.68 4.61 -13.36
N ARG C 318 39.05 3.48 -13.96
CA ARG C 318 40.13 2.65 -13.43
C ARG C 318 39.81 2.01 -12.09
N PHE C 319 38.54 1.76 -11.81
CA PHE C 319 38.20 1.01 -10.61
C PHE C 319 38.86 -0.37 -10.63
N ASP C 320 39.14 -0.92 -9.47
CA ASP C 320 39.87 -2.18 -9.39
C ASP C 320 38.97 -3.40 -9.26
N GLY C 321 37.66 -3.17 -9.22
CA GLY C 321 36.72 -4.26 -9.13
C GLY C 321 35.40 -3.69 -8.67
N PHE C 322 34.47 -4.58 -8.36
CA PHE C 322 33.09 -4.20 -8.10
C PHE C 322 32.46 -4.96 -6.96
N ARG C 323 31.55 -4.28 -6.25
CA ARG C 323 30.59 -5.01 -5.47
C ARG C 323 29.24 -4.94 -6.19
N PHE C 324 28.69 -6.10 -6.54
CA PHE C 324 27.37 -6.16 -7.17
C PHE C 324 26.27 -6.21 -6.14
N ASP C 325 25.51 -5.14 -6.02
CA ASP C 325 24.45 -5.10 -5.01
C ASP C 325 23.18 -5.76 -5.50
N GLY C 326 22.41 -6.29 -4.56
CA GLY C 326 21.11 -6.88 -4.83
C GLY C 326 21.13 -8.13 -5.70
N VAL C 327 22.15 -8.94 -5.55
CA VAL C 327 22.21 -10.15 -6.34
C VAL C 327 21.07 -11.07 -5.93
N THR C 328 20.67 -11.00 -4.66
CA THR C 328 19.61 -11.88 -4.20
C THR C 328 18.33 -11.56 -4.97
N SER C 329 18.05 -10.27 -5.09
CA SER C 329 16.90 -9.82 -5.83
C SER C 329 16.96 -10.23 -7.31
N MET C 330 18.14 -10.06 -7.90
CA MET C 330 18.28 -10.36 -9.31
C MET C 330 17.96 -11.80 -9.62
N LEU C 331 18.33 -12.70 -8.71
CA LEU C 331 18.21 -14.13 -8.93
C LEU C 331 16.80 -14.60 -8.63
N TYR C 332 16.12 -13.90 -7.72
CA TYR C 332 14.80 -14.35 -7.25
C TYR C 332 13.68 -13.30 -7.43
N HIS C 333 13.51 -12.84 -8.67
CA HIS C 333 12.46 -11.87 -9.03
C HIS C 333 11.07 -12.36 -8.63
N GLN C 352 13.18 -21.69 -9.40
CA GLN C 352 12.68 -20.31 -9.35
C GLN C 352 13.78 -19.26 -9.49
N VAL C 353 14.99 -19.68 -9.90
CA VAL C 353 16.09 -18.76 -10.14
C VAL C 353 15.96 -18.11 -11.54
N ASP C 354 16.32 -16.83 -11.65
CA ASP C 354 16.28 -16.11 -12.95
C ASP C 354 17.50 -16.44 -13.82
N GLU C 355 17.36 -17.43 -14.69
CA GLU C 355 18.53 -17.94 -15.38
C GLU C 355 19.18 -16.88 -16.26
N ASP C 356 18.38 -15.93 -16.72
CA ASP C 356 18.92 -14.85 -17.56
C ASP C 356 19.80 -13.92 -16.71
N ALA C 357 19.31 -13.52 -15.54
CA ALA C 357 20.06 -12.68 -14.63
C ALA C 357 21.38 -13.34 -14.25
N LEU C 358 21.30 -14.61 -13.84
CA LEU C 358 22.50 -15.32 -13.41
C LEU C 358 23.53 -15.45 -14.55
N THR C 359 23.05 -15.63 -15.78
CA THR C 359 23.96 -15.72 -16.90
C THR C 359 24.65 -14.37 -17.10
N TYR C 360 23.92 -13.29 -16.83
CA TYR C 360 24.52 -11.98 -16.97
C TYR C 360 25.64 -11.82 -15.93
N LEU C 361 25.36 -12.14 -14.68
CA LEU C 361 26.39 -12.05 -13.66
C LEU C 361 27.62 -12.92 -14.01
N MET C 362 27.37 -14.07 -14.63
CA MET C 362 28.46 -14.91 -15.05
C MET C 362 29.25 -14.21 -16.17
N LEU C 363 28.55 -13.65 -17.13
CA LEU C 363 29.22 -12.94 -18.21
C LEU C 363 30.00 -11.76 -17.64
N ALA C 364 29.40 -11.11 -16.65
CA ALA C 364 30.01 -9.91 -16.07
C ALA C 364 31.32 -10.25 -15.40
N ASN C 365 31.26 -11.23 -14.50
CA ASN C 365 32.46 -11.77 -13.85
C ASN C 365 33.49 -12.24 -14.89
N HIS C 366 33.04 -12.95 -15.92
CA HIS C 366 33.96 -13.41 -16.96
C HIS C 366 34.71 -12.23 -17.56
N LEU C 367 33.95 -11.21 -17.94
CA LEU C 367 34.52 -10.02 -18.55
C LEU C 367 35.58 -9.39 -17.64
N VAL C 368 35.19 -9.07 -16.40
CA VAL C 368 36.11 -8.43 -15.48
C VAL C 368 37.41 -9.23 -15.30
N HIS C 369 37.32 -10.54 -15.13
CA HIS C 369 38.51 -11.31 -14.82
C HIS C 369 39.34 -11.63 -16.05
N THR C 370 38.72 -11.72 -17.23
CA THR C 370 39.48 -11.85 -18.45
C THR C 370 40.28 -10.57 -18.76
N LEU C 371 39.66 -9.41 -18.54
CA LEU C 371 40.33 -8.15 -18.83
C LEU C 371 41.45 -7.88 -17.85
N CYS C 372 41.22 -8.15 -16.58
CA CYS C 372 42.32 -8.18 -15.62
C CYS C 372 42.06 -9.23 -14.56
N PRO C 373 42.86 -10.30 -14.56
CA PRO C 373 42.73 -11.38 -13.57
C PRO C 373 42.88 -10.91 -12.11
N ASP C 374 43.56 -9.80 -11.86
CA ASP C 374 43.71 -9.28 -10.48
C ASP C 374 42.48 -8.45 -10.02
N SER C 375 41.51 -8.24 -10.90
CA SER C 375 40.29 -7.55 -10.49
C SER C 375 39.50 -8.40 -9.49
N ILE C 376 38.77 -7.72 -8.61
CA ILE C 376 38.03 -8.32 -7.51
C ILE C 376 36.53 -8.10 -7.67
N THR C 377 35.70 -9.12 -7.46
CA THR C 377 34.26 -8.90 -7.43
C THR C 377 33.61 -9.47 -6.18
N ILE C 378 32.64 -8.72 -5.64
CA ILE C 378 31.93 -9.09 -4.43
C ILE C 378 30.42 -9.17 -4.67
N ALA C 379 29.80 -10.25 -4.19
CA ALA C 379 28.35 -10.37 -4.30
C ALA C 379 27.69 -9.95 -3.00
N GLU C 380 26.67 -9.10 -3.10
CA GLU C 380 25.87 -8.74 -1.93
C GLU C 380 24.68 -9.69 -1.93
N ASP C 381 24.82 -10.79 -1.20
CA ASP C 381 23.80 -11.82 -1.19
C ASP C 381 23.52 -12.30 0.21
N VAL C 382 22.26 -12.16 0.60
CA VAL C 382 21.82 -12.48 1.94
C VAL C 382 21.25 -13.90 2.04
N SER C 383 20.83 -14.44 0.90
CA SER C 383 20.25 -15.79 0.85
C SER C 383 21.26 -16.92 1.10
N GLY C 384 22.53 -16.68 0.83
CA GLY C 384 23.53 -17.72 0.97
C GLY C 384 23.40 -18.78 -0.13
N MET C 385 22.92 -18.35 -1.28
CA MET C 385 22.83 -19.24 -2.43
C MET C 385 24.19 -19.92 -2.68
N PRO C 386 24.17 -21.23 -2.90
CA PRO C 386 25.41 -21.96 -3.14
C PRO C 386 26.10 -21.52 -4.44
N ALA C 387 27.42 -21.72 -4.51
CA ALA C 387 28.15 -21.68 -5.79
C ALA C 387 28.20 -20.29 -6.40
N LEU C 388 27.72 -19.32 -5.65
CA LEU C 388 27.80 -17.98 -6.14
C LEU C 388 29.27 -17.62 -6.33
N CYS C 389 30.15 -18.14 -5.48
CA CYS C 389 31.58 -17.82 -5.58
C CYS C 389 32.41 -18.92 -6.16
N SER C 390 31.82 -19.84 -6.89
CA SER C 390 32.68 -20.86 -7.46
C SER C 390 32.84 -20.62 -8.95
N PRO C 391 33.89 -21.18 -9.54
CA PRO C 391 34.28 -20.94 -10.93
C PRO C 391 33.12 -21.06 -11.90
N ILE C 392 33.21 -20.34 -12.99
CA ILE C 392 32.15 -20.37 -13.97
C ILE C 392 32.15 -21.77 -14.59
N SER C 393 33.35 -22.31 -14.77
CA SER C 393 33.52 -23.65 -15.33
C SER C 393 32.83 -24.73 -14.51
N GLN C 394 32.39 -24.40 -13.31
CA GLN C 394 31.68 -25.34 -12.45
C GLN C 394 30.18 -25.02 -12.33
N GLY C 395 29.68 -24.07 -13.11
CA GLY C 395 28.28 -23.72 -13.05
C GLY C 395 28.04 -22.67 -11.97
N GLY C 396 29.12 -22.04 -11.55
CA GLY C 396 29.07 -21.06 -10.50
C GLY C 396 29.02 -19.64 -11.03
N GLY C 397 28.85 -18.70 -10.10
CA GLY C 397 28.71 -17.30 -10.45
C GLY C 397 30.00 -16.63 -10.85
N GLY C 398 31.11 -17.08 -10.29
CA GLY C 398 32.40 -16.52 -10.66
C GLY C 398 32.85 -15.38 -9.77
N PHE C 399 32.14 -15.14 -8.65
CA PHE C 399 32.52 -14.10 -7.70
C PHE C 399 33.73 -14.46 -6.85
N ASP C 400 34.58 -13.48 -6.56
CA ASP C 400 35.71 -13.70 -5.67
C ASP C 400 35.32 -13.79 -4.20
N TYR C 401 34.34 -12.97 -3.81
CA TYR C 401 33.89 -12.84 -2.43
C TYR C 401 32.39 -12.75 -2.34
N ARG C 402 31.82 -13.31 -1.27
CA ARG C 402 30.46 -13.00 -0.90
C ARG C 402 30.51 -12.30 0.44
N LEU C 403 29.52 -11.50 0.77
CA LEU C 403 29.48 -10.88 2.09
C LEU C 403 29.02 -11.87 3.14
N ALA C 404 29.68 -11.90 4.30
CA ALA C 404 29.27 -12.78 5.40
C ALA C 404 28.22 -12.10 6.28
N MET C 405 26.97 -12.07 5.83
CA MET C 405 25.95 -11.23 6.48
C MET C 405 25.38 -11.82 7.76
N ALA C 406 25.67 -13.08 8.04
CA ALA C 406 25.19 -13.68 9.28
C ALA C 406 25.82 -13.01 10.49
N ILE C 407 27.02 -12.45 10.32
CA ILE C 407 27.77 -11.93 11.46
C ILE C 407 27.15 -10.67 12.08
N PRO C 408 26.84 -9.66 11.26
CA PRO C 408 26.21 -8.48 11.87
C PRO C 408 24.94 -8.84 12.65
N ASP C 409 24.16 -9.78 12.15
CA ASP C 409 22.93 -10.21 12.80
C ASP C 409 23.20 -10.84 14.18
N LYS C 410 24.26 -11.63 14.29
CA LYS C 410 24.54 -12.29 15.56
C LYS C 410 24.99 -11.30 16.63
N TRP C 411 25.75 -10.29 16.25
CA TRP C 411 26.14 -9.29 17.24
C TRP C 411 24.90 -8.54 17.67
N ILE C 412 23.99 -8.28 16.75
CA ILE C 412 22.75 -7.65 17.14
C ILE C 412 21.99 -8.53 18.15
N GLN C 413 21.81 -9.80 17.82
CA GLN C 413 21.05 -10.71 18.69
C GLN C 413 21.56 -10.72 20.13
N LEU C 414 22.84 -11.01 20.31
CA LEU C 414 23.46 -11.05 21.63
C LEU C 414 23.29 -9.75 22.42
N LEU C 415 23.55 -8.63 21.76
CA LEU C 415 23.49 -7.33 22.41
C LEU C 415 22.05 -6.90 22.71
N LYS C 416 21.10 -7.41 21.92
CA LYS C 416 19.69 -7.02 22.12
C LYS C 416 18.94 -7.94 23.08
N GLU C 417 19.24 -9.23 23.03
CA GLU C 417 18.42 -10.25 23.71
C GLU C 417 19.10 -11.04 24.82
N PHE C 418 20.39 -10.84 25.07
CA PHE C 418 21.14 -11.71 26.00
C PHE C 418 22.07 -11.00 26.97
N LYS C 419 21.90 -11.25 28.27
CA LYS C 419 22.87 -10.78 29.26
C LYS C 419 24.24 -11.35 28.91
N ASP C 420 25.31 -10.63 29.26
CA ASP C 420 26.65 -11.04 28.90
C ASP C 420 27.03 -12.44 29.40
N GLU C 421 26.41 -12.88 30.49
CA GLU C 421 26.74 -14.21 31.05
C GLU C 421 26.12 -15.30 30.19
N ASP C 422 25.13 -14.91 29.40
CA ASP C 422 24.35 -15.88 28.63
C ASP C 422 24.67 -15.87 27.14
N TRP C 423 25.70 -15.10 26.75
CA TRP C 423 26.22 -15.20 25.40
C TRP C 423 26.79 -16.59 25.27
N ASN C 424 26.47 -17.28 24.18
CA ASN C 424 27.02 -18.60 23.97
C ASN C 424 28.30 -18.49 23.14
N MET C 425 29.44 -18.80 23.75
CA MET C 425 30.70 -18.72 23.02
C MET C 425 30.66 -19.61 21.80
N GLY C 426 30.14 -20.83 21.98
CA GLY C 426 30.00 -21.77 20.89
C GLY C 426 29.15 -21.25 19.74
N ASP C 427 28.08 -20.54 20.04
CA ASP C 427 27.24 -19.98 18.99
C ASP C 427 28.08 -19.03 18.18
N ILE C 428 28.85 -18.21 18.88
CA ILE C 428 29.66 -17.20 18.24
C ILE C 428 30.63 -17.88 17.30
N VAL C 429 31.39 -18.82 17.84
CA VAL C 429 32.43 -19.43 17.08
C VAL C 429 31.84 -20.13 15.87
N TYR C 430 30.66 -20.73 16.04
CA TYR C 430 30.00 -21.41 14.94
C TYR C 430 29.63 -20.42 13.82
N THR C 431 29.04 -19.30 14.23
CA THR C 431 28.57 -18.32 13.27
C THR C 431 29.73 -17.68 12.49
N LEU C 432 30.90 -17.51 13.10
CA LEU C 432 31.99 -16.84 12.41
C LEU C 432 32.72 -17.81 11.51
N THR C 433 32.64 -19.09 11.86
CA THR C 433 33.43 -20.06 11.13
C THR C 433 32.58 -20.89 10.15
N ASN C 434 31.26 -20.82 10.21
CA ASN C 434 30.53 -21.68 9.31
C ASN C 434 30.60 -21.17 7.89
N ARG C 435 31.62 -21.62 7.17
CA ARG C 435 31.87 -21.15 5.81
C ARG C 435 32.19 -22.31 4.88
N ARG C 436 32.04 -22.09 3.59
CA ARG C 436 32.41 -23.10 2.61
C ARG C 436 33.88 -22.92 2.33
N TYR C 437 34.63 -24.02 2.37
CA TYR C 437 36.08 -23.96 2.32
C TYR C 437 36.62 -23.18 1.11
N LEU C 438 35.93 -23.30 -0.03
CA LEU C 438 36.37 -22.62 -1.24
C LEU C 438 35.70 -21.26 -1.52
N GLU C 439 34.90 -20.75 -0.60
CA GLU C 439 34.26 -19.45 -0.77
C GLU C 439 34.92 -18.40 0.06
N LYS C 440 35.60 -17.43 -0.57
CA LYS C 440 36.13 -16.33 0.23
C LYS C 440 34.95 -15.43 0.68
N CYS C 441 34.93 -15.04 1.94
CA CYS C 441 33.91 -14.08 2.30
C CYS C 441 34.45 -12.98 3.19
N ILE C 442 33.72 -11.87 3.15
CA ILE C 442 34.12 -10.63 3.80
C ILE C 442 33.41 -10.45 5.10
N ALA C 443 34.19 -10.38 6.17
CA ALA C 443 33.63 -10.23 7.49
C ALA C 443 33.49 -8.78 7.88
N TYR C 444 32.39 -8.45 8.52
CA TYR C 444 32.18 -7.13 9.11
C TYR C 444 31.31 -7.29 10.34
N ALA C 445 31.46 -6.38 11.30
CA ALA C 445 30.70 -6.46 12.54
C ALA C 445 29.33 -5.80 12.41
N GLU C 446 29.25 -4.73 11.63
CA GLU C 446 27.98 -4.03 11.43
C GLU C 446 27.93 -3.44 10.03
N SER C 447 26.73 -3.38 9.46
CA SER C 447 26.55 -2.95 8.08
C SER C 447 26.34 -1.46 7.99
N HIS C 448 26.35 -0.94 6.77
CA HIS C 448 26.05 0.45 6.58
C HIS C 448 24.57 0.68 6.89
N ASP C 449 23.75 -0.33 6.70
CA ASP C 449 22.33 -0.19 7.04
C ASP C 449 22.10 0.02 8.55
N GLN C 450 22.99 -0.50 9.39
CA GLN C 450 22.79 -0.43 10.83
C GLN C 450 23.22 0.92 11.37
N ALA C 451 23.80 1.70 10.48
CA ALA C 451 24.28 3.03 10.82
C ALA C 451 23.18 4.04 10.51
N LEU C 452 22.12 3.56 9.85
CA LEU C 452 21.04 4.44 9.40
C LEU C 452 20.04 4.79 10.49
N VAL C 453 19.09 5.63 10.09
CA VAL C 453 18.18 6.34 10.99
C VAL C 453 17.39 5.42 11.92
N GLY C 454 16.73 4.41 11.37
CA GLY C 454 15.84 3.61 12.20
C GLY C 454 16.51 2.55 13.06
N ASP C 455 17.84 2.62 13.18
CA ASP C 455 18.64 1.50 13.67
C ASP C 455 19.63 1.89 14.77
N LYS C 456 20.43 0.93 15.22
CA LYS C 456 21.45 1.17 16.24
C LYS C 456 22.84 0.67 15.78
N SER C 457 23.88 1.49 15.97
CA SER C 457 25.26 1.06 15.70
C SER C 457 25.78 0.20 16.83
N LEU C 458 26.92 -0.46 16.61
CA LEU C 458 27.51 -1.24 17.69
C LEU C 458 27.77 -0.37 18.90
N ALA C 459 28.28 0.83 18.66
CA ALA C 459 28.58 1.78 19.74
C ALA C 459 27.33 2.13 20.56
N PHE C 460 26.18 2.26 19.90
CA PHE C 460 24.96 2.59 20.64
C PHE C 460 24.36 1.40 21.41
N TRP C 461 24.37 0.21 20.81
CA TRP C 461 23.94 -1.01 21.49
C TRP C 461 24.73 -1.19 22.79
N LEU C 462 25.98 -0.74 22.80
CA LEU C 462 26.89 -1.02 23.92
C LEU C 462 26.85 0.07 25.00
N MET C 463 26.45 1.28 24.60
CA MET C 463 26.56 2.44 25.47
C MET C 463 25.28 3.25 25.66
N ASP C 464 24.27 3.02 24.83
CA ASP C 464 23.02 3.76 24.90
C ASP C 464 23.24 5.25 25.22
N ALA C 465 22.53 5.77 26.22
CA ALA C 465 22.54 7.20 26.55
C ALA C 465 23.88 7.68 27.13
N GLU C 466 24.64 6.76 27.74
CA GLU C 466 25.97 7.09 28.29
C GLU C 466 26.98 7.46 27.20
N MET C 467 26.55 7.41 25.95
CA MET C 467 27.42 7.76 24.84
C MET C 467 27.67 9.28 24.75
N TYR C 468 26.75 10.06 25.32
CA TYR C 468 26.81 11.52 25.26
C TYR C 468 27.20 12.21 26.59
N THR C 469 27.23 11.42 27.66
CA THR C 469 27.50 11.94 29.01
C THR C 469 28.91 11.57 29.48
N ASN C 470 29.38 10.40 29.08
CA ASN C 470 30.66 9.90 29.59
C ASN C 470 31.66 9.57 28.49
N MET C 471 31.61 10.27 27.37
CA MET C 471 32.59 10.01 26.34
C MET C 471 33.77 10.98 26.39
N SER C 472 33.74 11.87 27.38
CA SER C 472 34.84 12.80 27.64
C SER C 472 35.81 12.20 28.67
N VAL C 473 37.11 12.27 28.39
CA VAL C 473 38.10 11.73 29.33
C VAL C 473 38.08 12.52 30.63
N LEU C 474 37.39 13.65 30.62
CA LEU C 474 37.25 14.48 31.81
C LEU C 474 35.98 14.09 32.61
N THR C 475 35.22 13.11 32.11
CA THR C 475 34.02 12.64 32.82
C THR C 475 34.29 11.27 33.45
N PRO C 476 33.35 10.77 34.28
CA PRO C 476 33.54 9.46 34.93
C PRO C 476 33.69 8.29 33.95
N PHE C 477 34.70 7.45 34.15
CA PHE C 477 34.86 6.21 33.37
C PHE C 477 33.97 5.10 33.95
N THR C 478 32.67 5.19 33.69
CA THR C 478 31.71 4.29 34.30
C THR C 478 31.94 2.86 33.81
N PRO C 479 31.37 1.88 34.53
CA PRO C 479 31.54 0.48 34.13
C PRO C 479 30.83 0.20 32.81
N VAL C 480 29.80 1.00 32.53
CA VAL C 480 29.06 0.85 31.29
C VAL C 480 29.96 1.20 30.11
N ILE C 481 30.50 2.41 30.16
CA ILE C 481 31.42 2.87 29.13
C ILE C 481 32.71 2.06 29.16
N ASP C 482 33.14 1.61 30.33
CA ASP C 482 34.31 0.74 30.37
C ASP C 482 34.01 -0.53 29.56
N ARG C 483 32.88 -1.18 29.88
CA ARG C 483 32.45 -2.37 29.17
C ARG C 483 32.23 -2.09 27.68
N GLY C 484 31.57 -0.98 27.36
CA GLY C 484 31.28 -0.62 25.98
C GLY C 484 32.54 -0.59 25.14
N ILE C 485 33.53 0.19 25.59
CA ILE C 485 34.82 0.29 24.90
C ILE C 485 35.55 -1.04 24.78
N GLN C 486 35.51 -1.87 25.82
CA GLN C 486 36.20 -3.15 25.78
C GLN C 486 35.56 -4.07 24.74
N LEU C 487 34.24 -4.13 24.73
CA LEU C 487 33.54 -5.03 23.83
C LEU C 487 33.59 -4.59 22.36
N HIS C 488 33.55 -3.28 22.12
CA HIS C 488 33.60 -2.73 20.77
C HIS C 488 34.90 -3.20 20.12
N LYS C 489 35.97 -3.19 20.90
CA LYS C 489 37.25 -3.62 20.38
C LYS C 489 37.19 -5.13 20.13
N MET C 490 36.68 -5.85 21.12
CA MET C 490 36.71 -7.31 21.07
C MET C 490 35.81 -7.88 19.99
N ILE C 491 34.60 -7.31 19.85
CA ILE C 491 33.64 -7.72 18.82
C ILE C 491 34.20 -7.53 17.40
N ARG C 492 34.86 -6.41 17.17
CA ARG C 492 35.53 -6.14 15.90
C ARG C 492 36.70 -7.10 15.74
N LEU C 493 37.45 -7.29 16.81
CA LEU C 493 38.64 -8.12 16.70
C LEU C 493 38.32 -9.58 16.42
N ILE C 494 37.32 -10.15 17.10
CA ILE C 494 36.93 -11.54 16.85
C ILE C 494 36.39 -11.65 15.43
N THR C 495 35.57 -10.70 15.02
CA THR C 495 35.09 -10.67 13.64
C THR C 495 36.25 -10.66 12.66
N HIS C 496 37.20 -9.78 12.92
CA HIS C 496 38.36 -9.55 12.07
C HIS C 496 39.28 -10.76 11.95
N GLY C 497 39.51 -11.44 13.08
CA GLY C 497 40.41 -12.57 13.09
C GLY C 497 39.79 -13.92 12.71
N LEU C 498 38.51 -14.10 13.00
CA LEU C 498 37.91 -15.42 12.91
C LEU C 498 36.88 -15.54 11.79
N GLY C 499 36.29 -14.43 11.44
CA GLY C 499 35.07 -14.40 10.64
C GLY C 499 35.08 -14.68 9.16
N GLY C 500 36.20 -14.36 8.48
CA GLY C 500 36.27 -14.47 7.03
C GLY C 500 37.65 -14.31 6.41
N GLU C 501 37.69 -14.03 5.10
CA GLU C 501 38.96 -13.86 4.36
C GLU C 501 39.21 -12.42 3.91
N GLY C 502 38.38 -11.51 4.41
CA GLY C 502 38.51 -10.09 4.15
C GLY C 502 37.77 -9.38 5.26
N TYR C 503 38.07 -8.12 5.51
CA TYR C 503 37.39 -7.39 6.56
C TYR C 503 36.71 -6.17 6.00
N LEU C 504 35.56 -5.80 6.57
CA LEU C 504 34.90 -4.57 6.14
C LEU C 504 34.54 -3.71 7.33
N ASN C 505 34.59 -2.40 7.12
CA ASN C 505 34.26 -1.43 8.14
C ASN C 505 33.67 -0.20 7.48
N PHE C 506 32.47 0.17 7.89
CA PHE C 506 31.84 1.31 7.28
C PHE C 506 32.31 2.59 7.95
N MET C 507 32.45 3.63 7.12
CA MET C 507 32.88 4.99 7.49
C MET C 507 32.39 5.51 8.86
N GLY C 508 33.31 5.63 9.81
CA GLY C 508 32.99 6.18 11.11
C GLY C 508 32.91 5.13 12.20
N ASN C 509 32.49 3.94 11.84
CA ASN C 509 32.32 2.88 12.81
C ASN C 509 33.65 2.40 13.35
N GLU C 510 34.74 2.77 12.71
CA GLU C 510 36.03 2.25 13.16
C GLU C 510 36.41 2.83 14.52
N PHE C 511 35.78 3.93 14.90
CA PHE C 511 36.03 4.54 16.20
C PHE C 511 34.75 4.67 17.00
N GLY C 512 33.71 3.98 16.59
CA GLY C 512 32.45 4.04 17.32
C GLY C 512 31.73 5.37 17.17
N HIS C 513 31.58 5.82 15.92
CA HIS C 513 30.94 7.09 15.61
C HIS C 513 29.55 7.20 16.26
N PRO C 514 29.30 8.32 16.97
CA PRO C 514 28.08 8.58 17.74
C PRO C 514 26.90 8.93 16.86
N GLU C 515 25.75 9.18 17.47
CA GLU C 515 24.54 9.59 16.76
C GLU C 515 24.24 8.59 15.63
N TRP C 516 23.74 9.05 14.50
CA TRP C 516 23.41 8.15 13.41
C TRP C 516 23.53 8.81 12.04
N LEU C 517 23.24 8.04 11.00
CA LEU C 517 23.29 8.57 9.64
C LEU C 517 21.91 8.68 9.04
N ASP C 518 21.64 9.79 8.34
CA ASP C 518 20.37 9.94 7.64
C ASP C 518 20.48 10.99 6.55
N PHE C 519 19.70 10.84 5.49
CA PHE C 519 19.78 11.75 4.35
C PHE C 519 18.63 12.73 4.23
N PRO C 520 18.88 13.84 3.54
CA PRO C 520 17.82 14.80 3.23
C PRO C 520 16.68 14.19 2.43
N ARG C 521 15.48 14.41 2.94
CA ARG C 521 14.22 13.91 2.41
C ARG C 521 13.06 14.65 3.11
N LYS C 522 11.81 14.30 2.77
CA LYS C 522 10.64 14.94 3.39
C LYS C 522 10.68 14.76 4.92
N GLY C 523 10.76 13.51 5.35
CA GLY C 523 10.72 13.14 6.76
C GLY C 523 11.62 13.90 7.72
N ASN C 524 12.54 14.71 7.19
CA ASN C 524 13.38 15.57 8.03
C ASN C 524 13.67 16.93 7.38
N ASN C 525 12.82 17.33 6.44
CA ASN C 525 12.94 18.67 5.86
C ASN C 525 14.30 18.89 5.21
N GLU C 526 14.71 17.98 4.34
CA GLU C 526 15.99 18.06 3.65
C GLU C 526 17.13 18.36 4.63
N SER C 527 17.16 17.65 5.76
CA SER C 527 18.20 17.89 6.75
C SER C 527 19.50 17.13 6.41
N TYR C 528 20.59 17.88 6.45
CA TYR C 528 21.92 17.32 6.31
C TYR C 528 22.62 17.15 7.66
N HIS C 529 21.90 17.38 8.76
CA HIS C 529 22.55 17.38 10.08
C HIS C 529 23.09 15.99 10.41
N TYR C 530 22.40 14.96 9.95
CA TYR C 530 22.89 13.62 10.21
C TYR C 530 23.44 12.95 8.94
N ALA C 531 23.53 13.72 7.86
CA ALA C 531 24.08 13.26 6.59
C ALA C 531 25.54 13.65 6.45
N ARG C 532 26.33 13.36 7.49
CA ARG C 532 27.74 13.73 7.54
C ARG C 532 28.54 12.78 8.45
N ARG C 533 29.81 13.11 8.65
CA ARG C 533 30.69 12.30 9.48
C ARG C 533 31.64 13.18 10.31
N GLN C 534 31.59 12.98 11.62
CA GLN C 534 32.38 13.77 12.55
C GLN C 534 33.81 13.24 12.80
N PHE C 535 34.60 13.10 11.74
CA PHE C 535 35.94 12.49 11.82
C PHE C 535 36.88 13.11 12.84
N HIS C 536 36.63 14.37 13.18
CA HIS C 536 37.50 15.14 14.08
C HIS C 536 37.51 14.63 15.51
N LEU C 537 36.47 13.89 15.84
CA LEU C 537 36.27 13.35 17.17
C LEU C 537 37.50 12.54 17.59
N THR C 538 38.16 11.94 16.61
CA THR C 538 39.32 11.08 16.87
C THR C 538 40.60 11.90 17.11
N ASP C 539 40.50 13.20 16.83
CA ASP C 539 41.66 14.09 16.97
C ASP C 539 41.61 14.83 18.32
N ASP C 540 40.45 14.72 18.97
CA ASP C 540 40.17 15.41 20.23
C ASP C 540 40.68 14.61 21.43
N ASP C 541 41.72 15.11 22.10
CA ASP C 541 42.26 14.40 23.27
C ASP C 541 41.31 14.34 24.44
N LEU C 542 40.33 15.24 24.47
CA LEU C 542 39.39 15.32 25.58
C LEU C 542 38.25 14.35 25.39
N LEU C 543 38.28 13.62 24.28
CA LEU C 543 37.26 12.62 24.01
C LEU C 543 37.89 11.23 23.97
N ARG C 544 37.07 10.19 24.07
CA ARG C 544 37.57 8.81 24.18
C ARG C 544 37.58 7.98 22.87
N TYR C 545 36.97 8.50 21.81
CA TYR C 545 37.01 7.89 20.47
C TYR C 545 38.43 7.54 20.01
N LYS C 546 39.41 8.36 20.40
CA LYS C 546 40.82 8.11 20.05
C LYS C 546 41.27 6.69 20.43
N PHE C 547 40.62 6.15 21.47
CA PHE C 547 40.86 4.79 21.98
C PHE C 547 40.41 3.71 21.00
N LEU C 548 39.16 3.83 20.56
CA LEU C 548 38.59 2.86 19.63
C LEU C 548 39.31 3.00 18.29
N ASN C 549 39.61 4.24 17.92
CA ASN C 549 40.31 4.55 16.70
C ASN C 549 41.73 3.97 16.69
N ASN C 550 42.45 4.10 17.81
CA ASN C 550 43.81 3.54 17.92
C ASN C 550 43.87 2.03 17.78
N PHE C 551 42.85 1.37 18.33
CA PHE C 551 42.74 -0.07 18.27
C PHE C 551 42.50 -0.51 16.85
N ASP C 552 41.69 0.25 16.14
CA ASP C 552 41.38 -0.10 14.77
C ASP C 552 42.65 -0.03 13.94
N ARG C 553 43.39 1.06 14.09
CA ARG C 553 44.59 1.26 13.29
C ARG C 553 45.55 0.11 13.51
N ASP C 554 45.75 -0.26 14.77
CA ASP C 554 46.74 -1.25 15.11
C ASP C 554 46.25 -2.63 14.79
N MET C 555 44.94 -2.78 14.84
CA MET C 555 44.33 -4.04 14.46
C MET C 555 44.72 -4.31 13.02
N ASN C 556 44.55 -3.30 12.19
CA ASN C 556 44.84 -3.46 10.78
C ASN C 556 46.32 -3.57 10.44
N ARG C 557 47.18 -2.80 11.10
CA ARG C 557 48.60 -2.89 10.79
C ARG C 557 49.14 -4.25 11.16
N LEU C 558 48.57 -4.83 12.20
CA LEU C 558 49.00 -6.14 12.68
C LEU C 558 48.67 -7.24 11.67
N GLU C 559 47.49 -7.12 11.08
CA GLU C 559 47.08 -8.06 10.06
C GLU C 559 48.00 -7.90 8.87
N GLU C 560 48.40 -6.66 8.60
CA GLU C 560 49.30 -6.43 7.48
C GLU C 560 50.63 -7.19 7.69
N ARG C 561 51.12 -7.25 8.92
CA ARG C 561 52.36 -7.97 9.17
C ARG C 561 52.13 -9.48 9.15
N TYR C 562 51.03 -9.95 9.76
CA TYR C 562 50.89 -11.40 9.94
C TYR C 562 49.91 -12.10 9.00
N GLY C 563 48.98 -11.35 8.41
CA GLY C 563 48.11 -11.86 7.37
C GLY C 563 47.10 -12.97 7.67
N TRP C 564 46.29 -12.79 8.71
CA TRP C 564 45.38 -13.86 9.11
C TRP C 564 44.14 -13.96 8.23
N LEU C 565 43.83 -12.91 7.48
CA LEU C 565 42.69 -12.95 6.58
C LEU C 565 42.94 -13.91 5.41
N ALA C 566 44.19 -13.99 4.97
CA ALA C 566 44.56 -14.85 3.85
C ALA C 566 45.04 -16.20 4.36
N ALA C 567 45.10 -16.32 5.68
CA ALA C 567 45.50 -17.56 6.31
C ALA C 567 44.35 -18.56 6.25
N PRO C 568 44.69 -19.84 6.39
CA PRO C 568 43.62 -20.82 6.50
C PRO C 568 42.76 -20.58 7.76
N GLN C 569 41.62 -21.25 7.81
CA GLN C 569 40.69 -21.07 8.89
C GLN C 569 41.34 -21.33 10.23
N ALA C 570 40.93 -20.61 11.28
CA ALA C 570 41.51 -20.78 12.62
C ALA C 570 41.34 -22.21 13.19
N TYR C 571 42.27 -22.61 14.06
CA TYR C 571 42.12 -23.82 14.85
C TYR C 571 41.65 -23.41 16.23
N VAL C 572 40.35 -23.55 16.48
CA VAL C 572 39.80 -23.16 17.77
C VAL C 572 40.07 -24.21 18.81
N SER C 573 40.87 -23.89 19.83
CA SER C 573 41.19 -24.86 20.87
C SER C 573 40.22 -24.78 22.05
N GLU C 574 39.56 -23.64 22.23
CA GLU C 574 38.69 -23.46 23.38
C GLU C 574 37.48 -22.55 23.15
N LYS C 575 36.29 -23.07 23.39
CA LYS C 575 35.08 -22.26 23.38
C LYS C 575 34.34 -22.59 24.66
N HIS C 576 34.94 -22.18 25.78
CA HIS C 576 34.52 -22.58 27.11
C HIS C 576 33.37 -21.72 27.63
N GLU C 577 32.20 -22.35 27.74
CA GLU C 577 30.97 -21.68 28.13
C GLU C 577 31.01 -21.15 29.57
N GLY C 578 31.75 -21.86 30.41
CA GLY C 578 31.83 -21.52 31.82
C GLY C 578 32.56 -20.24 32.10
N ASN C 579 33.84 -20.21 31.71
CA ASN C 579 34.69 -19.06 31.94
C ASN C 579 34.44 -17.93 30.93
N LYS C 580 33.67 -18.25 29.88
CA LYS C 580 33.43 -17.34 28.76
C LYS C 580 34.73 -16.99 28.01
N ILE C 581 35.49 -18.01 27.65
CA ILE C 581 36.74 -17.85 26.91
C ILE C 581 36.69 -18.46 25.49
N ILE C 582 37.10 -17.68 24.48
CA ILE C 582 37.36 -18.24 23.15
C ILE C 582 38.84 -18.09 22.80
N ALA C 583 39.47 -19.19 22.40
CA ALA C 583 40.88 -19.18 22.04
C ALA C 583 41.12 -19.94 20.74
N PHE C 584 41.97 -19.40 19.88
CA PHE C 584 42.25 -20.05 18.60
C PHE C 584 43.55 -19.56 18.00
N GLU C 585 44.02 -20.26 16.97
CA GLU C 585 45.23 -19.89 16.28
C GLU C 585 44.93 -19.58 14.82
N ARG C 586 45.50 -18.51 14.29
CA ARG C 586 45.39 -18.30 12.84
C ARG C 586 46.66 -17.62 12.32
N ALA C 587 47.22 -18.20 11.26
CA ALA C 587 48.46 -17.71 10.70
C ALA C 587 49.55 -17.73 11.78
N GLY C 588 49.48 -18.70 12.68
CA GLY C 588 50.47 -18.84 13.73
C GLY C 588 50.25 -18.04 15.00
N LEU C 589 49.44 -17.00 14.95
CA LEU C 589 49.21 -16.22 16.16
C LEU C 589 48.16 -16.85 17.07
N LEU C 590 48.23 -16.52 18.35
CA LEU C 590 47.30 -17.10 19.31
C LEU C 590 46.36 -16.01 19.83
N PHE C 591 45.07 -16.17 19.57
CA PHE C 591 44.05 -15.21 19.97
C PHE C 591 43.36 -15.68 21.24
N ILE C 592 43.24 -14.80 22.22
CA ILE C 592 42.61 -15.14 23.48
C ILE C 592 41.58 -14.08 23.86
N PHE C 593 40.31 -14.47 23.85
CA PHE C 593 39.23 -13.55 24.18
C PHE C 593 38.60 -13.94 25.49
N ASN C 594 38.53 -12.98 26.39
CA ASN C 594 37.85 -13.18 27.67
C ASN C 594 36.58 -12.32 27.70
N PHE C 595 35.47 -12.98 27.39
CA PHE C 595 34.19 -12.31 27.29
C PHE C 595 33.44 -12.36 28.60
N HIS C 596 34.09 -12.95 29.60
CA HIS C 596 33.41 -13.11 30.89
C HIS C 596 33.19 -11.73 31.48
N PRO C 597 31.98 -11.45 31.96
CA PRO C 597 31.68 -10.09 32.44
C PRO C 597 32.37 -9.71 33.77
N SER C 598 33.05 -10.64 34.45
CA SER C 598 33.74 -10.29 35.71
C SER C 598 35.06 -11.00 36.03
N LYS C 599 35.20 -12.28 35.69
CA LYS C 599 36.37 -13.06 36.12
C LYS C 599 37.68 -12.83 35.35
N SER C 600 38.81 -12.92 36.05
CA SER C 600 40.11 -12.94 35.38
C SER C 600 40.86 -14.23 35.71
N TYR C 601 41.77 -14.64 34.83
CA TYR C 601 42.35 -15.97 34.93
C TYR C 601 43.87 -15.89 34.99
N THR C 602 44.45 -16.57 35.96
CA THR C 602 45.83 -16.30 36.33
C THR C 602 46.83 -17.32 35.83
N ASP C 603 46.52 -18.61 35.91
CA ASP C 603 47.40 -19.57 35.28
C ASP C 603 46.58 -20.35 34.29
N TYR C 604 45.97 -19.62 33.37
CA TYR C 604 45.03 -20.23 32.45
C TYR C 604 45.78 -20.93 31.34
N ARG C 605 45.48 -22.21 31.18
CA ARG C 605 46.21 -23.01 30.21
C ARG C 605 45.56 -22.87 28.82
N VAL C 606 46.41 -22.60 27.82
CA VAL C 606 45.93 -22.35 26.48
C VAL C 606 46.70 -23.22 25.49
N GLY C 607 45.98 -23.86 24.59
CA GLY C 607 46.60 -24.76 23.63
C GLY C 607 47.44 -24.07 22.58
N THR C 608 48.41 -24.80 22.04
CA THR C 608 49.34 -24.29 21.03
C THR C 608 49.76 -25.42 20.09
N ALA C 609 50.10 -25.12 18.84
CA ALA C 609 50.43 -26.18 17.90
C ALA C 609 51.90 -26.57 17.98
N LEU C 610 52.76 -25.57 18.10
CA LEU C 610 54.20 -25.78 18.16
C LEU C 610 54.72 -25.32 19.53
N PRO C 611 55.83 -25.91 20.00
CA PRO C 611 56.33 -25.53 21.32
C PRO C 611 57.17 -24.29 21.28
N GLY C 612 57.33 -23.64 22.42
CA GLY C 612 58.23 -22.51 22.50
C GLY C 612 57.82 -21.26 23.24
N LYS C 613 58.49 -20.17 22.86
CA LYS C 613 58.34 -18.90 23.55
C LYS C 613 57.38 -17.99 22.81
N PHE C 614 56.34 -17.59 23.54
CA PHE C 614 55.29 -16.71 23.01
C PHE C 614 55.45 -15.34 23.63
N LYS C 615 55.17 -14.31 22.82
CA LYS C 615 55.21 -12.92 23.26
C LYS C 615 53.95 -12.19 22.77
N ILE C 616 53.46 -11.25 23.58
CA ILE C 616 52.32 -10.42 23.18
C ILE C 616 52.62 -9.48 22.02
N VAL C 617 51.88 -9.64 20.91
CA VAL C 617 52.00 -8.74 19.75
C VAL C 617 50.82 -7.79 19.67
N LEU C 618 49.73 -8.14 20.33
CA LEU C 618 48.59 -7.23 20.50
C LEU C 618 47.81 -7.52 21.77
N ASP C 619 47.41 -6.45 22.45
CA ASP C 619 46.76 -6.50 23.76
C ASP C 619 45.69 -5.42 23.84
N SER C 620 44.42 -5.84 23.89
CA SER C 620 43.33 -4.88 23.85
C SER C 620 43.25 -4.10 25.14
N ASP C 621 44.04 -4.51 26.13
CA ASP C 621 43.99 -3.85 27.43
C ASP C 621 44.99 -2.70 27.59
N ALA C 622 45.89 -2.53 26.62
CA ALA C 622 46.85 -1.44 26.65
C ALA C 622 46.14 -0.11 26.86
N ALA C 623 46.88 0.84 27.43
CA ALA C 623 46.34 2.15 27.79
C ALA C 623 45.87 2.96 26.58
N GLU C 624 46.58 2.84 25.46
CA GLU C 624 46.25 3.64 24.28
C GLU C 624 44.91 3.21 23.67
N TYR C 625 44.39 2.06 24.10
CA TYR C 625 43.10 1.58 23.60
C TYR C 625 42.02 1.78 24.65
N GLY C 626 42.40 2.41 25.76
CA GLY C 626 41.48 2.61 26.87
C GLY C 626 41.38 1.42 27.80
N GLY C 627 42.48 0.68 27.90
CA GLY C 627 42.53 -0.48 28.77
C GLY C 627 43.02 -0.11 30.15
N HIS C 628 43.40 -1.11 30.94
CA HIS C 628 43.86 -0.86 32.31
C HIS C 628 45.31 -1.27 32.50
N GLN C 629 45.94 -1.67 31.41
CA GLN C 629 47.39 -1.77 31.37
C GLN C 629 47.93 -2.79 32.38
N ARG C 630 47.24 -3.92 32.50
CA ARG C 630 47.55 -4.92 33.52
C ARG C 630 48.69 -5.89 33.16
N LEU C 631 49.13 -5.89 31.90
CA LEU C 631 50.19 -6.82 31.48
C LEU C 631 51.54 -6.14 31.13
N ASP C 632 52.64 -6.78 31.55
CA ASP C 632 54.01 -6.38 31.19
C ASP C 632 54.50 -7.27 30.05
N HIS C 633 54.71 -6.66 28.89
CA HIS C 633 55.00 -7.37 27.64
C HIS C 633 56.35 -8.11 27.61
N SER C 634 57.14 -7.95 28.67
CA SER C 634 58.43 -8.66 28.75
C SER C 634 58.26 -10.10 29.27
N THR C 635 57.11 -10.38 29.91
CA THR C 635 56.84 -11.73 30.41
C THR C 635 56.92 -12.72 29.26
N ASP C 636 57.86 -13.67 29.33
CA ASP C 636 57.92 -14.74 28.31
C ASP C 636 56.90 -15.81 28.70
N PHE C 637 56.10 -16.24 27.72
CA PHE C 637 55.13 -17.27 27.97
C PHE C 637 55.61 -18.51 27.21
N PHE C 638 55.92 -19.58 27.91
CA PHE C 638 56.45 -20.75 27.21
C PHE C 638 55.40 -21.83 27.06
N SER C 639 55.36 -22.41 25.87
CA SER C 639 54.52 -23.56 25.68
C SER C 639 55.43 -24.78 25.85
N GLU C 640 55.12 -25.56 26.88
CA GLU C 640 55.88 -26.76 27.21
C GLU C 640 55.16 -27.96 26.60
N ALA C 641 55.77 -29.14 26.67
CA ALA C 641 55.07 -30.35 26.26
C ALA C 641 54.06 -30.74 27.35
N PHE C 642 52.83 -30.26 27.16
CA PHE C 642 51.75 -30.47 28.11
C PHE C 642 50.45 -30.41 27.32
N GLU C 643 49.89 -31.57 26.99
CA GLU C 643 48.68 -31.64 26.19
C GLU C 643 47.51 -30.98 26.90
N HIS C 644 46.80 -30.14 26.16
CA HIS C 644 45.67 -29.39 26.68
C HIS C 644 44.72 -29.03 25.57
N ASN C 645 43.44 -29.35 25.77
CA ASN C 645 42.37 -29.01 24.83
C ASN C 645 42.69 -29.46 23.41
N GLY C 646 43.32 -30.63 23.30
CA GLY C 646 43.61 -31.21 22.00
C GLY C 646 44.84 -30.62 21.32
N ARG C 647 45.66 -29.94 22.13
CA ARG C 647 46.91 -29.40 21.66
C ARG C 647 48.07 -30.15 22.27
N PRO C 648 49.10 -30.45 21.45
CA PRO C 648 50.22 -31.19 22.03
C PRO C 648 51.05 -30.33 23.03
N TYR C 649 50.95 -29.00 22.96
CA TYR C 649 51.69 -28.14 23.88
C TYR C 649 50.75 -27.13 24.53
N SER C 650 51.20 -26.50 25.61
CA SER C 650 50.37 -25.53 26.36
C SER C 650 51.21 -24.39 26.89
N LEU C 651 50.59 -23.22 26.99
CA LEU C 651 51.18 -22.10 27.72
C LEU C 651 50.25 -21.74 28.85
N LEU C 652 50.75 -20.94 29.79
CA LEU C 652 49.92 -20.39 30.85
C LEU C 652 49.95 -18.89 30.70
N VAL C 653 48.76 -18.29 30.63
CA VAL C 653 48.63 -16.86 30.42
C VAL C 653 47.82 -16.21 31.52
N TYR C 654 47.99 -14.91 31.68
CA TYR C 654 47.13 -14.11 32.54
C TYR C 654 46.25 -13.20 31.68
N ILE C 655 44.93 -13.32 31.80
CA ILE C 655 44.02 -12.53 30.96
C ILE C 655 42.79 -11.99 31.65
N PRO C 656 42.74 -10.68 31.85
CA PRO C 656 41.65 -10.01 32.56
C PRO C 656 40.33 -10.09 31.83
N SER C 657 39.26 -9.86 32.59
CA SER C 657 37.92 -9.77 32.05
C SER C 657 37.87 -8.74 30.91
N ARG C 658 37.29 -9.13 29.79
CA ARG C 658 37.08 -8.24 28.65
C ARG C 658 38.40 -7.70 28.09
N VAL C 659 39.29 -8.64 27.80
CA VAL C 659 40.57 -8.38 27.17
C VAL C 659 40.81 -9.37 26.03
N ALA C 660 41.37 -8.91 24.92
CA ALA C 660 41.73 -9.83 23.87
C ALA C 660 43.26 -9.85 23.71
N LEU C 661 43.83 -11.00 23.41
CA LEU C 661 45.27 -11.09 23.29
C LEU C 661 45.74 -11.83 22.05
N ILE C 662 46.75 -11.30 21.39
CA ILE C 662 47.40 -12.06 20.34
C ILE C 662 48.85 -12.25 20.73
N LEU C 663 49.30 -13.49 20.72
CA LEU C 663 50.66 -13.84 21.08
C LEU C 663 51.41 -14.43 19.91
N GLN C 664 52.70 -14.10 19.76
CA GLN C 664 53.47 -14.76 18.70
C GLN C 664 54.57 -15.73 19.19
N ASN C 665 54.73 -16.82 18.45
CA ASN C 665 55.84 -17.75 18.66
C ASN C 665 57.06 -17.25 17.91
N VAL C 666 58.13 -16.94 18.64
CA VAL C 666 59.31 -16.32 18.02
C VAL C 666 60.38 -17.33 17.66
N ASP C 667 59.94 -18.55 17.31
CA ASP C 667 60.84 -19.61 16.86
C ASP C 667 60.25 -20.35 15.65
C1 GLC D . -48.44 3.48 -41.01
C2 GLC D . -48.93 2.06 -41.33
C3 GLC D . -48.64 1.03 -40.26
C4 GLC D . -47.15 1.18 -39.88
C5 GLC D . -47.04 2.61 -39.31
C6 GLC D . -45.80 3.00 -38.50
O1 GLC D . -49.34 4.11 -40.09
O2 GLC D . -50.35 2.05 -41.56
O3 GLC D . -49.02 -0.23 -40.81
O4 GLC D . -46.52 0.23 -38.98
O5 GLC D . -47.11 3.51 -40.43
O6 GLC D . -45.57 4.40 -38.79
H1 GLC D . -48.42 4.06 -41.93
H2 GLC D . -48.42 1.74 -42.25
H3 GLC D . -49.25 1.26 -39.37
H4 GLC D . -46.57 1.17 -40.82
H5 GLC D . -47.92 2.78 -38.67
H61 GLC D . -45.98 2.85 -37.43
H62 GLC D . -44.94 2.40 -38.80
HO1 GLC D . -49.06 5.03 -39.93
HO2 GLC D . -50.57 2.70 -42.24
HO3 GLC D . -49.97 -0.22 -41.02
HO6 GLC D . -44.79 4.71 -38.30
C1 GLC D . -47.13 -1.02 -38.55
C2 GLC D . -46.01 -1.93 -38.11
C3 GLC D . -45.29 -2.53 -39.31
C4 GLC D . -46.27 -3.42 -40.05
C5 GLC D . -47.42 -2.53 -40.51
C6 GLC D . -48.52 -3.40 -41.10
O2 GLC D . -45.10 -1.18 -37.29
O3 GLC D . -44.18 -3.30 -38.88
O4 GLC D . -45.65 -4.06 -41.17
O5 GLC D . -47.98 -1.75 -39.45
O6 GLC D . -49.06 -4.25 -40.08
H1 GLC D . -47.73 -0.80 -37.64
H2 GLC D . -46.43 -2.75 -37.51
H3 GLC D . -44.97 -1.72 -39.98
H4 GLC D . -46.66 -4.18 -39.35
H5 GLC D . -47.04 -1.87 -41.30
H61 GLC D . -48.12 -4.01 -41.91
H62 GLC D . -49.32 -2.77 -41.50
HO2 GLC D . -45.57 -0.80 -36.53
HO3 GLC D . -43.56 -2.72 -38.41
HO6 GLC D . -49.76 -4.79 -40.46
C1 AC1 D . -45.29 -5.40 -40.95
O2 AC1 D . -43.05 -4.64 -41.17
C2 AC1 D . -43.96 -5.64 -41.63
C4A AC1 D . -45.11 -6.77 -48.85
C3 AC1 D . -44.10 -5.59 -43.13
O3 AC1 D . -42.81 -5.77 -43.74
C4 AC1 D . -45.04 -6.68 -43.59
N4A AC1 D . -45.18 -6.59 -45.04
C5 AC1 D . -46.38 -6.52 -42.88
O5 AC1 D . -46.26 -6.32 -41.45
C6 AC1 D . -47.25 -7.77 -43.03
C1B AC1 D . -45.03 -7.71 -45.95
C2B AC1 D . -43.78 -7.53 -46.80
O2B AC1 D . -42.71 -7.15 -45.93
C3B AC1 D . -43.95 -6.47 -47.89
O3B AC1 D . -42.76 -6.41 -48.68
O4 AC1 D . -45.63 -5.57 -49.45
C5B AC1 D . -46.24 -7.50 -48.17
C7B AC1 D . -46.23 -7.90 -46.86
C6B AC1 D . -47.42 -7.80 -49.05
O6B AC1 D . -47.86 -9.14 -48.80
H1 AC1 D . -45.15 -5.57 -39.87
HO2 AC1 D . -42.97 -4.69 -40.21
H2 AC1 D . -43.59 -6.64 -41.34
HC4 AC1 D . -44.72 -7.42 -49.65
H3 AC1 D . -44.52 -4.62 -43.41
HO3 AC1 D . -42.22 -5.07 -43.43
H4 AC1 D . -44.61 -7.66 -43.34
HN4 AC1 D . -45.39 -5.68 -45.44
H5 AC1 D . -46.91 -5.67 -43.31
H61 AC1 D . -48.16 -7.64 -42.51
H62 AC1 D . -46.73 -8.61 -42.65
H63 AC1 D . -47.45 -7.93 -44.07
HCB1 AC1 D . -44.91 -8.62 -45.35
HCB2 AC1 D . -43.54 -8.49 -47.28
HO2B AC1 D . -41.89 -7.09 -46.43
HCB3 AC1 D . -44.14 -5.49 -47.42
HOB3 AC1 D . -42.83 -5.70 -49.33
HO4 AC1 D . -46.32 -5.79 -50.09
HC7 AC1 D . -47.10 -8.42 -46.48
HC61 AC1 D . -47.13 -7.70 -50.11
HC62 AC1 D . -48.23 -7.09 -48.84
HO6B AC1 D . -48.61 -9.35 -49.35
C1 GLC E . -38.59 0.93 23.07
C2 GLC E . -39.09 2.38 23.15
C3 GLC E . -38.11 3.40 22.57
C4 GLC E . -36.73 3.14 23.15
C5 GLC E . -36.39 1.72 22.70
C6 GLC E . -34.92 1.34 22.87
O1 GLC E . -38.77 0.42 21.73
O2 GLC E . -40.36 2.50 22.49
O3 GLC E . -38.61 4.70 22.90
O4 GLC E . -35.61 4.03 22.88
O5 GLC E . -37.22 0.83 23.45
O6 GLC E . -34.79 -0.10 23.00
H1 GLC E . -39.20 0.33 23.76
H2 GLC E . -39.22 2.62 24.22
H3 GLC E . -38.08 3.28 21.47
H4 GLC E . -36.86 3.09 24.25
H5 GLC E . -36.64 1.64 21.63
H61 GLC E . -34.35 1.67 22.00
H62 GLC E . -34.51 1.83 23.75
HO1 GLC E . -38.50 -0.51 21.71
HO2 GLC E . -40.98 1.85 22.86
HO3 GLC E . -39.48 4.82 22.51
HO6 GLC E . -33.86 -0.33 23.10
C1 GLC E . -35.66 5.27 22.13
C2 GLC E . -34.42 6.04 22.59
C3 GLC E . -34.65 6.76 23.91
C4 GLC E . -35.83 7.72 23.79
C5 GLC E . -37.06 6.94 23.38
C6 GLC E . -38.23 7.87 23.07
O2 GLC E . -33.31 5.13 22.71
O3 GLC E . -33.51 7.51 24.32
O4 GLC E . -36.05 8.36 25.05
O5 GLC E . -36.85 6.09 22.23
O6 GLC E . -37.90 8.71 21.96
H1 GLC E . -35.51 5.03 21.07
H2 GLC E . -34.18 6.79 21.83
H3 GLC E . -34.90 6.02 24.68
H4 GLC E . -35.60 8.46 23.01
H5 GLC E . -37.35 6.30 24.23
H61 GLC E . -38.45 8.48 23.95
H62 GLC E . -39.12 7.28 22.84
HO2 GLC E . -33.16 4.68 21.88
HO3 GLC E . -32.75 6.93 24.40
HO6 GLC E . -38.64 9.30 21.76
C1 AC1 E . -35.48 9.67 25.18
O2 AC1 E . -33.84 8.81 26.75
C2 AC1 E . -34.80 9.84 26.54
C4A AC1 E . -39.99 11.70 31.60
C3 AC1 E . -35.79 9.88 27.68
O3 AC1 E . -35.05 10.14 28.88
C4 AC1 E . -36.83 10.96 27.45
N4A AC1 E . -37.88 10.95 28.45
C5 AC1 E . -37.48 10.77 26.09
O5 AC1 E . -36.51 10.65 25.03
C6 AC1 E . -38.39 11.97 25.82
C1B AC1 E . -38.26 12.15 29.17
C2B AC1 E . -37.71 12.06 30.57
O2B AC1 E . -36.37 11.53 30.49
C3B AC1 E . -38.58 11.15 31.43
O3B AC1 E . -38.02 11.02 32.75
O4 AC1 E . -40.81 10.65 32.14
C5B AC1 E . -40.53 12.22 30.29
C7B AC1 E . -39.75 12.38 29.19
C6B AC1 E . -42.00 12.58 30.21
O6B AC1 E . -42.15 13.96 29.86
H1 AC1 E . -34.73 9.81 24.40
HO2 AC1 E . -33.21 8.78 26.00
H2 AC1 E . -34.27 10.80 26.52
HC4 AC1 E . -39.95 12.54 32.32
H3 AC1 E . -36.29 8.89 27.76
HO3 AC1 E . -34.39 9.45 29.01
H4 AC1 E . -36.33 11.94 27.48
HN4 AC1 E . -38.37 10.08 28.65
H5 AC1 E . -38.10 9.86 26.11
H61 AC1 E . -38.82 11.88 24.85
H62 AC1 E . -37.82 12.86 25.86
H63 AC1 E . -39.16 12.01 26.55
HCB1 AC1 E . -37.78 13.01 28.68
HCB2 AC1 E . -37.68 13.06 31.02
HO2B AC1 E . -35.98 11.48 31.37
HCB3 AC1 E . -38.64 10.16 30.96
HOB3 AC1 E . -38.55 10.40 33.26
HO4 AC1 E . -41.71 10.99 32.28
HC7 AC1 E . -40.23 12.75 28.29
HC61 AC1 E . -42.47 12.40 31.18
HC62 AC1 E . -42.50 11.96 29.46
HO6B AC1 E . -43.09 14.19 29.81
C1 GLC F . 12.37 -4.47 -36.31
C2 GLC F . 12.93 -5.86 -35.93
C3 GLC F . 12.74 -6.19 -34.43
C4 GLC F . 13.43 -5.02 -33.70
C5 GLC F . 12.47 -3.86 -34.04
C6 GLC F . 12.51 -2.63 -33.13
O1 GLC F . 10.94 -4.48 -36.37
O2 GLC F . 12.33 -6.88 -36.72
O3 GLC F . 13.28 -7.49 -34.14
O4 GLC F . 13.72 -5.10 -32.29
O5 GLC F . 12.77 -3.45 -35.38
O6 GLC F . 11.86 -1.57 -33.86
H1 GLC F . 12.77 -4.21 -37.31
H2 GLC F . 14.01 -5.84 -36.13
H3 GLC F . 11.67 -6.16 -34.20
H4 GLC F . 14.37 -4.82 -34.23
H5 GLC F . 11.44 -4.26 -34.01
H61 GLC F . 11.97 -2.83 -32.20
H62 GLC F . 13.53 -2.35 -32.90
HO1 GLC F . 10.62 -3.62 -36.67
HO2 GLC F . 12.43 -6.67 -37.67
HO3 GLC F . 12.80 -8.16 -34.66
HO6 GLC F . 11.85 -0.77 -33.34
C1 GLC F . 13.99 -6.34 -31.54
C2 GLC F . 15.02 -5.98 -30.47
C3 GLC F . 16.45 -6.03 -30.97
C4 GLC F . 16.73 -7.39 -31.59
C5 GLC F . 15.76 -7.60 -32.73
C6 GLC F . 16.04 -8.95 -33.42
O2 GLC F . 14.74 -4.66 -29.96
O3 GLC F . 17.36 -5.82 -29.89
O4 GLC F . 18.08 -7.46 -32.11
O5 GLC F . 14.40 -7.53 -32.26
O6 GLC F . 15.88 -10.04 -32.49
H1 GLC F . 13.05 -6.60 -31.02
H2 GLC F . 14.92 -6.71 -29.65
H3 GLC F . 16.60 -5.26 -31.74
H4 GLC F . 16.58 -8.17 -30.84
H5 GLC F . 15.93 -6.82 -33.48
H61 GLC F . 17.06 -8.96 -33.81
H62 GLC F . 15.35 -9.09 -34.25
HO2 GLC F . 13.82 -4.62 -29.64
HO3 GLC F . 17.18 -4.96 -29.49
HO6 GLC F . 16.07 -10.88 -32.96
C1 AC1 F . 19.03 -8.08 -31.23
O2 AC1 F . 20.04 -5.87 -31.02
C2 AC1 F . 20.33 -7.27 -31.21
C4A AC1 F . 24.52 -9.27 -36.94
C3 AC1 F . 21.14 -7.44 -32.49
O3 AC1 F . 22.39 -6.72 -32.43
C4 AC1 F . 21.43 -8.91 -32.72
N4A AC1 F . 22.14 -8.99 -33.99
C5 AC1 F . 20.12 -9.74 -32.71
O5 AC1 F . 19.24 -9.45 -31.62
C6 AC1 F . 20.46 -11.22 -32.60
C1B AC1 F . 23.41 -9.68 -34.15
C2B AC1 F . 24.53 -8.66 -34.40
O2B AC1 F . 24.19 -7.49 -33.66
C3B AC1 F . 24.78 -8.23 -35.85
O3B AC1 F . 26.16 -7.86 -35.98
O4 AC1 F . 23.72 -8.68 -37.99
C5B AC1 F . 23.85 -10.53 -36.47
C7B AC1 F . 23.32 -10.70 -35.25
C6B AC1 F . 23.78 -11.67 -37.46
O6B AC1 F . 24.35 -12.84 -36.85
H1 AC1 F . 18.62 -8.08 -30.22
HO2 AC1 F . 19.52 -5.75 -30.21
H2 AC1 F . 20.94 -7.61 -30.37
HC4 AC1 F . 25.50 -9.55 -37.36
H3 AC1 F . 20.54 -7.08 -33.34
HO3 AC1 F . 22.20 -5.78 -32.28
H4 AC1 F . 22.08 -9.28 -31.92
HN4 AC1 F . 21.72 -8.55 -34.80
H5 AC1 F . 19.60 -9.56 -33.66
H61 AC1 F . 19.56 -11.78 -32.58
H62 AC1 F . 21.01 -11.39 -31.71
H63 AC1 F . 21.05 -11.51 -33.43
HCB1 AC1 F . 23.63 -10.19 -33.21
HCB2 AC1 F . 25.47 -9.09 -34.00
HO2B AC1 F . 24.93 -6.86 -33.69
HCB3 AC1 F . 24.14 -7.35 -36.05
HOB3 AC1 F . 26.31 -7.48 -36.85
HO4 AC1 F . 23.63 -9.31 -38.73
HC7 AC1 F . 22.84 -11.65 -35.03
HC61 AC1 F . 24.34 -11.41 -38.36
HC62 AC1 F . 22.74 -11.86 -37.74
HO6B AC1 F . 24.31 -13.57 -37.48
#